data_2Y76
# 
_entry.id   2Y76 
# 
_audit_conform.dict_name       mmcif_pdbx.dic 
_audit_conform.dict_version    5.383 
_audit_conform.dict_location   http://mmcif.pdb.org/dictionaries/ascii/mmcif_pdbx.dic 
# 
loop_
_database_2.database_id 
_database_2.database_code 
_database_2.pdbx_database_accession 
_database_2.pdbx_DOI 
PDB   2Y76         pdb_00002y76 10.2210/pdb2y76/pdb 
PDBE  EBI-47174    ?            ?                   
WWPDB D_1290047174 ?            ?                   
# 
loop_
_pdbx_database_related.db_name 
_pdbx_database_related.db_id 
_pdbx_database_related.content_type 
_pdbx_database_related.details 
PDB 1H0R unspecified 'TYPE II DEHYDROQUINASE FROM MYCOBACTERIUM TUBERCULOSIS COMPLEXED WITH 2,3-ANNHYDRO- QUINIC ACID' 
PDB 2Y71 unspecified 
;STRUCTURE OF MYCOBACTERIUM TUBERCULOSIS TYPE II DEHYDROQUINASE COMPLEXED WITH (1R,4S,5R )-1,4,5-TRIHYDROXY-3-((5-METHYLBENZO(B) THIOPHEN-2-YL)METHOXY)CYCLOHEX-2- ENECARBOXYLATE
;
PDB 2XB8 unspecified 
;STRUCTURE OF MYCOBACTERIUM TUBERCULOSIS TYPE II DEHYDROQUINASE IN COMPLEX WITH INHIBITOR COMPOUND (2R)-2-(4-METHOXYBENZYL)-3- DEHYDROQUINIC ACID
;
PDB 1H05 unspecified '3-DEHYDROQUINATE DEHYDRATASE FROM MYCOBACTERIUM TUBERCULOSIS IN COMPLEX WITH SULPHATE' 
PDB 1H0S unspecified '3-DEHYDROQUINATE DEHYDRATASE FROM MYCOBACTERIUM TUBERCULOSIS IN COMPLEX WITH 3-HYDROXYIMINO -QUNIC ACID' 
PDB 2DHQ unspecified '3-DEHYDROQUINATE DEHYDRATASE FROM MYCOBACTERIUM TUBERCULOSIS' 
PDB 2Y77 unspecified 
;STRUCTURE OF MYCOBACTERIUM TUBERCULOSIS TYPE II DEHYDROQUINASE COMPLEXED WITH (1R,4S,5R )-3-(BENZO(B)THIOPHEN-2-YLMETHOXY)-1,4, 5-TRIHYDROXY-2-(THIOPHEN-2-YLMETHYL)CYCLOHEX -2-ENECARBOXYLATE
;
# 
_pdbx_database_status.status_code                     REL 
_pdbx_database_status.entry_id                        2Y76 
_pdbx_database_status.deposit_site                    PDBE 
_pdbx_database_status.process_site                    PDBE 
_pdbx_database_status.SG_entry                        . 
_pdbx_database_status.recvd_initial_deposition_date   2011-01-28 
_pdbx_database_status.pdb_format_compatible           Y 
_pdbx_database_status.status_code_sf                  REL 
_pdbx_database_status.status_code_mr                  ? 
_pdbx_database_status.status_code_cs                  ? 
_pdbx_database_status.methods_development_category    ? 
_pdbx_database_status.status_code_nmr_data            ? 
# 
loop_
_audit_author.name 
_audit_author.pdbx_ordinal 
'Otero, J.M.'        1  
'Llamas-Saiz, A.L.'  2  
'Fox, G.C.'          3  
'Tizon, L.'          4  
'Prazeres, V.F.V.'   5  
'Lamb, H.'           6  
'Hawkins, A.R.'      7  
'Ainsa, J.A.'        8  
'Castedo, L.'        9  
'Gonzalez-Bello, C.' 10 
'van Raaij, M.J.'    11 
# 
_citation.id                        primary 
_citation.title                     
'A prodrug approach for improving antituberculosis activity of potent Mycobacterium tuberculosis type II dehydroquinase inhibitors.' 
_citation.journal_abbrev            'J. Med. Chem.' 
_citation.journal_volume            54 
_citation.page_first                6063 
_citation.page_last                 6084 
_citation.year                      2011 
_citation.journal_id_ASTM           JMCMAR 
_citation.country                   US 
_citation.journal_id_ISSN           1520-4804 
_citation.journal_id_CSD            0151 
_citation.book_publisher            ? 
_citation.pdbx_database_id_PubMed   21780742 
_citation.pdbx_database_id_DOI      10.1021/jm2006063 
# 
loop_
_citation_author.citation_id 
_citation_author.name 
_citation_author.ordinal 
_citation_author.identifier_ORCID 
primary 'Tizon, L.'          1  ? 
primary 'Otero, J.M.'        2  ? 
primary 'Prazeres, V.F.'     3  ? 
primary 'Llamas-Saiz, A.L.'  4  ? 
primary 'Fox, G.C.'          5  ? 
primary 'van Raaij, M.J.'    6  ? 
primary 'Lamb, H.'           7  ? 
primary 'Hawkins, A.R.'      8  ? 
primary 'Ainsa, J.A.'        9  ? 
primary 'Castedo, L.'        10 ? 
primary 'Gonzalez-Bello, C.' 11 ? 
# 
_cell.entry_id           2Y76 
_cell.length_a           126.430 
_cell.length_b           126.430 
_cell.length_c           126.430 
_cell.angle_alpha        90.00 
_cell.angle_beta         90.00 
_cell.angle_gamma        90.00 
_cell.Z_PDB              48 
_cell.pdbx_unique_axis   ? 
# 
_symmetry.entry_id                         2Y76 
_symmetry.space_group_name_H-M             'F 2 3' 
_symmetry.pdbx_full_space_group_name_H-M   ? 
_symmetry.cell_setting                     ? 
_symmetry.Int_Tables_number                196 
# 
loop_
_entity.id 
_entity.type 
_entity.src_method 
_entity.pdbx_description 
_entity.formula_weight 
_entity.pdbx_number_of_molecules 
_entity.pdbx_ec 
_entity.pdbx_mutation 
_entity.pdbx_fragment 
_entity.details 
1 polymer     man '3-DEHYDROQUINATE DEHYDRATASE' 15676.737 1  4.2.1.10 ? ? ? 
2 non-polymer syn 
'(1R,4S,5R)-3-(BENZO[b]THIOPHEN-5-YL)METHOXY-2-(BENZO[b]THIOPHEN-5-YL)METHYL-1,4,5-TRIHYDROXYCYCLOHEX-2-ENE-1-CARBOXYLATE' 482.569 
1  ?        ? ? ? 
3 non-polymer syn 'SULFATE ION' 96.063    3  ?        ? ? ? 
4 water       nat water 18.015    51 ?        ? ? ? 
# 
_entity_name_com.entity_id   1 
_entity_name_com.name        '3-DEHYDROQUINASE, TYPE II DHQASE' 
# 
_entity_poly.entity_id                      1 
_entity_poly.type                           'polypeptide(L)' 
_entity_poly.nstd_linkage                   no 
_entity_poly.nstd_monomer                   no 
_entity_poly.pdbx_seq_one_letter_code       
;SELIVNVINGPNLGRLGRREPAVYGGTTHDELVALIEREAAELGLKAVVRQSDSEAQLLDWIHQAADAAEPVILNAGGLT
HTSVALRDACAELSAPLIEVHISNVHAREEFRRHSYLSPIATGVIVGLGIQGYLLALRYLAEHVGT
;
_entity_poly.pdbx_seq_one_letter_code_can   
;SELIVNVINGPNLGRLGRREPAVYGGTTHDELVALIEREAAELGLKAVVRQSDSEAQLLDWIHQAADAAEPVILNAGGLT
HTSVALRDACAELSAPLIEVHISNVHAREEFRRHSYLSPIATGVIVGLGIQGYLLALRYLAEHVGT
;
_entity_poly.pdbx_strand_id                 A 
_entity_poly.pdbx_target_identifier         ? 
# 
loop_
_entity_poly_seq.entity_id 
_entity_poly_seq.num 
_entity_poly_seq.mon_id 
_entity_poly_seq.hetero 
1 1   SER n 
1 2   GLU n 
1 3   LEU n 
1 4   ILE n 
1 5   VAL n 
1 6   ASN n 
1 7   VAL n 
1 8   ILE n 
1 9   ASN n 
1 10  GLY n 
1 11  PRO n 
1 12  ASN n 
1 13  LEU n 
1 14  GLY n 
1 15  ARG n 
1 16  LEU n 
1 17  GLY n 
1 18  ARG n 
1 19  ARG n 
1 20  GLU n 
1 21  PRO n 
1 22  ALA n 
1 23  VAL n 
1 24  TYR n 
1 25  GLY n 
1 26  GLY n 
1 27  THR n 
1 28  THR n 
1 29  HIS n 
1 30  ASP n 
1 31  GLU n 
1 32  LEU n 
1 33  VAL n 
1 34  ALA n 
1 35  LEU n 
1 36  ILE n 
1 37  GLU n 
1 38  ARG n 
1 39  GLU n 
1 40  ALA n 
1 41  ALA n 
1 42  GLU n 
1 43  LEU n 
1 44  GLY n 
1 45  LEU n 
1 46  LYS n 
1 47  ALA n 
1 48  VAL n 
1 49  VAL n 
1 50  ARG n 
1 51  GLN n 
1 52  SER n 
1 53  ASP n 
1 54  SER n 
1 55  GLU n 
1 56  ALA n 
1 57  GLN n 
1 58  LEU n 
1 59  LEU n 
1 60  ASP n 
1 61  TRP n 
1 62  ILE n 
1 63  HIS n 
1 64  GLN n 
1 65  ALA n 
1 66  ALA n 
1 67  ASP n 
1 68  ALA n 
1 69  ALA n 
1 70  GLU n 
1 71  PRO n 
1 72  VAL n 
1 73  ILE n 
1 74  LEU n 
1 75  ASN n 
1 76  ALA n 
1 77  GLY n 
1 78  GLY n 
1 79  LEU n 
1 80  THR n 
1 81  HIS n 
1 82  THR n 
1 83  SER n 
1 84  VAL n 
1 85  ALA n 
1 86  LEU n 
1 87  ARG n 
1 88  ASP n 
1 89  ALA n 
1 90  CYS n 
1 91  ALA n 
1 92  GLU n 
1 93  LEU n 
1 94  SER n 
1 95  ALA n 
1 96  PRO n 
1 97  LEU n 
1 98  ILE n 
1 99  GLU n 
1 100 VAL n 
1 101 HIS n 
1 102 ILE n 
1 103 SER n 
1 104 ASN n 
1 105 VAL n 
1 106 HIS n 
1 107 ALA n 
1 108 ARG n 
1 109 GLU n 
1 110 GLU n 
1 111 PHE n 
1 112 ARG n 
1 113 ARG n 
1 114 HIS n 
1 115 SER n 
1 116 TYR n 
1 117 LEU n 
1 118 SER n 
1 119 PRO n 
1 120 ILE n 
1 121 ALA n 
1 122 THR n 
1 123 GLY n 
1 124 VAL n 
1 125 ILE n 
1 126 VAL n 
1 127 GLY n 
1 128 LEU n 
1 129 GLY n 
1 130 ILE n 
1 131 GLN n 
1 132 GLY n 
1 133 TYR n 
1 134 LEU n 
1 135 LEU n 
1 136 ALA n 
1 137 LEU n 
1 138 ARG n 
1 139 TYR n 
1 140 LEU n 
1 141 ALA n 
1 142 GLU n 
1 143 HIS n 
1 144 VAL n 
1 145 GLY n 
1 146 THR n 
# 
_entity_src_gen.entity_id                          1 
_entity_src_gen.pdbx_src_id                        1 
_entity_src_gen.pdbx_alt_source_flag               sample 
_entity_src_gen.pdbx_seq_type                      ? 
_entity_src_gen.pdbx_beg_seq_num                   ? 
_entity_src_gen.pdbx_end_seq_num                   ? 
_entity_src_gen.gene_src_common_name               ? 
_entity_src_gen.gene_src_genus                     ? 
_entity_src_gen.pdbx_gene_src_gene                 ? 
_entity_src_gen.gene_src_species                   ? 
_entity_src_gen.gene_src_strain                    ? 
_entity_src_gen.gene_src_tissue                    ? 
_entity_src_gen.gene_src_tissue_fraction           ? 
_entity_src_gen.gene_src_details                   ? 
_entity_src_gen.pdbx_gene_src_fragment             ? 
_entity_src_gen.pdbx_gene_src_scientific_name      'MYCOBACTERIUM TUBERCULOSIS' 
_entity_src_gen.pdbx_gene_src_ncbi_taxonomy_id     1773 
_entity_src_gen.pdbx_gene_src_variant              ? 
_entity_src_gen.pdbx_gene_src_cell_line            ? 
_entity_src_gen.pdbx_gene_src_atcc                 ? 
_entity_src_gen.pdbx_gene_src_organ                ? 
_entity_src_gen.pdbx_gene_src_organelle            ? 
_entity_src_gen.pdbx_gene_src_cell                 ? 
_entity_src_gen.pdbx_gene_src_cellular_location    ? 
_entity_src_gen.host_org_common_name               ? 
_entity_src_gen.pdbx_host_org_scientific_name      'ESCHERICHIA COLI' 
_entity_src_gen.pdbx_host_org_ncbi_taxonomy_id     83333 
_entity_src_gen.host_org_genus                     ? 
_entity_src_gen.pdbx_host_org_gene                 ? 
_entity_src_gen.pdbx_host_org_organ                ? 
_entity_src_gen.host_org_species                   ? 
_entity_src_gen.pdbx_host_org_tissue               ? 
_entity_src_gen.pdbx_host_org_tissue_fraction      ? 
_entity_src_gen.pdbx_host_org_strain               K-12 
_entity_src_gen.pdbx_host_org_variant              SK3430 
_entity_src_gen.pdbx_host_org_cell_line            ? 
_entity_src_gen.pdbx_host_org_atcc                 ? 
_entity_src_gen.pdbx_host_org_culture_collection   ? 
_entity_src_gen.pdbx_host_org_cell                 ? 
_entity_src_gen.pdbx_host_org_organelle            ? 
_entity_src_gen.pdbx_host_org_cellular_location    ? 
_entity_src_gen.pdbx_host_org_vector_type          PLASMID 
_entity_src_gen.pdbx_host_org_vector               ? 
_entity_src_gen.host_org_details                   ? 
_entity_src_gen.expression_system_id               ? 
_entity_src_gen.plasmid_name                       PKK233-2 
_entity_src_gen.plasmid_details                    ? 
_entity_src_gen.pdbx_description                   ? 
# 
_struct_ref.id                         1 
_struct_ref.db_name                    UNP 
_struct_ref.db_code                    AROQ_MYCTU 
_struct_ref.entity_id                  1 
_struct_ref.pdbx_seq_one_letter_code   ? 
_struct_ref.pdbx_align_begin           ? 
_struct_ref.pdbx_db_accession          P0A4Z6 
_struct_ref.pdbx_db_isoform            ? 
# 
_struct_ref_seq.align_id                      1 
_struct_ref_seq.ref_id                        1 
_struct_ref_seq.pdbx_PDB_id_code              2Y76 
_struct_ref_seq.pdbx_strand_id                A 
_struct_ref_seq.seq_align_beg                 1 
_struct_ref_seq.pdbx_seq_align_beg_ins_code   ? 
_struct_ref_seq.seq_align_end                 146 
_struct_ref_seq.pdbx_seq_align_end_ins_code   ? 
_struct_ref_seq.pdbx_db_accession             P0A4Z6 
_struct_ref_seq.db_align_beg                  2 
_struct_ref_seq.pdbx_db_align_beg_ins_code    ? 
_struct_ref_seq.db_align_end                  147 
_struct_ref_seq.pdbx_db_align_end_ins_code    ? 
_struct_ref_seq.pdbx_auth_seq_align_beg       1 
_struct_ref_seq.pdbx_auth_seq_align_end       146 
# 
loop_
_chem_comp.id 
_chem_comp.type 
_chem_comp.mon_nstd_flag 
_chem_comp.name 
_chem_comp.pdbx_synonyms 
_chem_comp.formula 
_chem_comp.formula_weight 
ALA 'L-peptide linking' y ALANINE ? 'C3 H7 N O2'     89.093  
ARG 'L-peptide linking' y ARGININE ? 'C6 H15 N4 O2 1' 175.209 
ASN 'L-peptide linking' y ASPARAGINE ? 'C4 H8 N2 O3'    132.118 
ASP 'L-peptide linking' y 'ASPARTIC ACID' ? 'C4 H7 N O4'     133.103 
CB7 non-polymer         . 
'(1R,4S,5R)-3-(BENZO[b]THIOPHEN-5-YL)METHOXY-2-(BENZO[b]THIOPHEN-5-YL)METHYL-1,4,5-TRIHYDROXYCYCLOHEX-2-ENE-1-CARBOXYLATE' ? 
'C25 H22 O6 S2'  482.569 
CYS 'L-peptide linking' y CYSTEINE ? 'C3 H7 N O2 S'   121.158 
GLN 'L-peptide linking' y GLUTAMINE ? 'C5 H10 N2 O3'   146.144 
GLU 'L-peptide linking' y 'GLUTAMIC ACID' ? 'C5 H9 N O4'     147.129 
GLY 'peptide linking'   y GLYCINE ? 'C2 H5 N O2'     75.067  
HIS 'L-peptide linking' y HISTIDINE ? 'C6 H10 N3 O2 1' 156.162 
HOH non-polymer         . WATER ? 'H2 O'           18.015  
ILE 'L-peptide linking' y ISOLEUCINE ? 'C6 H13 N O2'    131.173 
LEU 'L-peptide linking' y LEUCINE ? 'C6 H13 N O2'    131.173 
LYS 'L-peptide linking' y LYSINE ? 'C6 H15 N2 O2 1' 147.195 
PHE 'L-peptide linking' y PHENYLALANINE ? 'C9 H11 N O2'    165.189 
PRO 'L-peptide linking' y PROLINE ? 'C5 H9 N O2'     115.130 
SER 'L-peptide linking' y SERINE ? 'C3 H7 N O3'     105.093 
SO4 non-polymer         . 'SULFATE ION' ? 'O4 S -2'        96.063  
THR 'L-peptide linking' y THREONINE ? 'C4 H9 N O3'     119.119 
TRP 'L-peptide linking' y TRYPTOPHAN ? 'C11 H12 N2 O2'  204.225 
TYR 'L-peptide linking' y TYROSINE ? 'C9 H11 N O3'    181.189 
VAL 'L-peptide linking' y VALINE ? 'C5 H11 N O2'    117.146 
# 
_exptl.entry_id          2Y76 
_exptl.method            'X-RAY DIFFRACTION' 
_exptl.crystals_number   1 
# 
_exptl_crystal.id                    1 
_exptl_crystal.density_meas          ? 
_exptl_crystal.density_Matthews      2.7 
_exptl_crystal.density_percent_sol   54 
_exptl_crystal.description           NONE 
# 
_exptl_crystal_grow.crystal_id      1 
_exptl_crystal_grow.method          ? 
_exptl_crystal_grow.temp            ? 
_exptl_crystal_grow.temp_details    ? 
_exptl_crystal_grow.pH              7.5 
_exptl_crystal_grow.pdbx_pH_range   ? 
_exptl_crystal_grow.pdbx_details    
;33% (V/V) 2-METHYL-2, 4-PENTANEDIOL, 0.3 M AMMONIUM SULPHATE, 0.1 M HEPES-NAOH PH 7.5, 50 MM TRIS-HCL PH 7.5, 1 MM 2-MERCAPTOETHANOL, 1 MM EDTA, 200 MM SODIUM CHLORIDE 12.5 MM SODIUM (1R,4S,5R)- -3-(1-BENZOTHIOPHEN-5-YLMETHOXY)-2-(1-BENZOTHIOPHEN-5- YLMETHYL)-1,4,5-TRIHYDROXY-CYCLOHEX-2-ENE-1-CARBOXYLATE.
;
# 
_diffrn.id                     1 
_diffrn.ambient_temp           100 
_diffrn.ambient_temp_details   ? 
_diffrn.crystal_id             1 
# 
_diffrn_detector.diffrn_id              1 
_diffrn_detector.detector               CCD 
_diffrn_detector.type                   'MARMOSAIC 225 mm CCD' 
_diffrn_detector.pdbx_collection_date   2010-02-14 
_diffrn_detector.details                
'FOCUSING MIRRORS ONE PAIR OF (300X40X15) MM3 LONG PT COATED SI MIRROR, 260MM USABLE, IN A KIRKPATRICK- BAEZ GEOMETRY' 
# 
_diffrn_radiation.diffrn_id                        1 
_diffrn_radiation.wavelength_id                    1 
_diffrn_radiation.pdbx_monochromatic_or_laue_m_l   M 
_diffrn_radiation.monochromator                    'HORIZONTALLY DIFFRACTING MONOCHROMATOR SI(111)' 
_diffrn_radiation.pdbx_diffrn_protocol             'SINGLE WAVELENGTH' 
_diffrn_radiation.pdbx_scattering_type             x-ray 
# 
_diffrn_radiation_wavelength.id           1 
_diffrn_radiation_wavelength.wavelength   0.8726 
_diffrn_radiation_wavelength.wt           1.0 
# 
_diffrn_source.diffrn_id                   1 
_diffrn_source.source                      SYNCHROTRON 
_diffrn_source.type                        'ESRF BEAMLINE ID23-2' 
_diffrn_source.pdbx_synchrotron_site       ESRF 
_diffrn_source.pdbx_synchrotron_beamline   ID23-2 
_diffrn_source.pdbx_wavelength             0.8726 
_diffrn_source.pdbx_wavelength_list        ? 
# 
_reflns.pdbx_diffrn_id               1 
_reflns.pdbx_ordinal                 1 
_reflns.entry_id                     2Y76 
_reflns.observed_criterion_sigma_I   0.0 
_reflns.observed_criterion_sigma_F   ? 
_reflns.d_resolution_low             38.00 
_reflns.d_resolution_high            2.50 
_reflns.number_obs                   5918 
_reflns.number_all                   ? 
_reflns.percent_possible_obs         100.0 
_reflns.pdbx_Rmerge_I_obs            0.12 
_reflns.pdbx_Rsym_value              ? 
_reflns.pdbx_netI_over_sigmaI        6.30 
_reflns.B_iso_Wilson_estimate        28.6 
_reflns.pdbx_redundancy              14.5 
# 
_reflns_shell.pdbx_diffrn_id         1 
_reflns_shell.pdbx_ordinal           1 
_reflns_shell.d_res_high             2.50 
_reflns_shell.d_res_low              2.64 
_reflns_shell.percent_possible_all   100.0 
_reflns_shell.Rmerge_I_obs           0.39 
_reflns_shell.pdbx_Rsym_value        ? 
_reflns_shell.meanI_over_sigI_obs    2.00 
_reflns_shell.pdbx_redundancy        14.6 
# 
_refine.pdbx_refine_id                           'X-RAY DIFFRACTION' 
_refine.entry_id                                 2Y76 
_refine.pdbx_diffrn_id                           1 
_refine.pdbx_TLS_residual_ADP_flag               ? 
_refine.ls_number_reflns_obs                     5397 
_refine.ls_number_reflns_all                     ? 
_refine.pdbx_ls_sigma_I                          ? 
_refine.pdbx_ls_sigma_F                          . 
_refine.pdbx_data_cutoff_high_absF               ? 
_refine.pdbx_data_cutoff_low_absF                ? 
_refine.pdbx_data_cutoff_high_rms_absF           ? 
_refine.ls_d_res_low                             20.00 
_refine.ls_d_res_high                            2.50 
_refine.ls_percent_reflns_obs                    100.00 
_refine.ls_R_factor_obs                          0.16172 
_refine.ls_R_factor_all                          ? 
_refine.ls_R_factor_R_work                       0.15700 
_refine.ls_R_factor_R_free                       0.21129 
_refine.ls_R_factor_R_free_error                 ? 
_refine.ls_R_factor_R_free_error_details         ? 
_refine.ls_percent_reflns_R_free                 8.6 
_refine.ls_number_reflns_R_free                  508 
_refine.ls_number_parameters                     ? 
_refine.ls_number_restraints                     ? 
_refine.occupancy_min                            ? 
_refine.occupancy_max                            ? 
_refine.correlation_coeff_Fo_to_Fc               0.947 
_refine.correlation_coeff_Fo_to_Fc_free          0.911 
_refine.B_iso_mean                               12.344 
_refine.aniso_B[1][1]                            ? 
_refine.aniso_B[2][2]                            ? 
_refine.aniso_B[3][3]                            ? 
_refine.aniso_B[1][2]                            ? 
_refine.aniso_B[1][3]                            ? 
_refine.aniso_B[2][3]                            ? 
_refine.solvent_model_details                    MASK 
_refine.solvent_model_param_ksol                 ? 
_refine.solvent_model_param_bsol                 ? 
_refine.pdbx_solvent_vdw_probe_radii             1.40 
_refine.pdbx_solvent_ion_probe_radii             0.80 
_refine.pdbx_solvent_shrinkage_radii             0.80 
_refine.pdbx_ls_cross_valid_method               THROUGHOUT 
_refine.details                                  'HYDROGENS HAVE BEEN ADDED IN THE RIDING POSITIONS.' 
_refine.pdbx_starting_model                      'PDB ENTRY 1H0S' 
_refine.pdbx_method_to_determine_struct          'MOLECULAR REPLACEMENT' 
_refine.pdbx_isotropic_thermal_model             ? 
_refine.pdbx_stereochemistry_target_values       'MAXIMUM LIKELIHOOD' 
_refine.pdbx_stereochem_target_val_spec_case     ? 
_refine.pdbx_R_Free_selection_details            RANDOM 
_refine.pdbx_overall_ESU_R                       0.483 
_refine.pdbx_overall_ESU_R_Free                  0.251 
_refine.overall_SU_ML                            0.150 
_refine.pdbx_overall_phase_error                 ? 
_refine.overall_SU_B                             6.495 
_refine.overall_SU_R_Cruickshank_DPI             ? 
_refine.pdbx_overall_SU_R_free_Cruickshank_DPI   ? 
_refine.pdbx_overall_SU_R_Blow_DPI               ? 
_refine.pdbx_overall_SU_R_free_Blow_DPI          ? 
# 
_refine_hist.pdbx_refine_id                   'X-RAY DIFFRACTION' 
_refine_hist.cycle_id                         LAST 
_refine_hist.pdbx_number_atoms_protein        1029 
_refine_hist.pdbx_number_atoms_nucleic_acid   0 
_refine_hist.pdbx_number_atoms_ligand         48 
_refine_hist.number_atoms_solvent             51 
_refine_hist.number_atoms_total               1128 
_refine_hist.d_res_high                       2.50 
_refine_hist.d_res_low                        20.00 
# 
loop_
_refine_ls_restr.type 
_refine_ls_restr.dev_ideal 
_refine_ls_restr.dev_ideal_target 
_refine_ls_restr.weight 
_refine_ls_restr.number 
_refine_ls_restr.pdbx_refine_id 
_refine_ls_restr.pdbx_restraint_function 
r_bond_refined_d             0.012  0.021  ? 1115 'X-RAY DIFFRACTION' ? 
r_bond_other_d               0.001  0.020  ? 710  'X-RAY DIFFRACTION' ? 
r_angle_refined_deg          1.513  2.023  ? 1523 'X-RAY DIFFRACTION' ? 
r_angle_other_deg            0.910  3.004  ? 1699 'X-RAY DIFFRACTION' ? 
r_dihedral_angle_1_deg       5.909  5.000  ? 134  'X-RAY DIFFRACTION' ? 
r_dihedral_angle_2_deg       31.256 23.878 ? 49   'X-RAY DIFFRACTION' ? 
r_dihedral_angle_3_deg       14.245 15.000 ? 173  'X-RAY DIFFRACTION' ? 
r_dihedral_angle_4_deg       13.822 15.000 ? 9    'X-RAY DIFFRACTION' ? 
r_chiral_restr               0.073  0.200  ? 175  'X-RAY DIFFRACTION' ? 
r_gen_planes_refined         0.006  0.020  ? 1222 'X-RAY DIFFRACTION' ? 
r_gen_planes_other           0.001  0.020  ? 202  'X-RAY DIFFRACTION' ? 
r_nbd_refined                ?      ?      ? ?    'X-RAY DIFFRACTION' ? 
r_nbd_other                  ?      ?      ? ?    'X-RAY DIFFRACTION' ? 
r_nbtor_refined              ?      ?      ? ?    'X-RAY DIFFRACTION' ? 
r_nbtor_other                ?      ?      ? ?    'X-RAY DIFFRACTION' ? 
r_xyhbond_nbd_refined        ?      ?      ? ?    'X-RAY DIFFRACTION' ? 
r_xyhbond_nbd_other          ?      ?      ? ?    'X-RAY DIFFRACTION' ? 
r_metal_ion_refined          ?      ?      ? ?    'X-RAY DIFFRACTION' ? 
r_metal_ion_other            ?      ?      ? ?    'X-RAY DIFFRACTION' ? 
r_symmetry_vdw_refined       ?      ?      ? ?    'X-RAY DIFFRACTION' ? 
r_symmetry_vdw_other         ?      ?      ? ?    'X-RAY DIFFRACTION' ? 
r_symmetry_hbond_refined     ?      ?      ? ?    'X-RAY DIFFRACTION' ? 
r_symmetry_hbond_other       ?      ?      ? ?    'X-RAY DIFFRACTION' ? 
r_symmetry_metal_ion_refined ?      ?      ? ?    'X-RAY DIFFRACTION' ? 
r_symmetry_metal_ion_other   ?      ?      ? ?    'X-RAY DIFFRACTION' ? 
r_mcbond_it                  0.692  1.500  ? 672  'X-RAY DIFFRACTION' ? 
r_mcbond_other               0.094  1.500  ? 279  'X-RAY DIFFRACTION' ? 
r_mcangle_it                 1.287  2.000  ? 1072 'X-RAY DIFFRACTION' ? 
r_mcangle_other              ?      ?      ? ?    'X-RAY DIFFRACTION' ? 
r_scbond_it                  1.708  3.000  ? 443  'X-RAY DIFFRACTION' ? 
r_scbond_other               ?      ?      ? ?    'X-RAY DIFFRACTION' ? 
r_scangle_it                 ?      ?      ? ?    'X-RAY DIFFRACTION' ? 
r_scangle_other              ?      ?      ? ?    'X-RAY DIFFRACTION' ? 
r_long_range_B_refined       ?      ?      ? ?    'X-RAY DIFFRACTION' ? 
r_long_range_B_other         ?      ?      ? ?    'X-RAY DIFFRACTION' ? 
r_rigid_bond_restr           ?      ?      ? ?    'X-RAY DIFFRACTION' ? 
r_sphericity_free            ?      ?      ? ?    'X-RAY DIFFRACTION' ? 
r_sphericity_bonded          ?      ?      ? ?    'X-RAY DIFFRACTION' ? 
# 
_refine_ls_shell.pdbx_refine_id                   'X-RAY DIFFRACTION' 
_refine_ls_shell.pdbx_total_number_of_bins_used   10 
_refine_ls_shell.d_res_high                       2.501 
_refine_ls_shell.d_res_low                        2.634 
_refine_ls_shell.number_reflns_R_work             775 
_refine_ls_shell.R_factor_R_work                  0.173 
_refine_ls_shell.percent_reflns_obs               100.0 
_refine_ls_shell.R_factor_R_free                  0.217 
_refine_ls_shell.R_factor_R_free_error            ? 
_refine_ls_shell.percent_reflns_R_free            ? 
_refine_ls_shell.number_reflns_R_free             83 
_refine_ls_shell.number_reflns_all                ? 
_refine_ls_shell.R_factor_all                     ? 
# 
_struct.entry_id                  2Y76 
_struct.title                     
;Structure of Mycobacterium tuberculosis type II dehydroquinase complexed with (1R,4S,5R)-3-(benzo(b)thiophen-5-ylmethoxy)-2-(benzo(b) thiophen-5-ylmethyl)-1,4,5-trihydroxycyclohex-2-enecarboxylate
;
_struct.pdbx_model_details        ? 
_struct.pdbx_CASP_flag            ? 
_struct.pdbx_model_type_details   ? 
# 
_struct_keywords.entry_id        2Y76 
_struct_keywords.pdbx_keywords   LYASE 
_struct_keywords.text            'LYASE, AMINO ACID BIOSYNTHESIS' 
# 
loop_
_struct_asym.id 
_struct_asym.pdbx_blank_PDB_chainid_flag 
_struct_asym.pdbx_modified 
_struct_asym.entity_id 
_struct_asym.details 
A N N 1 ? 
B N N 2 ? 
C N N 3 ? 
D N N 3 ? 
E N N 3 ? 
F N N 4 ? 
# 
_struct_biol.id   1 
# 
loop_
_struct_conf.conf_type_id 
_struct_conf.id 
_struct_conf.pdbx_PDB_helix_id 
_struct_conf.beg_label_comp_id 
_struct_conf.beg_label_asym_id 
_struct_conf.beg_label_seq_id 
_struct_conf.pdbx_beg_PDB_ins_code 
_struct_conf.end_label_comp_id 
_struct_conf.end_label_asym_id 
_struct_conf.end_label_seq_id 
_struct_conf.pdbx_end_PDB_ins_code 
_struct_conf.beg_auth_comp_id 
_struct_conf.beg_auth_asym_id 
_struct_conf.beg_auth_seq_id 
_struct_conf.end_auth_comp_id 
_struct_conf.end_auth_asym_id 
_struct_conf.end_auth_seq_id 
_struct_conf.pdbx_PDB_helix_class 
_struct_conf.details 
_struct_conf.pdbx_PDB_helix_length 
HELX_P HELX_P1 1 ASN A 12  ? LEU A 16  ? ASN A 12  LEU A 16  5 ? 5  
HELX_P HELX_P2 2 THR A 28  ? LEU A 43  ? THR A 28  LEU A 43  1 ? 16 
HELX_P HELX_P3 3 SER A 54  ? ALA A 69  ? SER A 54  ALA A 69  1 ? 16 
HELX_P HELX_P4 4 ALA A 76  ? HIS A 81  ? ALA A 76  HIS A 81  5 ? 6  
HELX_P HELX_P5 5 SER A 83  ? GLU A 92  ? SER A 83  GLU A 92  1 ? 10 
HELX_P HELX_P6 6 GLU A 109 ? HIS A 114 ? GLU A 109 HIS A 114 5 ? 6  
HELX_P HELX_P7 7 LEU A 117 ? ALA A 121 ? LEU A 117 ALA A 121 5 ? 5  
HELX_P HELX_P8 8 ILE A 130 ? HIS A 143 ? ILE A 130 HIS A 143 1 ? 14 
# 
_struct_conf_type.id          HELX_P 
_struct_conf_type.criteria    ? 
_struct_conf_type.reference   ? 
# 
_struct_sheet.id               AA 
_struct_sheet.type             ? 
_struct_sheet.number_strands   5 
_struct_sheet.details          ? 
# 
loop_
_struct_sheet_order.sheet_id 
_struct_sheet_order.range_id_1 
_struct_sheet_order.range_id_2 
_struct_sheet_order.offset 
_struct_sheet_order.sense 
AA 1 2 ? parallel 
AA 2 3 ? parallel 
AA 3 4 ? parallel 
AA 4 5 ? parallel 
# 
loop_
_struct_sheet_range.sheet_id 
_struct_sheet_range.id 
_struct_sheet_range.beg_label_comp_id 
_struct_sheet_range.beg_label_asym_id 
_struct_sheet_range.beg_label_seq_id 
_struct_sheet_range.pdbx_beg_PDB_ins_code 
_struct_sheet_range.end_label_comp_id 
_struct_sheet_range.end_label_asym_id 
_struct_sheet_range.end_label_seq_id 
_struct_sheet_range.pdbx_end_PDB_ins_code 
_struct_sheet_range.beg_auth_comp_id 
_struct_sheet_range.beg_auth_asym_id 
_struct_sheet_range.beg_auth_seq_id 
_struct_sheet_range.end_auth_comp_id 
_struct_sheet_range.end_auth_asym_id 
_struct_sheet_range.end_auth_seq_id 
AA 1 LYS A 46  ? GLN A 51  ? LYS A 46  GLN A 51  
AA 2 ILE A 4   ? ASN A 9   ? ILE A 4   ASN A 9   
AA 3 VAL A 72  ? ASN A 75  ? VAL A 72  ASN A 75  
AA 4 LEU A 97  ? HIS A 101 ? LEU A 97  HIS A 101 
AA 5 GLY A 123 ? VAL A 126 ? GLY A 123 VAL A 126 
# 
loop_
_pdbx_struct_sheet_hbond.sheet_id 
_pdbx_struct_sheet_hbond.range_id_1 
_pdbx_struct_sheet_hbond.range_id_2 
_pdbx_struct_sheet_hbond.range_1_label_atom_id 
_pdbx_struct_sheet_hbond.range_1_label_comp_id 
_pdbx_struct_sheet_hbond.range_1_label_asym_id 
_pdbx_struct_sheet_hbond.range_1_label_seq_id 
_pdbx_struct_sheet_hbond.range_1_PDB_ins_code 
_pdbx_struct_sheet_hbond.range_1_auth_atom_id 
_pdbx_struct_sheet_hbond.range_1_auth_comp_id 
_pdbx_struct_sheet_hbond.range_1_auth_asym_id 
_pdbx_struct_sheet_hbond.range_1_auth_seq_id 
_pdbx_struct_sheet_hbond.range_2_label_atom_id 
_pdbx_struct_sheet_hbond.range_2_label_comp_id 
_pdbx_struct_sheet_hbond.range_2_label_asym_id 
_pdbx_struct_sheet_hbond.range_2_label_seq_id 
_pdbx_struct_sheet_hbond.range_2_PDB_ins_code 
_pdbx_struct_sheet_hbond.range_2_auth_atom_id 
_pdbx_struct_sheet_hbond.range_2_auth_comp_id 
_pdbx_struct_sheet_hbond.range_2_auth_asym_id 
_pdbx_struct_sheet_hbond.range_2_auth_seq_id 
AA 1 2 N VAL A 48 ? N VAL A 48 O VAL A 5   ? O VAL A 5   
AA 2 3 N ILE A 8  ? N ILE A 8  O ILE A 73  ? O ILE A 73  
AA 3 4 N LEU A 74 ? N LEU A 74 O ILE A 98  ? O ILE A 98  
AA 4 5 N GLU A 99 ? N GLU A 99 O GLY A 123 ? O GLY A 123 
# 
loop_
_struct_site.id 
_struct_site.pdbx_evidence_code 
_struct_site.pdbx_auth_asym_id 
_struct_site.pdbx_auth_comp_id 
_struct_site.pdbx_auth_seq_id 
_struct_site.pdbx_auth_ins_code 
_struct_site.pdbx_num_residues 
_struct_site.details 
AC1 Software A CB7 1144 ? 16 'BINDING SITE FOR RESIDUE CB7 A 1144' 
AC2 Software A SO4 1145 ? 6  'BINDING SITE FOR RESIDUE SO4 A 1145' 
AC3 Software A SO4 1146 ? 9  'BINDING SITE FOR RESIDUE SO4 A 1146' 
AC4 Software A SO4 1147 ? 4  'BINDING SITE FOR RESIDUE SO4 A 1147' 
# 
loop_
_struct_site_gen.id 
_struct_site_gen.site_id 
_struct_site_gen.pdbx_num_res 
_struct_site_gen.label_comp_id 
_struct_site_gen.label_asym_id 
_struct_site_gen.label_seq_id 
_struct_site_gen.pdbx_auth_ins_code 
_struct_site_gen.auth_comp_id 
_struct_site_gen.auth_asym_id 
_struct_site_gen.auth_seq_id 
_struct_site_gen.label_atom_id 
_struct_site_gen.label_alt_id 
_struct_site_gen.symmetry 
_struct_site_gen.details 
1  AC1 16 ASN A 12  ? ASN A 12   . ? 1_555  ? 
2  AC1 16 LEU A 13  ? LEU A 13   . ? 1_555  ? 
3  AC1 16 ASN A 75  ? ASN A 75   . ? 1_555  ? 
4  AC1 16 GLY A 77  ? GLY A 77   . ? 1_555  ? 
5  AC1 16 GLY A 78  ? GLY A 78   . ? 1_555  ? 
6  AC1 16 HIS A 81  ? HIS A 81   . ? 1_555  ? 
7  AC1 16 ASP A 88  ? ASP A 88   . ? 5_555  ? 
8  AC1 16 ALA A 91  ? ALA A 91   . ? 5_555  ? 
9  AC1 16 GLU A 92  ? GLU A 92   . ? 5_555  ? 
10 AC1 16 HIS A 101 ? HIS A 101  . ? 1_555  ? 
11 AC1 16 ILE A 102 ? ILE A 102  . ? 1_555  ? 
12 AC1 16 SER A 103 ? SER A 103  . ? 1_555  ? 
13 AC1 16 ARG A 108 ? ARG A 108  . ? 1_555  ? 
14 AC1 16 ARG A 112 ? ARG A 112  . ? 1_555  ? 
15 AC1 16 HOH F .   ? HOH A 2027 . ? 5_555  ? 
16 AC1 16 HOH F .   ? HOH A 2048 . ? 1_555  ? 
17 AC2 6  ARG A 87  ? ARG A 87   . ? 1_555  ? 
18 AC2 6  GLU A 109 ? GLU A 109  . ? 9_555  ? 
19 AC2 6  PHE A 111 ? PHE A 111  . ? 9_555  ? 
20 AC2 6  ARG A 113 ? ARG A 113  . ? 16_555 ? 
21 AC2 6  PRO A 119 ? PRO A 119  . ? 1_555  ? 
22 AC2 6  HOH F .   ? HOH A 2049 . ? 1_555  ? 
23 AC3 9  SER A 54  ? SER A 54   . ? 5_555  ? 
24 AC3 9  SER A 54  ? SER A 54   . ? 1_555  ? 
25 AC3 9  SER A 54  ? SER A 54   . ? 9_555  ? 
26 AC3 9  ALA A 56  ? ALA A 56   . ? 1_555  ? 
27 AC3 9  HOH F .   ? HOH A 2050 . ? 9_555  ? 
28 AC3 9  HOH F .   ? HOH A 2050 . ? 1_555  ? 
29 AC3 9  HOH F .   ? HOH A 2051 . ? 5_555  ? 
30 AC3 9  HOH F .   ? HOH A 2051 . ? 9_555  ? 
31 AC3 9  HOH F .   ? HOH A 2051 . ? 1_555  ? 
32 AC4 4  ARG A 50  ? ARG A 50   . ? 1_555  ? 
33 AC4 4  TRP A 61  ? TRP A 61   . ? 1_555  ? 
34 AC4 4  GLN A 64  ? GLN A 64   . ? 1_555  ? 
35 AC4 4  HOH F .   ? HOH A 2021 . ? 1_555  ? 
# 
_atom_sites.entry_id                    2Y76 
_atom_sites.fract_transf_matrix[1][1]   0.00028568 
_atom_sites.fract_transf_matrix[1][2]   0.00688000 
_atom_sites.fract_transf_matrix[1][3]   -0.00389256 
_atom_sites.fract_transf_matrix[2][1]   -0.00736160 
_atom_sites.fract_transf_matrix[2][2]   0.00165059 
_atom_sites.fract_transf_matrix[2][3]   0.00237709 
_atom_sites.fract_transf_matrix[3][1]   0.00287983 
_atom_sites.fract_transf_matrix[3][2]   0.00353684 
_atom_sites.fract_transf_matrix[3][3]   0.00646262 
_atom_sites.fract_transf_vector[1]      0.009310 
_atom_sites.fract_transf_vector[2]      0.190498 
_atom_sites.fract_transf_vector[3]      0.176179 
# 
loop_
_atom_type.symbol 
C 
N 
O 
S 
# 
loop_
_atom_site.group_PDB 
_atom_site.id 
_atom_site.type_symbol 
_atom_site.label_atom_id 
_atom_site.label_alt_id 
_atom_site.label_comp_id 
_atom_site.label_asym_id 
_atom_site.label_entity_id 
_atom_site.label_seq_id 
_atom_site.pdbx_PDB_ins_code 
_atom_site.Cartn_x 
_atom_site.Cartn_y 
_atom_site.Cartn_z 
_atom_site.occupancy 
_atom_site.B_iso_or_equiv 
_atom_site.pdbx_formal_charge 
_atom_site.auth_seq_id 
_atom_site.auth_comp_id 
_atom_site.auth_asym_id 
_atom_site.auth_atom_id 
_atom_site.pdbx_PDB_model_num 
ATOM   1    N N   . GLU A 1 2   ? -12.683 -12.993 0.672   1.00 35.74 ? 2    GLU A N   1 
ATOM   2    C CA  . GLU A 1 2   ? -12.438 -13.076 2.147   1.00 35.83 ? 2    GLU A CA  1 
ATOM   3    C C   . GLU A 1 2   ? -10.935 -12.965 2.471   1.00 34.09 ? 2    GLU A C   1 
ATOM   4    O O   . GLU A 1 2   ? -10.493 -11.981 3.087   1.00 34.16 ? 2    GLU A O   1 
ATOM   5    C CB  . GLU A 1 2   ? -13.032 -14.388 2.732   1.00 36.53 ? 2    GLU A CB  1 
ATOM   6    C CG  . GLU A 1 2   ? -13.012 -14.489 4.298   1.00 39.62 ? 2    GLU A CG  1 
ATOM   7    C CD  . GLU A 1 2   ? -13.292 -15.920 4.853   1.00 43.71 ? 2    GLU A CD  1 
ATOM   8    O OE1 . GLU A 1 2   ? -13.667 -16.833 4.070   1.00 46.04 ? 2    GLU A OE1 1 
ATOM   9    O OE2 . GLU A 1 2   ? -13.126 -16.129 6.084   1.00 45.62 ? 2    GLU A OE2 1 
ATOM   10   N N   . LEU A 1 3   ? -10.159 -13.968 2.053   1.00 31.58 ? 3    LEU A N   1 
ATOM   11   C CA  . LEU A 1 3   ? -8.786  -14.110 2.547   1.00 29.66 ? 3    LEU A CA  1 
ATOM   12   C C   . LEU A 1 3   ? -7.747  -13.174 1.933   1.00 27.15 ? 3    LEU A C   1 
ATOM   13   O O   . LEU A 1 3   ? -6.849  -12.727 2.655   1.00 27.39 ? 3    LEU A O   1 
ATOM   14   C CB  . LEU A 1 3   ? -8.271  -15.550 2.413   1.00 30.00 ? 3    LEU A CB  1 
ATOM   15   C CG  . LEU A 1 3   ? -8.556  -16.492 3.582   1.00 30.99 ? 3    LEU A CG  1 
ATOM   16   C CD1 . LEU A 1 3   ? -9.964  -17.070 3.462   1.00 33.65 ? 3    LEU A CD1 1 
ATOM   17   C CD2 . LEU A 1 3   ? -7.483  -17.613 3.653   1.00 31.72 ? 3    LEU A CD2 1 
ATOM   18   N N   . ILE A 1 4   ? -7.820  -12.902 0.630   1.00 23.52 ? 4    ILE A N   1 
ATOM   19   C CA  . ILE A 1 4   ? -6.660  -12.314 -0.038  1.00 21.08 ? 4    ILE A CA  1 
ATOM   20   C C   . ILE A 1 4   ? -6.603  -10.796 0.109   1.00 18.95 ? 4    ILE A C   1 
ATOM   21   O O   . ILE A 1 4   ? -7.561  -10.098 -0.216  1.00 18.73 ? 4    ILE A O   1 
ATOM   22   C CB  . ILE A 1 4   ? -6.553  -12.701 -1.532  1.00 20.72 ? 4    ILE A CB  1 
ATOM   23   C CG1 . ILE A 1 4   ? -6.402  -14.215 -1.679  1.00 20.84 ? 4    ILE A CG1 1 
ATOM   24   C CG2 . ILE A 1 4   ? -5.335  -12.040 -2.159  1.00 19.96 ? 4    ILE A CG2 1 
ATOM   25   C CD1 . ILE A 1 4   ? -6.349  -14.695 -3.132  1.00 19.78 ? 4    ILE A CD1 1 
ATOM   26   N N   . VAL A 1 5   ? -5.469  -10.308 0.606   1.00 16.43 ? 5    VAL A N   1 
ATOM   27   C CA  . VAL A 1 5   ? -5.155  -8.888  0.621   1.00 14.75 ? 5    VAL A CA  1 
ATOM   28   C C   . VAL A 1 5   ? -3.883  -8.645  -0.202  1.00 13.51 ? 5    VAL A C   1 
ATOM   29   O O   . VAL A 1 5   ? -2.866  -9.299  -0.004  1.00 13.25 ? 5    VAL A O   1 
ATOM   30   C CB  . VAL A 1 5   ? -4.947  -8.359  2.067   1.00 14.62 ? 5    VAL A CB  1 
ATOM   31   C CG1 . VAL A 1 5   ? -4.505  -6.897  2.053   1.00 13.75 ? 5    VAL A CG1 1 
ATOM   32   C CG2 . VAL A 1 5   ? -6.213  -8.537  2.891   1.00 13.39 ? 5    VAL A CG2 1 
ATOM   33   N N   . ASN A 1 6   ? -3.959  -7.698  -1.125  1.00 12.02 ? 6    ASN A N   1 
ATOM   34   C CA  . ASN A 1 6   ? -2.830  -7.306  -1.948  1.00 10.86 ? 6    ASN A CA  1 
ATOM   35   C C   . ASN A 1 6   ? -2.120  -6.115  -1.336  1.00 9.65  ? 6    ASN A C   1 
ATOM   36   O O   . ASN A 1 6   ? -2.749  -5.085  -1.117  1.00 9.94  ? 6    ASN A O   1 
ATOM   37   C CB  . ASN A 1 6   ? -3.317  -6.916  -3.343  1.00 10.81 ? 6    ASN A CB  1 
ATOM   38   C CG  . ASN A 1 6   ? -3.964  -8.066  -4.078  1.00 10.43 ? 6    ASN A CG  1 
ATOM   39   O OD1 . ASN A 1 6   ? -3.277  -8.954  -4.572  1.00 14.01 ? 6    ASN A OD1 1 
ATOM   40   N ND2 . ASN A 1 6   ? -5.281  -8.054  -4.166  1.00 8.29  ? 6    ASN A ND2 1 
ATOM   41   N N   . VAL A 1 7   ? -0.825  -6.247  -1.065  1.00 8.20  ? 7    VAL A N   1 
ATOM   42   C CA  . VAL A 1 7   ? -0.026  -5.113  -0.600  1.00 7.28  ? 7    VAL A CA  1 
ATOM   43   C C   . VAL A 1 7   ? 0.909   -4.725  -1.738  1.00 7.35  ? 7    VAL A C   1 
ATOM   44   O O   . VAL A 1 7   ? 1.730   -5.539  -2.185  1.00 7.39  ? 7    VAL A O   1 
ATOM   45   C CB  . VAL A 1 7   ? 0.777   -5.416  0.702   1.00 7.25  ? 7    VAL A CB  1 
ATOM   46   C CG1 . VAL A 1 7   ? 1.561   -4.183  1.167   1.00 6.33  ? 7    VAL A CG1 1 
ATOM   47   C CG2 . VAL A 1 7   ? -0.153  -5.920  1.812   1.00 4.97  ? 7    VAL A CG2 1 
ATOM   48   N N   . ILE A 1 8   ? 0.764   -3.482  -2.199  1.00 6.79  ? 8    ILE A N   1 
ATOM   49   C CA  . ILE A 1 8   ? 1.490   -2.977  -3.330  1.00 6.73  ? 8    ILE A CA  1 
ATOM   50   C C   . ILE A 1 8   ? 2.368   -1.802  -2.916  1.00 7.16  ? 8    ILE A C   1 
ATOM   51   O O   . ILE A 1 8   ? 1.873   -0.799  -2.435  1.00 7.71  ? 8    ILE A O   1 
ATOM   52   C CB  . ILE A 1 8   ? 0.530   -2.578  -4.460  1.00 6.75  ? 8    ILE A CB  1 
ATOM   53   C CG1 . ILE A 1 8   ? -0.324  -3.804  -4.848  1.00 7.14  ? 8    ILE A CG1 1 
ATOM   54   C CG2 . ILE A 1 8   ? 1.321   -2.026  -5.669  1.00 5.04  ? 8    ILE A CG2 1 
ATOM   55   C CD1 . ILE A 1 8   ? -1.417  -3.555  -5.866  1.00 5.69  ? 8    ILE A CD1 1 
ATOM   56   N N   . ASN A 1 9   ? 3.679   -1.959  -3.112  1.00 7.63  ? 9    ASN A N   1 
ATOM   57   C CA  . ASN A 1 9   ? 4.661   -0.917  -2.893  1.00 7.87  ? 9    ASN A CA  1 
ATOM   58   C C   . ASN A 1 9   ? 5.246   -0.332  -4.200  1.00 8.03  ? 9    ASN A C   1 
ATOM   59   O O   . ASN A 1 9   ? 5.660   -1.074  -5.104  1.00 7.61  ? 9    ASN A O   1 
ATOM   60   C CB  . ASN A 1 9   ? 5.784   -1.476  -2.039  1.00 8.12  ? 9    ASN A CB  1 
ATOM   61   C CG  . ASN A 1 9   ? 5.370   -1.685  -0.596  1.00 8.51  ? 9    ASN A CG  1 
ATOM   62   O OD1 . ASN A 1 9   ? 4.624   -0.887  -0.025  1.00 8.61  ? 9    ASN A OD1 1 
ATOM   63   N ND2 . ASN A 1 9   ? 5.869   -2.755  0.007   1.00 8.29  ? 9    ASN A ND2 1 
ATOM   64   N N   . GLY A 1 10  ? 5.291   1.004   -4.272  1.00 8.47  ? 10   GLY A N   1 
ATOM   65   C CA  . GLY A 1 10  ? 5.785   1.750   -5.442  1.00 8.37  ? 10   GLY A CA  1 
ATOM   66   C C   . GLY A 1 10  ? 7.278   2.065   -5.416  1.00 8.37  ? 10   GLY A C   1 
ATOM   67   O O   . GLY A 1 10  ? 8.036   1.460   -4.654  1.00 8.11  ? 10   GLY A O   1 
ATOM   68   N N   . PRO A 1 11  ? 7.713   3.017   -6.262  1.00 8.37  ? 11   PRO A N   1 
ATOM   69   C CA  . PRO A 1 11  ? 9.117   3.358   -6.472  1.00 8.24  ? 11   PRO A CA  1 
ATOM   70   C C   . PRO A 1 11  ? 9.932   3.545   -5.208  1.00 7.96  ? 11   PRO A C   1 
ATOM   71   O O   . PRO A 1 11  ? 9.450   4.146   -4.258  1.00 7.76  ? 11   PRO A O   1 
ATOM   72   C CB  . PRO A 1 11  ? 9.035   4.685   -7.228  1.00 8.34  ? 11   PRO A CB  1 
ATOM   73   C CG  . PRO A 1 11  ? 7.810   4.598   -7.982  1.00 8.81  ? 11   PRO A CG  1 
ATOM   74   C CD  . PRO A 1 11  ? 6.841   3.786   -7.162  1.00 8.27  ? 11   PRO A CD  1 
ATOM   75   N N   . ASN A 1 12  ? 11.150  3.008   -5.211  1.00 8.63  ? 12   ASN A N   1 
ATOM   76   C CA  . ASN A 1 12  ? 12.132  3.180   -4.119  1.00 9.28  ? 12   ASN A CA  1 
ATOM   77   C C   . ASN A 1 12  ? 11.895  2.367   -2.820  1.00 9.77  ? 12   ASN A C   1 
ATOM   78   O O   . ASN A 1 12  ? 12.742  2.379   -1.904  1.00 9.76  ? 12   ASN A O   1 
ATOM   79   C CB  . ASN A 1 12  ? 12.256  4.658   -3.737  1.00 9.32  ? 12   ASN A CB  1 
ATOM   80   C CG  . ASN A 1 12  ? 12.749  5.534   -4.870  1.00 9.31  ? 12   ASN A CG  1 
ATOM   81   O OD1 . ASN A 1 12  ? 13.770  5.242   -5.475  1.00 9.30  ? 12   ASN A OD1 1 
ATOM   82   N ND2 . ASN A 1 12  ? 12.056  6.641   -5.122  1.00 8.28  ? 12   ASN A ND2 1 
ATOM   83   N N   . LEU A 1 13  ? 10.759  1.675   -2.724  1.00 9.81  ? 13   LEU A N   1 
ATOM   84   C CA  . LEU A 1 13  ? 10.475  0.872   -1.549  1.00 9.92  ? 13   LEU A CA  1 
ATOM   85   C C   . LEU A 1 13  ? 11.317  -0.399  -1.481  1.00 10.72 ? 13   LEU A C   1 
ATOM   86   O O   . LEU A 1 13  ? 11.462  -0.979  -0.417  1.00 11.27 ? 13   LEU A O   1 
ATOM   87   C CB  . LEU A 1 13  ? 8.983   0.582   -1.439  1.00 9.42  ? 13   LEU A CB  1 
ATOM   88   C CG  . LEU A 1 13  ? 8.315   1.827   -0.813  1.00 9.68  ? 13   LEU A CG  1 
ATOM   89   C CD1 . LEU A 1 13  ? 6.905   2.115   -1.367  1.00 8.12  ? 13   LEU A CD1 1 
ATOM   90   C CD2 . LEU A 1 13  ? 8.342   1.717   0.727   1.00 5.54  ? 13   LEU A CD2 1 
ATOM   91   N N   . GLY A 1 14  ? 11.909  -0.804  -2.600  1.00 11.61 ? 14   GLY A N   1 
ATOM   92   C CA  . GLY A 1 14  ? 12.923  -1.840  -2.597  1.00 12.12 ? 14   GLY A CA  1 
ATOM   93   C C   . GLY A 1 14  ? 14.189  -1.450  -1.857  1.00 12.83 ? 14   GLY A C   1 
ATOM   94   O O   . GLY A 1 14  ? 14.963  -2.319  -1.473  1.00 12.11 ? 14   GLY A O   1 
ATOM   95   N N   . ARG A 1 15  ? 14.394  -0.153  -1.632  1.00 14.08 ? 15   ARG A N   1 
ATOM   96   C CA  . ARG A 1 15  ? 15.599  0.342   -0.951  1.00 15.28 ? 15   ARG A CA  1 
ATOM   97   C C   . ARG A 1 15  ? 15.482  0.360   0.573   1.00 17.06 ? 15   ARG A C   1 
ATOM   98   O O   . ARG A 1 15  ? 16.393  0.830   1.252   1.00 16.52 ? 15   ARG A O   1 
ATOM   99   C CB  . ARG A 1 15  ? 15.956  1.754   -1.424  1.00 14.87 ? 15   ARG A CB  1 
ATOM   100  C CG  . ARG A 1 15  ? 16.037  1.913   -2.918  1.00 14.66 ? 15   ARG A CG  1 
ATOM   101  C CD  . ARG A 1 15  ? 17.209  1.181   -3.482  1.00 13.82 ? 15   ARG A CD  1 
ATOM   102  N NE  . ARG A 1 15  ? 18.459  1.774   -3.030  1.00 12.14 ? 15   ARG A NE  1 
ATOM   103  C CZ  . ARG A 1 15  ? 19.649  1.209   -3.185  1.00 13.63 ? 15   ARG A CZ  1 
ATOM   104  N NH1 . ARG A 1 15  ? 19.768  0.031   -3.802  1.00 14.77 ? 15   ARG A NH1 1 
ATOM   105  N NH2 . ARG A 1 15  ? 20.734  1.828   -2.730  1.00 13.65 ? 15   ARG A NH2 1 
ATOM   106  N N   . LEU A 1 16  ? 14.361  -0.121  1.111   1.00 19.42 ? 16   LEU A N   1 
ATOM   107  C CA  . LEU A 1 16  ? 14.203  -0.237  2.551   1.00 21.48 ? 16   LEU A CA  1 
ATOM   108  C C   . LEU A 1 16  ? 15.427  -0.885  3.185   1.00 23.84 ? 16   LEU A C   1 
ATOM   109  O O   . LEU A 1 16  ? 15.894  -1.929  2.724   1.00 23.41 ? 16   LEU A O   1 
ATOM   110  C CB  . LEU A 1 16  ? 12.969  -1.066  2.901   1.00 21.47 ? 16   LEU A CB  1 
ATOM   111  C CG  . LEU A 1 16  ? 11.631  -0.337  2.966   1.00 21.27 ? 16   LEU A CG  1 
ATOM   112  C CD1 . LEU A 1 16  ? 10.528  -1.317  3.387   1.00 20.02 ? 16   LEU A CD1 1 
ATOM   113  C CD2 . LEU A 1 16  ? 11.708  0.856   3.918   1.00 20.09 ? 16   LEU A CD2 1 
ATOM   114  N N   . GLY A 1 17  ? 15.954  -0.229  4.217   1.00 26.84 ? 17   GLY A N   1 
ATOM   115  C CA  . GLY A 1 17  ? 16.991  -0.790  5.061   1.00 29.42 ? 17   GLY A CA  1 
ATOM   116  C C   . GLY A 1 17  ? 18.391  -0.844  4.475   1.00 32.08 ? 17   GLY A C   1 
ATOM   117  O O   . GLY A 1 17  ? 19.024  -1.889  4.529   1.00 33.15 ? 17   GLY A O   1 
ATOM   118  N N   . ARG A 1 18  ? 18.891  0.260   3.919   1.00 34.77 ? 18   ARG A N   1 
ATOM   119  C CA  . ARG A 1 18  ? 20.320  0.342   3.533   1.00 36.99 ? 18   ARG A CA  1 
ATOM   120  C C   . ARG A 1 18  ? 20.969  1.728   3.793   1.00 37.48 ? 18   ARG A C   1 
ATOM   121  O O   . ARG A 1 18  ? 20.791  2.692   3.037   1.00 37.98 ? 18   ARG A O   1 
ATOM   122  C CB  . ARG A 1 18  ? 20.573  -0.151  2.087   1.00 37.68 ? 18   ARG A CB  1 
ATOM   123  C CG  . ARG A 1 18  ? 19.349  -0.254  1.159   1.00 41.10 ? 18   ARG A CG  1 
ATOM   124  C CD  . ARG A 1 18  ? 19.490  -1.417  0.159   1.00 45.38 ? 18   ARG A CD  1 
ATOM   125  N NE  . ARG A 1 18  ? 19.084  -2.691  0.767   1.00 49.69 ? 18   ARG A NE  1 
ATOM   126  C CZ  . ARG A 1 18  ? 19.560  -3.896  0.433   1.00 53.74 ? 18   ARG A CZ  1 
ATOM   127  N NH1 . ARG A 1 18  ? 20.497  -4.026  -0.517  1.00 54.85 ? 18   ARG A NH1 1 
ATOM   128  N NH2 . ARG A 1 18  ? 19.112  -4.986  1.068   1.00 54.36 ? 18   ARG A NH2 1 
ATOM   129  N N   . GLY A 1 25  ? 15.736  3.017   8.887   1.00 34.56 ? 25   GLY A N   1 
ATOM   130  C CA  . GLY A 1 25  ? 15.714  1.712   9.577   1.00 34.39 ? 25   GLY A CA  1 
ATOM   131  C C   . GLY A 1 25  ? 16.661  0.679   8.971   1.00 33.94 ? 25   GLY A C   1 
ATOM   132  O O   . GLY A 1 25  ? 17.401  0.961   8.009   1.00 33.96 ? 25   GLY A O   1 
ATOM   133  N N   . GLY A 1 26  ? 16.650  -0.515  9.554   1.00 32.79 ? 26   GLY A N   1 
ATOM   134  C CA  . GLY A 1 26  ? 17.406  -1.643  9.022   1.00 31.89 ? 26   GLY A CA  1 
ATOM   135  C C   . GLY A 1 26  ? 16.482  -2.694  8.446   1.00 30.78 ? 26   GLY A C   1 
ATOM   136  O O   . GLY A 1 26  ? 16.953  -3.730  7.962   1.00 31.24 ? 26   GLY A O   1 
ATOM   137  N N   . THR A 1 27  ? 15.170  -2.441  8.514   1.00 29.16 ? 27   THR A N   1 
ATOM   138  C CA  . THR A 1 27  ? 14.192  -3.361  7.953   1.00 27.81 ? 27   THR A CA  1 
ATOM   139  C C   . THR A 1 27  ? 14.262  -3.283  6.436   1.00 26.40 ? 27   THR A C   1 
ATOM   140  O O   . THR A 1 27  ? 14.096  -2.207  5.871   1.00 26.56 ? 27   THR A O   1 
ATOM   141  C CB  . THR A 1 27  ? 12.756  -3.052  8.412   1.00 27.82 ? 27   THR A CB  1 
ATOM   142  O OG1 . THR A 1 27  ? 12.713  -2.949  9.838   1.00 28.40 ? 27   THR A OG1 1 
ATOM   143  C CG2 . THR A 1 27  ? 11.822  -4.162  7.980   1.00 27.02 ? 27   THR A CG2 1 
ATOM   144  N N   . THR A 1 28  ? 14.546  -4.421  5.804   1.00 24.61 ? 28   THR A N   1 
ATOM   145  C CA  . THR A 1 28  ? 14.588  -4.539  4.355   1.00 23.31 ? 28   THR A CA  1 
ATOM   146  C C   . THR A 1 28  ? 13.200  -4.855  3.803   1.00 22.21 ? 28   THR A C   1 
ATOM   147  O O   . THR A 1 28  ? 12.268  -5.197  4.559   1.00 21.96 ? 28   THR A O   1 
ATOM   148  C CB  . THR A 1 28  ? 15.527  -5.670  3.928   1.00 23.49 ? 28   THR A CB  1 
ATOM   149  O OG1 . THR A 1 28  ? 15.049  -6.908  4.471   1.00 23.37 ? 28   THR A OG1 1 
ATOM   150  C CG2 . THR A 1 28  ? 16.941  -5.414  4.425   1.00 23.83 ? 28   THR A CG2 1 
ATOM   151  N N   . HIS A 1 29  ? 13.058  -4.777  2.483   1.00 20.23 ? 29   HIS A N   1 
ATOM   152  C CA  . HIS A 1 29  ? 11.759  -5.030  1.895   1.00 19.11 ? 29   HIS A CA  1 
ATOM   153  C C   . HIS A 1 29  ? 11.385  -6.492  2.089   1.00 18.78 ? 29   HIS A C   1 
ATOM   154  O O   . HIS A 1 29  ? 10.230  -6.792  2.350   1.00 18.07 ? 29   HIS A O   1 
ATOM   155  C CB  . HIS A 1 29  ? 11.688  -4.622  0.412   1.00 18.55 ? 29   HIS A CB  1 
ATOM   156  C CG  . HIS A 1 29  ? 10.300  -4.668  -0.140  1.00 16.56 ? 29   HIS A CG  1 
ATOM   157  N ND1 . HIS A 1 29  ? 9.793   -5.774  -0.787  1.00 14.43 ? 29   HIS A ND1 1 
ATOM   158  C CD2 . HIS A 1 29  ? 9.293   -3.763  -0.101  1.00 15.51 ? 29   HIS A CD2 1 
ATOM   159  C CE1 . HIS A 1 29  ? 8.543   -5.542  -1.141  1.00 12.99 ? 29   HIS A CE1 1 
ATOM   160  N NE2 . HIS A 1 29  ? 8.214   -4.330  -0.733  1.00 12.98 ? 29   HIS A NE2 1 
ATOM   161  N N   . ASP A 1 30  ? 12.364  -7.394  1.970   1.00 19.05 ? 30   ASP A N   1 
ATOM   162  C CA  . ASP A 1 30  ? 12.140  -8.834  2.202   1.00 18.99 ? 30   ASP A CA  1 
ATOM   163  C C   . ASP A 1 30  ? 11.656  -9.074  3.621   1.00 18.45 ? 30   ASP A C   1 
ATOM   164  O O   . ASP A 1 30  ? 10.738  -9.862  3.853   1.00 18.45 ? 30   ASP A O   1 
ATOM   165  C CB  . ASP A 1 30  ? 13.414  -9.646  1.956   1.00 19.38 ? 30   ASP A CB  1 
ATOM   166  C CG  . ASP A 1 30  ? 13.803  -9.723  0.484   1.00 21.62 ? 30   ASP A CG  1 
ATOM   167  O OD1 . ASP A 1 30  ? 12.960  -9.442  -0.395  1.00 23.75 ? 30   ASP A OD1 1 
ATOM   168  O OD2 . ASP A 1 30  ? 14.970  -10.068 0.204   1.00 24.83 ? 30   ASP A OD2 1 
ATOM   169  N N   . GLU A 1 31  ? 12.267  -8.370  4.564   1.00 18.30 ? 31   GLU A N   1 
ATOM   170  C CA  . GLU A 1 31  ? 11.878  -8.448  5.977   1.00 18.35 ? 31   GLU A CA  1 
ATOM   171  C C   . GLU A 1 31  ? 10.449  -7.987  6.163   1.00 17.73 ? 31   GLU A C   1 
ATOM   172  O O   . GLU A 1 31  ? 9.699   -8.607  6.916   1.00 18.17 ? 31   GLU A O   1 
ATOM   173  C CB  A GLU A 1 31  ? 12.845  -7.641  6.857   0.50 18.57 ? 31   GLU A CB  1 
ATOM   174  C CB  B GLU A 1 31  ? 12.814  -7.594  6.849   0.50 18.38 ? 31   GLU A CB  1 
ATOM   175  C CG  A GLU A 1 31  ? 12.501  -7.607  8.351   0.50 19.63 ? 31   GLU A CG  1 
ATOM   176  C CG  B GLU A 1 31  ? 13.700  -8.382  7.792   0.50 18.70 ? 31   GLU A CG  1 
ATOM   177  C CD  A GLU A 1 31  ? 12.639  -8.956  9.034   0.50 21.17 ? 31   GLU A CD  1 
ATOM   178  C CD  B GLU A 1 31  ? 15.120  -7.856  7.856   0.50 19.26 ? 31   GLU A CD  1 
ATOM   179  O OE1 A GLU A 1 31  ? 13.322  -9.837  8.472   0.50 22.10 ? 31   GLU A OE1 1 
ATOM   180  O OE1 B GLU A 1 31  ? 15.319  -6.628  8.036   0.50 17.99 ? 31   GLU A OE1 1 
ATOM   181  O OE2 A GLU A 1 31  ? 12.070  -9.133  10.139  0.50 22.86 ? 31   GLU A OE2 1 
ATOM   182  O OE2 B GLU A 1 31  ? 16.039  -8.695  7.730   0.50 19.33 ? 31   GLU A OE2 1 
ATOM   183  N N   . LEU A 1 32  ? 10.089  -6.902  5.470   1.00 16.77 ? 32   LEU A N   1 
ATOM   184  C CA  . LEU A 1 32  ? 8.737   -6.360  5.488   1.00 15.54 ? 32   LEU A CA  1 
ATOM   185  C C   . LEU A 1 32  ? 7.718   -7.378  4.961   1.00 15.23 ? 32   LEU A C   1 
ATOM   186  O O   . LEU A 1 32  ? 6.656   -7.585  5.574   1.00 14.09 ? 32   LEU A O   1 
ATOM   187  C CB  . LEU A 1 32  ? 8.678   -5.070  4.666   1.00 15.24 ? 32   LEU A CB  1 
ATOM   188  C CG  . LEU A 1 32  ? 7.322   -4.378  4.511   1.00 14.79 ? 32   LEU A CG  1 
ATOM   189  C CD1 . LEU A 1 32  ? 6.827   -3.918  5.858   1.00 15.13 ? 32   LEU A CD1 1 
ATOM   190  C CD2 . LEU A 1 32  ? 7.407   -3.208  3.543   1.00 14.97 ? 32   LEU A CD2 1 
ATOM   191  N N   . VAL A 1 33  ? 8.040   -7.989  3.819   1.00 14.98 ? 33   VAL A N   1 
ATOM   192  C CA  . VAL A 1 33  ? 7.199   -9.028  3.238   1.00 15.00 ? 33   VAL A CA  1 
ATOM   193  C C   . VAL A 1 33  ? 6.969   -10.106 4.294   1.00 15.62 ? 33   VAL A C   1 
ATOM   194  O O   . VAL A 1 33  ? 5.825   -10.509 4.555   1.00 15.96 ? 33   VAL A O   1 
ATOM   195  C CB  . VAL A 1 33  ? 7.823   -9.679  1.980   1.00 14.81 ? 33   VAL A CB  1 
ATOM   196  C CG1 . VAL A 1 33  ? 6.972   -10.861 1.534   1.00 14.23 ? 33   VAL A CG1 1 
ATOM   197  C CG2 . VAL A 1 33  ? 7.976   -8.671  0.842   1.00 13.72 ? 33   VAL A CG2 1 
ATOM   198  N N   . ALA A 1 34  ? 8.051   -10.533 4.938   1.00 15.89 ? 34   ALA A N   1 
ATOM   199  C CA  . ALA A 1 34  ? 7.963   -11.574 5.964   1.00 16.30 ? 34   ALA A CA  1 
ATOM   200  C C   . ALA A 1 34  ? 7.058   -11.184 7.147   1.00 16.40 ? 34   ALA A C   1 
ATOM   201  O O   . ALA A 1 34  ? 6.235   -11.995 7.576   1.00 16.55 ? 34   ALA A O   1 
ATOM   202  C CB  . ALA A 1 34  ? 9.352   -11.965 6.441   1.00 15.76 ? 34   ALA A CB  1 
ATOM   203  N N   . LEU A 1 35  ? 7.212   -9.962  7.666   1.00 16.71 ? 35   LEU A N   1 
ATOM   204  C CA  . LEU A 1 35  ? 6.356   -9.444  8.755   1.00 16.78 ? 35   LEU A CA  1 
ATOM   205  C C   . LEU A 1 35  ? 4.879   -9.413  8.375   1.00 17.05 ? 35   LEU A C   1 
ATOM   206  O O   . LEU A 1 35  ? 4.018   -9.821  9.154   1.00 17.73 ? 35   LEU A O   1 
ATOM   207  C CB  . LEU A 1 35  ? 6.769   -8.033  9.136   1.00 16.83 ? 35   LEU A CB  1 
ATOM   208  C CG  . LEU A 1 35  ? 8.032   -7.887  9.980   1.00 17.88 ? 35   LEU A CG  1 
ATOM   209  C CD1 . LEU A 1 35  ? 8.626   -6.484  9.870   1.00 17.82 ? 35   LEU A CD1 1 
ATOM   210  C CD2 . LEU A 1 35  ? 7.738   -8.217  11.439  1.00 16.87 ? 35   LEU A CD2 1 
ATOM   211  N N   . ILE A 1 36  ? 4.600   -8.917  7.176   1.00 17.20 ? 36   ILE A N   1 
ATOM   212  C CA  . ILE A 1 36  ? 3.237   -8.790  6.660   1.00 17.05 ? 36   ILE A CA  1 
ATOM   213  C C   . ILE A 1 36  ? 2.572   -10.140 6.501   1.00 17.65 ? 36   ILE A C   1 
ATOM   214  O O   . ILE A 1 36  ? 1.419   -10.312 6.862   1.00 17.61 ? 36   ILE A O   1 
ATOM   215  C CB  . ILE A 1 36  ? 3.215   -8.014  5.302   1.00 16.62 ? 36   ILE A CB  1 
ATOM   216  C CG1 . ILE A 1 36  ? 3.334   -6.505  5.572   1.00 16.13 ? 36   ILE A CG1 1 
ATOM   217  C CG2 . ILE A 1 36  ? 1.944   -8.304  4.533   1.00 14.91 ? 36   ILE A CG2 1 
ATOM   218  C CD1 . ILE A 1 36  ? 3.743   -5.674  4.371   1.00 15.17 ? 36   ILE A CD1 1 
ATOM   219  N N   . GLU A 1 37  ? 3.310   -11.098 5.961   1.00 18.78 ? 37   GLU A N   1 
ATOM   220  C CA  . GLU A 1 37  ? 2.794   -12.448 5.758   1.00 19.56 ? 37   GLU A CA  1 
ATOM   221  C C   . GLU A 1 37  ? 2.405   -13.106 7.065   1.00 20.07 ? 37   GLU A C   1 
ATOM   222  O O   . GLU A 1 37  ? 1.310   -13.661 7.186   1.00 20.13 ? 37   GLU A O   1 
ATOM   223  C CB  . GLU A 1 37  ? 3.816   -13.295 5.005   1.00 19.63 ? 37   GLU A CB  1 
ATOM   224  C CG  . GLU A 1 37  ? 3.810   -12.943 3.520   1.00 21.31 ? 37   GLU A CG  1 
ATOM   225  C CD  . GLU A 1 37  ? 4.907   -13.594 2.726   1.00 22.90 ? 37   GLU A CD  1 
ATOM   226  O OE1 . GLU A 1 37  ? 5.868   -14.143 3.337   1.00 23.13 ? 37   GLU A OE1 1 
ATOM   227  O OE2 . GLU A 1 37  ? 4.795   -13.532 1.478   1.00 23.68 ? 37   GLU A OE2 1 
ATOM   228  N N   . ARG A 1 38  ? 3.299   -13.009 8.043   1.00 20.86 ? 38   ARG A N   1 
ATOM   229  C CA  . ARG A 1 38  ? 3.071   -13.569 9.353   1.00 21.50 ? 38   ARG A CA  1 
ATOM   230  C C   . ARG A 1 38  ? 1.829   -12.968 9.985   1.00 21.38 ? 38   ARG A C   1 
ATOM   231  O O   . ARG A 1 38  ? 0.969   -13.713 10.461  1.00 21.87 ? 38   ARG A O   1 
ATOM   232  C CB  . ARG A 1 38  ? 4.273   -13.333 10.249  1.00 22.16 ? 38   ARG A CB  1 
ATOM   233  C CG  . ARG A 1 38  ? 4.117   -13.915 11.650  1.00 25.68 ? 38   ARG A CG  1 
ATOM   234  C CD  . ARG A 1 38  ? 5.383   -13.758 12.463  1.00 30.25 ? 38   ARG A CD  1 
ATOM   235  N NE  . ARG A 1 38  ? 5.586   -12.376 12.907  1.00 35.10 ? 38   ARG A NE  1 
ATOM   236  C CZ  . ARG A 1 38  ? 6.730   -11.902 13.419  1.00 39.03 ? 38   ARG A CZ  1 
ATOM   237  N NH1 . ARG A 1 38  ? 7.795   -12.693 13.550  1.00 41.67 ? 38   ARG A NH1 1 
ATOM   238  N NH2 . ARG A 1 38  ? 6.819   -10.630 13.806  1.00 38.60 ? 38   ARG A NH2 1 
ATOM   239  N N   . GLU A 1 39  ? 1.727   -11.638 9.977   1.00 20.63 ? 39   GLU A N   1 
ATOM   240  C CA  . GLU A 1 39  ? 0.575   -10.961 10.560  1.00 20.39 ? 39   GLU A CA  1 
ATOM   241  C C   . GLU A 1 39  ? -0.714  -11.366 9.852   1.00 19.91 ? 39   GLU A C   1 
ATOM   242  O O   . GLU A 1 39  ? -1.731  -11.610 10.498  1.00 19.25 ? 39   GLU A O   1 
ATOM   243  C CB  . GLU A 1 39  ? 0.755   -9.439  10.533  1.00 20.56 ? 39   GLU A CB  1 
ATOM   244  C CG  . GLU A 1 39  ? -0.313  -8.647  11.291  1.00 21.70 ? 39   GLU A CG  1 
ATOM   245  C CD  . GLU A 1 39  ? -0.125  -8.636  12.801  1.00 25.21 ? 39   GLU A CD  1 
ATOM   246  O OE1 . GLU A 1 39  ? 0.814   -9.301  13.309  1.00 28.55 ? 39   GLU A OE1 1 
ATOM   247  O OE2 . GLU A 1 39  ? -0.925  -7.952  13.490  1.00 27.01 ? 39   GLU A OE2 1 
ATOM   248  N N   . ALA A 1 40  ? -0.686  -11.445 8.529   1.00 19.77 ? 40   ALA A N   1 
ATOM   249  C CA  . ALA A 1 40  ? -1.871  -11.899 7.790   1.00 20.01 ? 40   ALA A CA  1 
ATOM   250  C C   . ALA A 1 40  ? -2.304  -13.311 8.243   1.00 20.12 ? 40   ALA A C   1 
ATOM   251  O O   . ALA A 1 40  ? -3.486  -13.570 8.473   1.00 19.86 ? 40   ALA A O   1 
ATOM   252  C CB  . ALA A 1 40  ? -1.606  -11.871 6.301   1.00 20.08 ? 40   ALA A CB  1 
ATOM   253  N N   . ALA A 1 41  ? -1.330  -14.204 8.399   1.00 20.41 ? 41   ALA A N   1 
ATOM   254  C CA  . ALA A 1 41  ? -1.583  -15.570 8.854   1.00 20.48 ? 41   ALA A CA  1 
ATOM   255  C C   . ALA A 1 41  ? -2.253  -15.560 10.219  1.00 20.41 ? 41   ALA A C   1 
ATOM   256  O O   . ALA A 1 41  ? -3.279  -16.208 10.401  1.00 20.08 ? 41   ALA A O   1 
ATOM   257  C CB  . ALA A 1 41  ? -0.274  -16.383 8.900   1.00 20.54 ? 41   ALA A CB  1 
ATOM   258  N N   . GLU A 1 42  ? -1.689  -14.797 11.159  1.00 20.36 ? 42   GLU A N   1 
ATOM   259  C CA  . GLU A 1 42  ? -2.276  -14.670 12.501  1.00 20.61 ? 42   GLU A CA  1 
ATOM   260  C C   . GLU A 1 42  ? -3.704  -14.093 12.444  1.00 20.33 ? 42   GLU A C   1 
ATOM   261  O O   . GLU A 1 42  ? -4.510  -14.374 13.326  1.00 20.37 ? 42   GLU A O   1 
ATOM   262  C CB  A GLU A 1 42  ? -1.315  -13.856 13.387  0.50 20.80 ? 42   GLU A CB  1 
ATOM   263  C CB  B GLU A 1 42  ? -1.470  -13.811 13.508  0.50 20.83 ? 42   GLU A CB  1 
ATOM   264  C CG  A GLU A 1 42  ? -1.903  -12.973 14.480  0.50 21.51 ? 42   GLU A CG  1 
ATOM   265  C CG  B GLU A 1 42  ? -0.006  -13.469 13.242  0.50 21.54 ? 42   GLU A CG  1 
ATOM   266  C CD  A GLU A 1 42  ? -0.795  -12.351 15.335  0.50 22.63 ? 42   GLU A CD  1 
ATOM   267  C CD  B GLU A 1 42  ? 0.983   -14.431 13.883  0.50 22.90 ? 42   GLU A CD  1 
ATOM   268  O OE1 A GLU A 1 42  ? 0.264   -13.012 15.489  0.50 22.31 ? 42   GLU A OE1 1 
ATOM   269  O OE1 B GLU A 1 42  ? 1.054   -15.609 13.444  0.50 24.05 ? 42   GLU A OE1 1 
ATOM   270  O OE2 A GLU A 1 42  ? -0.972  -11.212 15.833  0.50 22.00 ? 42   GLU A OE2 1 
ATOM   271  O OE2 B GLU A 1 42  ? 1.705   -13.992 14.813  0.50 21.21 ? 42   GLU A OE2 1 
ATOM   272  N N   . LEU A 1 43  ? -4.009  -13.311 11.411  1.00 19.79 ? 43   LEU A N   1 
ATOM   273  C CA  . LEU A 1 43  ? -5.344  -12.740 11.221  1.00 20.00 ? 43   LEU A CA  1 
ATOM   274  C C   . LEU A 1 43  ? -6.273  -13.588 10.339  1.00 20.23 ? 43   LEU A C   1 
ATOM   275  O O   . LEU A 1 43  ? -7.396  -13.175 10.047  1.00 20.67 ? 43   LEU A O   1 
ATOM   276  C CB  . LEU A 1 43  ? -5.234  -11.332 10.596  1.00 19.94 ? 43   LEU A CB  1 
ATOM   277  C CG  . LEU A 1 43  ? -4.617  -10.214 11.432  1.00 19.31 ? 43   LEU A CG  1 
ATOM   278  C CD1 . LEU A 1 43  ? -4.337  -8.991  10.571  1.00 17.42 ? 43   LEU A CD1 1 
ATOM   279  C CD2 . LEU A 1 43  ? -5.527  -9.879  12.610  1.00 18.65 ? 43   LEU A CD2 1 
ATOM   280  N N   . GLY A 1 44  ? -5.813  -14.744 9.881   1.00 20.21 ? 44   GLY A N   1 
ATOM   281  C CA  . GLY A 1 44  ? -6.608  -15.570 8.963   1.00 20.25 ? 44   GLY A CA  1 
ATOM   282  C C   . GLY A 1 44  ? -6.791  -14.998 7.561   1.00 20.10 ? 44   GLY A C   1 
ATOM   283  O O   . GLY A 1 44  ? -7.828  -15.220 6.930   1.00 20.47 ? 44   GLY A O   1 
ATOM   284  N N   . LEU A 1 45  ? -5.793  -14.251 7.085   1.00 19.54 ? 45   LEU A N   1 
ATOM   285  C CA  . LEU A 1 45  ? -5.755  -13.716 5.717   1.00 18.56 ? 45   LEU A CA  1 
ATOM   286  C C   . LEU A 1 45  ? -4.520  -14.260 4.996   1.00 17.65 ? 45   LEU A C   1 
ATOM   287  O O   . LEU A 1 45  ? -3.634  -14.846 5.609   1.00 16.93 ? 45   LEU A O   1 
ATOM   288  C CB  . LEU A 1 45  ? -5.657  -12.179 5.736   1.00 18.46 ? 45   LEU A CB  1 
ATOM   289  C CG  . LEU A 1 45  ? -6.686  -11.343 6.500   1.00 18.62 ? 45   LEU A CG  1 
ATOM   290  C CD1 . LEU A 1 45  ? -6.151  -9.934  6.703   1.00 17.77 ? 45   LEU A CD1 1 
ATOM   291  C CD2 . LEU A 1 45  ? -8.045  -11.299 5.813   1.00 19.09 ? 45   LEU A CD2 1 
ATOM   292  N N   . LYS A 1 46  ? -4.479  -14.047 3.682   1.00 17.46 ? 46   LYS A N   1 
ATOM   293  C CA  . LYS A 1 46  ? -3.264  -14.207 2.887   1.00 16.74 ? 46   LYS A CA  1 
ATOM   294  C C   . LYS A 1 46  ? -2.878  -12.854 2.311   1.00 16.49 ? 46   LYS A C   1 
ATOM   295  O O   . LYS A 1 46  ? -3.688  -12.203 1.640   1.00 16.36 ? 46   LYS A O   1 
ATOM   296  C CB  . LYS A 1 46  ? -3.443  -15.223 1.765   1.00 16.57 ? 46   LYS A CB  1 
ATOM   297  C CG  . LYS A 1 46  ? -2.118  -15.686 1.137   1.00 17.12 ? 46   LYS A CG  1 
ATOM   298  C CD  . LYS A 1 46  ? -2.366  -16.676 0.020   1.00 18.83 ? 46   LYS A CD  1 
ATOM   299  C CE  . LYS A 1 46  ? -1.073  -17.107 -0.713  1.00 19.94 ? 46   LYS A CE  1 
ATOM   300  N NZ  . LYS A 1 46  ? -1.397  -17.980 -1.920  1.00 19.77 ? 46   LYS A NZ  1 
ATOM   301  N N   . ALA A 1 47  ? -1.647  -12.427 2.600   1.00 16.15 ? 47   ALA A N   1 
ATOM   302  C CA  . ALA A 1 47  ? -1.089  -11.219 2.017   1.00 15.90 ? 47   ALA A CA  1 
ATOM   303  C C   . ALA A 1 47  ? -0.254  -11.605 0.813   1.00 15.59 ? 47   ALA A C   1 
ATOM   304  O O   . ALA A 1 47  ? 0.604   -12.469 0.928   1.00 16.05 ? 47   ALA A O   1 
ATOM   305  C CB  . ALA A 1 47  ? -0.251  -10.487 3.017   1.00 15.85 ? 47   ALA A CB  1 
ATOM   306  N N   . VAL A 1 48  ? -0.554  -10.984 -0.331  1.00 15.14 ? 48   VAL A N   1 
ATOM   307  C CA  . VAL A 1 48  ? 0.250   -11.038 -1.541  1.00 14.75 ? 48   VAL A CA  1 
ATOM   308  C C   . VAL A 1 48  ? 0.949   -9.672  -1.635  1.00 15.08 ? 48   VAL A C   1 
ATOM   309  O O   . VAL A 1 48  ? 0.294   -8.645  -1.850  1.00 15.10 ? 48   VAL A O   1 
ATOM   310  C CB  . VAL A 1 48  ? -0.657  -11.262 -2.792  1.00 14.82 ? 48   VAL A CB  1 
ATOM   311  C CG1 . VAL A 1 48  ? 0.139   -11.260 -4.095  1.00 14.33 ? 48   VAL A CG1 1 
ATOM   312  C CG2 . VAL A 1 48  ? -1.410  -12.546 -2.671  1.00 14.10 ? 48   VAL A CG2 1 
ATOM   313  N N   . VAL A 1 49  ? 2.267   -9.654  -1.439  1.00 14.94 ? 49   VAL A N   1 
ATOM   314  C CA  . VAL A 1 49  ? 3.042   -8.408  -1.406  1.00 14.56 ? 49   VAL A CA  1 
ATOM   315  C C   . VAL A 1 49  ? 3.864   -8.286  -2.679  1.00 15.17 ? 49   VAL A C   1 
ATOM   316  O O   . VAL A 1 49  ? 4.477   -9.254  -3.107  1.00 15.70 ? 49   VAL A O   1 
ATOM   317  C CB  . VAL A 1 49  ? 3.973   -8.366  -0.185  1.00 14.83 ? 49   VAL A CB  1 
ATOM   318  C CG1 . VAL A 1 49  ? 4.676   -7.005  -0.080  1.00 12.81 ? 49   VAL A CG1 1 
ATOM   319  C CG2 . VAL A 1 49  ? 3.180   -8.690  1.095   1.00 13.59 ? 49   VAL A CG2 1 
ATOM   320  N N   . ARG A 1 50  ? 3.855   -7.106  -3.296  1.00 15.44 ? 50   ARG A N   1 
ATOM   321  C CA  . ARG A 1 50  ? 4.525   -6.867  -4.574  1.00 15.54 ? 50   ARG A CA  1 
ATOM   322  C C   . ARG A 1 50  ? 5.172   -5.469  -4.526  1.00 15.11 ? 50   ARG A C   1 
ATOM   323  O O   . ARG A 1 50  ? 4.596   -4.541  -3.937  1.00 15.35 ? 50   ARG A O   1 
ATOM   324  C CB  . ARG A 1 50  ? 3.506   -6.934  -5.713  1.00 16.31 ? 50   ARG A CB  1 
ATOM   325  C CG  . ARG A 1 50  ? 2.810   -8.302  -5.939  1.00 18.93 ? 50   ARG A CG  1 
ATOM   326  C CD  . ARG A 1 50  ? 3.723   -9.222  -6.733  1.00 24.99 ? 50   ARG A CD  1 
ATOM   327  N NE  . ARG A 1 50  ? 3.133   -10.526 -7.068  1.00 29.33 ? 50   ARG A NE  1 
ATOM   328  C CZ  . ARG A 1 50  ? 3.198   -11.626 -6.302  1.00 32.28 ? 50   ARG A CZ  1 
ATOM   329  N NH1 . ARG A 1 50  ? 3.798   -11.617 -5.108  1.00 32.55 ? 50   ARG A NH1 1 
ATOM   330  N NH2 . ARG A 1 50  ? 2.632   -12.751 -6.725  1.00 34.00 ? 50   ARG A NH2 1 
ATOM   331  N N   . GLN A 1 51  ? 6.366   -5.311  -5.104  1.00 13.99 ? 51   GLN A N   1 
ATOM   332  C CA  . GLN A 1 51  ? 6.988   -3.982  -5.213  1.00 13.27 ? 51   GLN A CA  1 
ATOM   333  C C   . GLN A 1 51  ? 7.555   -3.776  -6.603  1.00 12.57 ? 51   GLN A C   1 
ATOM   334  O O   . GLN A 1 51  ? 8.083   -4.712  -7.174  1.00 12.46 ? 51   GLN A O   1 
ATOM   335  C CB  . GLN A 1 51  ? 8.090   -3.784  -4.173  1.00 13.06 ? 51   GLN A CB  1 
ATOM   336  C CG  . GLN A 1 51  ? 8.642   -2.348  -4.071  1.00 12.46 ? 51   GLN A CG  1 
ATOM   337  C CD  . GLN A 1 51  ? 9.685   -2.006  -5.132  1.00 14.16 ? 51   GLN A CD  1 
ATOM   338  O OE1 . GLN A 1 51  ? 10.497  -2.845  -5.533  1.00 17.34 ? 51   GLN A OE1 1 
ATOM   339  N NE2 . GLN A 1 51  ? 9.664   -0.765  -5.594  1.00 14.73 ? 51   GLN A NE2 1 
ATOM   340  N N   . SER A 1 52  ? 7.422   -2.553  -7.135  1.00 11.66 ? 52   SER A N   1 
ATOM   341  C CA  . SER A 1 52  ? 7.998   -2.176  -8.433  1.00 10.72 ? 52   SER A CA  1 
ATOM   342  C C   . SER A 1 52  ? 8.279   -0.684  -8.513  1.00 10.28 ? 52   SER A C   1 
ATOM   343  O O   . SER A 1 52  ? 7.547   0.127   -7.954  1.00 10.51 ? 52   SER A O   1 
ATOM   344  C CB  . SER A 1 52  ? 7.049   -2.570  -9.569  1.00 10.86 ? 52   SER A CB  1 
ATOM   345  O OG  . SER A 1 52  ? 7.591   -2.289  -10.852 1.00 10.51 ? 52   SER A OG  1 
ATOM   346  N N   . ASP A 1 53  ? 9.357   -0.329  -9.208  1.00 9.90  ? 53   ASP A N   1 
ATOM   347  C CA  . ASP A 1 53  ? 9.673   1.064   -9.545  1.00 9.12  ? 53   ASP A CA  1 
ATOM   348  C C   . ASP A 1 53  ? 8.952   1.523   -10.807 1.00 8.41  ? 53   ASP A C   1 
ATOM   349  O O   . ASP A 1 53  ? 9.059   2.676   -11.194 1.00 6.63  ? 53   ASP A O   1 
ATOM   350  C CB  . ASP A 1 53  ? 11.185  1.226   -9.741  1.00 9.02  ? 53   ASP A CB  1 
ATOM   351  C CG  . ASP A 1 53  ? 11.978  1.091   -8.446  1.00 10.56 ? 53   ASP A CG  1 
ATOM   352  O OD1 . ASP A 1 53  ? 11.382  1.008   -7.346  1.00 11.64 ? 53   ASP A OD1 1 
ATOM   353  O OD2 . ASP A 1 53  ? 13.229  1.074   -8.532  1.00 12.42 ? 53   ASP A OD2 1 
ATOM   354  N N   . SER A 1 54  ? 8.234   0.594   -11.455 1.00 8.24  ? 54   SER A N   1 
ATOM   355  C CA  . SER A 1 54  ? 7.548   0.849   -12.716 1.00 7.69  ? 54   SER A CA  1 
ATOM   356  C C   . SER A 1 54  ? 6.061   1.164   -12.520 1.00 7.86  ? 54   SER A C   1 
ATOM   357  O O   . SER A 1 54  ? 5.273   0.293   -12.154 1.00 8.17  ? 54   SER A O   1 
ATOM   358  C CB  . SER A 1 54  ? 7.715   -0.375  -13.614 1.00 7.89  ? 54   SER A CB  1 
ATOM   359  O OG  . SER A 1 54  ? 6.908   -0.322  -14.773 1.00 7.42  ? 54   SER A OG  1 
ATOM   360  N N   . GLU A 1 55  ? 5.669   2.403   -12.789 1.00 8.37  ? 55   GLU A N   1 
ATOM   361  C CA  . GLU A 1 55  ? 4.248   2.780   -12.816 1.00 8.76  ? 55   GLU A CA  1 
ATOM   362  C C   . GLU A 1 55  ? 3.353   1.769   -13.546 1.00 8.33  ? 55   GLU A C   1 
ATOM   363  O O   . GLU A 1 55  ? 2.319   1.391   -13.020 1.00 7.92  ? 55   GLU A O   1 
ATOM   364  C CB  . GLU A 1 55  ? 4.060   4.168   -13.442 1.00 9.01  ? 55   GLU A CB  1 
ATOM   365  C CG  . GLU A 1 55  ? 2.610   4.652   -13.355 1.00 11.14 ? 55   GLU A CG  1 
ATOM   366  C CD  . GLU A 1 55  ? 2.417   6.101   -13.772 1.00 15.28 ? 55   GLU A CD  1 
ATOM   367  O OE1 . GLU A 1 55  ? 2.819   6.497   -14.905 1.00 21.08 ? 55   GLU A OE1 1 
ATOM   368  O OE2 . GLU A 1 55  ? 1.826   6.839   -12.974 1.00 14.98 ? 55   GLU A OE2 1 
ATOM   369  N N   . ALA A 1 56  ? 3.746   1.368   -14.755 1.00 8.35  ? 56   ALA A N   1 
ATOM   370  C CA  . ALA A 1 56  ? 2.991   0.367   -15.560 1.00 8.83  ? 56   ALA A CA  1 
ATOM   371  C C   . ALA A 1 56  ? 2.798   -0.963  -14.847 1.00 8.70  ? 56   ALA A C   1 
ATOM   372  O O   . ALA A 1 56  ? 1.751   -1.575  -14.952 1.00 9.11  ? 56   ALA A O   1 
ATOM   373  C CB  . ALA A 1 56  ? 3.679   0.112   -16.937 1.00 8.13  ? 56   ALA A CB  1 
ATOM   374  N N   . GLN A 1 57  ? 3.810   -1.422  -14.134 1.00 8.88  ? 57   GLN A N   1 
ATOM   375  C CA  . GLN A 1 57  ? 3.660   -2.653  -13.399 1.00 9.50  ? 57   GLN A CA  1 
ATOM   376  C C   . GLN A 1 57  ? 2.653   -2.463  -12.261 1.00 9.50  ? 57   GLN A C   1 
ATOM   377  O O   . GLN A 1 57  ? 1.757   -3.296  -12.082 1.00 9.68  ? 57   GLN A O   1 
ATOM   378  C CB  . GLN A 1 57  ? 5.000   -3.146  -12.867 1.00 9.74  ? 57   GLN A CB  1 
ATOM   379  C CG  . GLN A 1 57  ? 4.900   -4.438  -12.068 1.00 10.48 ? 57   GLN A CG  1 
ATOM   380  C CD  . GLN A 1 57  ? 4.436   -5.585  -12.906 1.00 11.69 ? 57   GLN A CD  1 
ATOM   381  O OE1 . GLN A 1 57  ? 5.200   -6.131  -13.694 1.00 13.34 ? 57   GLN A OE1 1 
ATOM   382  N NE2 . GLN A 1 57  ? 3.165   -5.959  -12.755 1.00 12.83 ? 57   GLN A NE2 1 
ATOM   383  N N   . LEU A 1 58  ? 2.780   -1.359  -11.524 1.00 9.09  ? 58   LEU A N   1 
ATOM   384  C CA  . LEU A 1 58  ? 1.819   -1.038  -10.474 1.00 8.78  ? 58   LEU A CA  1 
ATOM   385  C C   . LEU A 1 58  ? 0.373   -0.988  -10.991 1.00 9.06  ? 58   LEU A C   1 
ATOM   386  O O   . LEU A 1 58  ? -0.529  -1.526  -10.349 1.00 8.60  ? 58   LEU A O   1 
ATOM   387  C CB  . LEU A 1 58  ? 2.158   0.283   -9.809  1.00 8.42  ? 58   LEU A CB  1 
ATOM   388  C CG  . LEU A 1 58  ? 3.501   0.384   -9.095  1.00 8.91  ? 58   LEU A CG  1 
ATOM   389  C CD1 . LEU A 1 58  ? 3.576   1.733   -8.410  1.00 8.11  ? 58   LEU A CD1 1 
ATOM   390  C CD2 . LEU A 1 58  ? 3.696   -0.776  -8.112  1.00 6.76  ? 58   LEU A CD2 1 
ATOM   391  N N   . LEU A 1 59  ? 0.158   -0.353  -12.140 1.00 9.46  ? 59   LEU A N   1 
ATOM   392  C CA  . LEU A 1 59  ? -1.185  -0.294  -12.733 1.00 10.50 ? 59   LEU A CA  1 
ATOM   393  C C   . LEU A 1 59  ? -1.733  -1.698  -13.082 1.00 10.55 ? 59   LEU A C   1 
ATOM   394  O O   . LEU A 1 59  ? -2.920  -1.954  -12.920 1.00 10.69 ? 59   LEU A O   1 
ATOM   395  C CB  . LEU A 1 59  ? -1.207  0.592   -13.990 1.00 10.72 ? 59   LEU A CB  1 
ATOM   396  C CG  . LEU A 1 59  ? -0.935  2.099   -13.877 1.00 11.31 ? 59   LEU A CG  1 
ATOM   397  C CD1 . LEU A 1 59  ? -0.876  2.688   -15.276 1.00 11.24 ? 59   LEU A CD1 1 
ATOM   398  C CD2 . LEU A 1 59  ? -1.991  2.810   -13.105 1.00 12.65 ? 59   LEU A CD2 1 
ATOM   399  N N   . ASP A 1 60  ? -0.878  -2.604  -13.551 1.00 10.83 ? 60   ASP A N   1 
ATOM   400  C CA  . ASP A 1 60  ? -1.340  -3.952  -13.898 1.00 10.98 ? 60   ASP A CA  1 
ATOM   401  C C   . ASP A 1 60  ? -1.808  -4.670  -12.648 1.00 10.73 ? 60   ASP A C   1 
ATOM   402  O O   . ASP A 1 60  ? -2.879  -5.284  -12.641 1.00 11.01 ? 60   ASP A O   1 
ATOM   403  C CB  . ASP A 1 60  ? -0.253  -4.767  -14.593 1.00 11.19 ? 60   ASP A CB  1 
ATOM   404  C CG  . ASP A 1 60  ? -0.753  -6.126  -15.060 1.00 12.84 ? 60   ASP A CG  1 
ATOM   405  O OD1 . ASP A 1 60  ? -1.863  -6.209  -15.622 1.00 16.31 ? 60   ASP A OD1 1 
ATOM   406  O OD2 . ASP A 1 60  ? -0.042  -7.124  -14.873 1.00 15.05 ? 60   ASP A OD2 1 
ATOM   407  N N   . TRP A 1 61  ? -1.025  -4.561  -11.574 1.00 10.57 ? 61   TRP A N   1 
ATOM   408  C CA  . TRP A 1 61  ? -1.423  -5.128  -10.282 1.00 9.99  ? 61   TRP A CA  1 
ATOM   409  C C   . TRP A 1 61  ? -2.736  -4.551  -9.745  1.00 9.74  ? 61   TRP A C   1 
ATOM   410  O O   . TRP A 1 61  ? -3.543  -5.283  -9.182  1.00 10.38 ? 61   TRP A O   1 
ATOM   411  C CB  . TRP A 1 61  ? -0.316  -4.961  -9.254  1.00 10.00 ? 61   TRP A CB  1 
ATOM   412  C CG  . TRP A 1 61  ? 0.932   -5.807  -9.522  1.00 9.34  ? 61   TRP A CG  1 
ATOM   413  C CD1 . TRP A 1 61  ? 0.974   -7.020  -10.093 1.00 9.10  ? 61   TRP A CD1 1 
ATOM   414  C CD2 . TRP A 1 61  ? 2.279   -5.494  -9.154  1.00 9.21  ? 61   TRP A CD2 1 
ATOM   415  N NE1 . TRP A 1 61  ? 2.245   -7.487  -10.142 1.00 9.64  ? 61   TRP A NE1 1 
ATOM   416  C CE2 . TRP A 1 61  ? 3.078   -6.567  -9.573  1.00 10.46 ? 61   TRP A CE2 1 
ATOM   417  C CE3 . TRP A 1 61  ? 2.886   -4.407  -8.513  1.00 8.29  ? 61   TRP A CE3 1 
ATOM   418  C CZ2 . TRP A 1 61  ? 4.470   -6.601  -9.373  1.00 9.30  ? 61   TRP A CZ2 1 
ATOM   419  C CZ3 . TRP A 1 61  ? 4.266   -4.428  -8.322  1.00 8.28  ? 61   TRP A CZ3 1 
ATOM   420  C CH2 . TRP A 1 61  ? 5.040   -5.518  -8.749  1.00 9.85  ? 61   TRP A CH2 1 
ATOM   421  N N   . ILE A 1 62  ? -2.961  -3.254  -9.915  1.00 9.22  ? 62   ILE A N   1 
ATOM   422  C CA  . ILE A 1 62  ? -4.225  -2.657  -9.497  1.00 8.38  ? 62   ILE A CA  1 
ATOM   423  C C   . ILE A 1 62  ? -5.361  -3.188  -10.387 1.00 8.64  ? 62   ILE A C   1 
ATOM   424  O O   . ILE A 1 62  ? -6.452  -3.470  -9.900  1.00 8.14  ? 62   ILE A O   1 
ATOM   425  C CB  . ILE A 1 62  ? -4.187  -1.105  -9.552  1.00 8.03  ? 62   ILE A CB  1 
ATOM   426  C CG1 . ILE A 1 62  ? -3.179  -0.565  -8.548  1.00 7.31  ? 62   ILE A CG1 1 
ATOM   427  C CG2 . ILE A 1 62  ? -5.586  -0.512  -9.270  1.00 5.55  ? 62   ILE A CG2 1 
ATOM   428  C CD1 . ILE A 1 62  ? -3.622  -0.699  -7.128  1.00 9.15  ? 62   ILE A CD1 1 
ATOM   429  N N   . HIS A 1 63  ? -5.096  -3.314  -11.688 1.00 9.06  ? 63   HIS A N   1 
ATOM   430  C CA  . HIS A 1 63  ? -6.081  -3.871  -12.614 1.00 9.57  ? 63   HIS A CA  1 
ATOM   431  C C   . HIS A 1 63  ? -6.526  -5.275  -12.158 1.00 9.97  ? 63   HIS A C   1 
ATOM   432  O O   . HIS A 1 63  ? -7.717  -5.633  -12.223 1.00 10.07 ? 63   HIS A O   1 
ATOM   433  C CB  . HIS A 1 63  ? -5.540  -3.950  -14.042 1.00 9.25  ? 63   HIS A CB  1 
ATOM   434  C CG  . HIS A 1 63  ? -5.185  -2.630  -14.647 1.00 8.69  ? 63   HIS A CG  1 
ATOM   435  N ND1 . HIS A 1 63  ? -5.795  -1.450  -14.285 1.00 8.90  ? 63   HIS A ND1 1 
ATOM   436  C CD2 . HIS A 1 63  ? -4.312  -2.314  -15.631 1.00 8.34  ? 63   HIS A CD2 1 
ATOM   437  C CE1 . HIS A 1 63  ? -5.297  -0.460  -15.000 1.00 7.71  ? 63   HIS A CE1 1 
ATOM   438  N NE2 . HIS A 1 63  ? -4.393  -0.956  -15.824 1.00 8.41  ? 63   HIS A NE2 1 
ATOM   439  N N   . GLN A 1 64  ? -5.570  -6.066  -11.693 1.00 10.25 ? 64   GLN A N   1 
ATOM   440  C CA  . GLN A 1 64  ? -5.874  -7.437  -11.290 1.00 10.51 ? 64   GLN A CA  1 
ATOM   441  C C   . GLN A 1 64  ? -6.709  -7.451  -10.003 1.00 10.87 ? 64   GLN A C   1 
ATOM   442  O O   . GLN A 1 64  ? -7.610  -8.295  -9.845  1.00 11.37 ? 64   GLN A O   1 
ATOM   443  C CB  . GLN A 1 64  ? -4.595  -8.265  -11.137 1.00 10.38 ? 64   GLN A CB  1 
ATOM   444  C CG  . GLN A 1 64  ? -3.819  -8.533  -12.439 1.00 10.29 ? 64   GLN A CG  1 
ATOM   445  C CD  . GLN A 1 64  ? -2.504  -9.254  -12.167 1.00 13.15 ? 64   GLN A CD  1 
ATOM   446  O OE1 . GLN A 1 64  ? -2.465  -10.166 -11.341 1.00 15.80 ? 64   GLN A OE1 1 
ATOM   447  N NE2 . GLN A 1 64  ? -1.423  -8.833  -12.821 1.00 12.86 ? 64   GLN A NE2 1 
ATOM   448  N N   . ALA A 1 65  ? -6.442  -6.503  -9.105  1.00 10.85 ? 65   ALA A N   1 
ATOM   449  C CA  . ALA A 1 65  ? -7.200  -6.412  -7.865  1.00 11.27 ? 65   ALA A CA  1 
ATOM   450  C C   . ALA A 1 65  ? -8.620  -5.972  -8.166  1.00 12.11 ? 65   ALA A C   1 
ATOM   451  O O   . ALA A 1 65  ? -9.552  -6.473  -7.564  1.00 12.46 ? 65   ALA A O   1 
ATOM   452  C CB  . ALA A 1 65  ? -6.533  -5.475  -6.864  1.00 10.66 ? 65   ALA A CB  1 
ATOM   453  N N   . ALA A 1 66  ? -8.782  -5.042  -9.105  1.00 13.09 ? 66   ALA A N   1 
ATOM   454  C CA  . ALA A 1 66  ? -10.103 -4.645  -9.564  1.00 13.89 ? 66   ALA A CA  1 
ATOM   455  C C   . ALA A 1 66  ? -10.883 -5.842  -10.156 1.00 14.70 ? 66   ALA A C   1 
ATOM   456  O O   . ALA A 1 66  ? -12.022 -6.088  -9.762  1.00 14.83 ? 66   ALA A O   1 
ATOM   457  C CB  . ALA A 1 66  ? -9.994  -3.521  -10.576 1.00 14.21 ? 66   ALA A CB  1 
ATOM   458  N N   . ASP A 1 67  ? -10.278 -6.591  -11.077 1.00 15.20 ? 67   ASP A N   1 
ATOM   459  C CA  . ASP A 1 67  ? -10.969 -7.740  -11.670 1.00 15.89 ? 67   ASP A CA  1 
ATOM   460  C C   . ASP A 1 67  ? -11.307 -8.821  -10.628 1.00 15.85 ? 67   ASP A C   1 
ATOM   461  O O   . ASP A 1 67  ? -12.356 -9.452  -10.704 1.00 16.21 ? 67   ASP A O   1 
ATOM   462  C CB  . ASP A 1 67  ? -10.151 -8.370  -12.802 1.00 16.15 ? 67   ASP A CB  1 
ATOM   463  C CG  . ASP A 1 67  ? -10.089 -7.502  -14.041 1.00 17.15 ? 67   ASP A CG  1 
ATOM   464  O OD1 . ASP A 1 67  ? -10.995 -6.677  -14.285 1.00 18.24 ? 67   ASP A OD1 1 
ATOM   465  O OD2 . ASP A 1 67  ? -9.104  -7.651  -14.786 1.00 19.96 ? 67   ASP A OD2 1 
ATOM   466  N N   . ALA A 1 68  ? -10.431 -9.028  -9.653  1.00 15.49 ? 68   ALA A N   1 
ATOM   467  C CA  . ALA A 1 68  ? -10.681 -10.029 -8.626  1.00 14.99 ? 68   ALA A CA  1 
ATOM   468  C C   . ALA A 1 68  ? -11.497 -9.485  -7.454  1.00 14.62 ? 68   ALA A C   1 
ATOM   469  O O   . ALA A 1 68  ? -11.821 -10.239 -6.540  1.00 15.50 ? 68   ALA A O   1 
ATOM   470  C CB  . ALA A 1 68  ? -9.364  -10.619 -8.132  1.00 14.67 ? 68   ALA A CB  1 
ATOM   471  N N   . ALA A 1 69  ? -11.823 -8.192  -7.457  1.00 14.15 ? 69   ALA A N   1 
ATOM   472  C CA  . ALA A 1 69  ? -12.595 -7.579  -6.364  1.00 13.72 ? 69   ALA A CA  1 
ATOM   473  C C   . ALA A 1 69  ? -11.944 -7.789  -4.986  1.00 13.84 ? 69   ALA A C   1 
ATOM   474  O O   . ALA A 1 69  ? -12.652 -7.945  -3.984  1.00 14.01 ? 69   ALA A O   1 
ATOM   475  C CB  . ALA A 1 69  ? -14.019 -8.105  -6.366  1.00 12.81 ? 69   ALA A CB  1 
ATOM   476  N N   . GLU A 1 70  ? -10.603 -7.779  -4.943  1.00 13.77 ? 70   GLU A N   1 
ATOM   477  C CA  . GLU A 1 70  ? -9.819  -7.924  -3.698  1.00 13.66 ? 70   GLU A CA  1 
ATOM   478  C C   . GLU A 1 70  ? -9.348  -6.574  -3.121  1.00 13.32 ? 70   GLU A C   1 
ATOM   479  O O   . GLU A 1 70  ? -9.149  -5.611  -3.852  1.00 13.93 ? 70   GLU A O   1 
ATOM   480  C CB  . GLU A 1 70  ? -8.578  -8.777  -3.933  1.00 13.75 ? 70   GLU A CB  1 
ATOM   481  C CG  . GLU A 1 70  ? -8.842  -10.191 -4.410  1.00 14.88 ? 70   GLU A CG  1 
ATOM   482  C CD  . GLU A 1 70  ? -7.567  -10.892 -4.938  1.00 17.09 ? 70   GLU A CD  1 
ATOM   483  O OE1 . GLU A 1 70  ? -6.573  -10.208 -5.285  1.00 16.90 ? 70   GLU A OE1 1 
ATOM   484  O OE2 . GLU A 1 70  ? -7.563  -12.141 -5.015  1.00 19.95 ? 70   GLU A OE2 1 
ATOM   485  N N   . PRO A 1 71  ? -9.154  -6.499  -1.801  1.00 12.86 ? 71   PRO A N   1 
ATOM   486  C CA  . PRO A 1 71  ? -8.648  -5.237  -1.240  1.00 12.14 ? 71   PRO A CA  1 
ATOM   487  C C   . PRO A 1 71  ? -7.185  -4.938  -1.567  1.00 11.17 ? 71   PRO A C   1 
ATOM   488  O O   . PRO A 1 71  ? -6.443  -5.840  -1.955  1.00 11.72 ? 71   PRO A O   1 
ATOM   489  C CB  . PRO A 1 71  ? -8.841  -5.410  0.273   1.00 12.47 ? 71   PRO A CB  1 
ATOM   490  C CG  . PRO A 1 71  ? -9.164  -6.872  0.500   1.00 12.85 ? 71   PRO A CG  1 
ATOM   491  C CD  . PRO A 1 71  ? -9.753  -7.371  -0.774  1.00 13.03 ? 71   PRO A CD  1 
ATOM   492  N N   . VAL A 1 72  ? -6.790  -3.673  -1.418  1.00 9.62  ? 72   VAL A N   1 
ATOM   493  C CA  . VAL A 1 72  ? -5.428  -3.233  -1.701  1.00 8.61  ? 72   VAL A CA  1 
ATOM   494  C C   . VAL A 1 72  ? -4.920  -2.331  -0.581  1.00 8.07  ? 72   VAL A C   1 
ATOM   495  O O   . VAL A 1 72  ? -5.641  -1.474  -0.113  1.00 8.01  ? 72   VAL A O   1 
ATOM   496  C CB  . VAL A 1 72  ? -5.336  -2.470  -3.045  1.00 8.30  ? 72   VAL A CB  1 
ATOM   497  C CG1 . VAL A 1 72  ? -3.957  -1.860  -3.232  1.00 7.07  ? 72   VAL A CG1 1 
ATOM   498  C CG2 . VAL A 1 72  ? -5.668  -3.376  -4.189  1.00 7.35  ? 72   VAL A CG2 1 
ATOM   499  N N   . ILE A 1 73  ? -3.686  -2.575  -0.139  1.00 7.70  ? 73   ILE A N   1 
ATOM   500  C CA  . ILE A 1 73  ? -2.959  -1.687  0.769   1.00 7.08  ? 73   ILE A CA  1 
ATOM   501  C C   . ILE A 1 73  ? -1.841  -1.152  -0.096  1.00 7.07  ? 73   ILE A C   1 
ATOM   502  O O   . ILE A 1 73  ? -1.062  -1.921  -0.639  1.00 7.08  ? 73   ILE A O   1 
ATOM   503  C CB  . ILE A 1 73  ? -2.376  -2.437  1.976   1.00 6.76  ? 73   ILE A CB  1 
ATOM   504  C CG1 . ILE A 1 73  ? -3.515  -3.008  2.836   1.00 6.54  ? 73   ILE A CG1 1 
ATOM   505  C CG2 . ILE A 1 73  ? -1.479  -1.520  2.776   1.00 5.49  ? 73   ILE A CG2 1 
ATOM   506  C CD1 . ILE A 1 73  ? -3.073  -3.845  4.010   1.00 4.26  ? 73   ILE A CD1 1 
ATOM   507  N N   . LEU A 1 74  ? -1.790  0.158   -0.277  1.00 6.99  ? 74   LEU A N   1 
ATOM   508  C CA  . LEU A 1 74  ? -0.923  0.728   -1.305  1.00 7.16  ? 74   LEU A CA  1 
ATOM   509  C C   . LEU A 1 74  ? -0.011  1.786   -0.709  1.00 7.25  ? 74   LEU A C   1 
ATOM   510  O O   . LEU A 1 74  ? -0.477  2.747   -0.090  1.00 7.63  ? 74   LEU A O   1 
ATOM   511  C CB  . LEU A 1 74  ? -1.765  1.325   -2.448  1.00 6.52  ? 74   LEU A CB  1 
ATOM   512  C CG  . LEU A 1 74  ? -1.045  2.086   -3.568  1.00 6.63  ? 74   LEU A CG  1 
ATOM   513  C CD1 . LEU A 1 74  ? -0.074  1.175   -4.363  1.00 4.97  ? 74   LEU A CD1 1 
ATOM   514  C CD2 . LEU A 1 74  ? -2.049  2.805   -4.494  1.00 3.29  ? 74   LEU A CD2 1 
ATOM   515  N N   . ASN A 1 75  ? 1.287   1.613   -0.909  1.00 6.99  ? 75   ASN A N   1 
ATOM   516  C CA  . ASN A 1 75  ? 2.235   2.675   -0.627  1.00 6.81  ? 75   ASN A CA  1 
ATOM   517  C C   . ASN A 1 75  ? 2.905   3.021   -1.936  1.00 6.81  ? 75   ASN A C   1 
ATOM   518  O O   . ASN A 1 75  ? 3.860   2.378   -2.349  1.00 6.27  ? 75   ASN A O   1 
ATOM   519  C CB  . ASN A 1 75  ? 3.249   2.226   0.433   1.00 6.85  ? 75   ASN A CB  1 
ATOM   520  C CG  . ASN A 1 75  ? 4.225   3.313   0.806   1.00 6.33  ? 75   ASN A CG  1 
ATOM   521  O OD1 . ASN A 1 75  ? 4.274   4.388   0.162   1.00 2.11  ? 75   ASN A OD1 1 
ATOM   522  N ND2 . ASN A 1 75  ? 5.015   3.055   1.863   1.00 5.02  ? 75   ASN A ND2 1 
ATOM   523  N N   . ALA A 1 76  ? 2.390   4.045   -2.601  1.00 7.32  ? 76   ALA A N   1 
ATOM   524  C CA  . ALA A 1 76  ? 2.821   4.363   -3.967  1.00 7.62  ? 76   ALA A CA  1 
ATOM   525  C C   . ALA A 1 76  ? 4.178   5.069   -4.047  1.00 7.69  ? 76   ALA A C   1 
ATOM   526  O O   . ALA A 1 76  ? 4.657   5.353   -5.141  1.00 8.10  ? 76   ALA A O   1 
ATOM   527  C CB  . ALA A 1 76  ? 1.747   5.198   -4.669  1.00 7.45  ? 76   ALA A CB  1 
ATOM   528  N N   . GLY A 1 77  ? 4.793   5.351   -2.901  1.00 7.65  ? 77   GLY A N   1 
ATOM   529  C CA  . GLY A 1 77  ? 6.011   6.153   -2.841  1.00 7.41  ? 77   GLY A CA  1 
ATOM   530  C C   . GLY A 1 77  ? 5.790   7.490   -3.515  1.00 7.54  ? 77   GLY A C   1 
ATOM   531  O O   . GLY A 1 77  ? 4.759   8.094   -3.330  1.00 8.03  ? 77   GLY A O   1 
ATOM   532  N N   . GLY A 1 78  ? 6.747   7.926   -4.327  1.00 7.49  ? 78   GLY A N   1 
ATOM   533  C CA  . GLY A 1 78  ? 6.687   9.222   -4.963  1.00 7.99  ? 78   GLY A CA  1 
ATOM   534  C C   . GLY A 1 78  ? 5.447   9.440   -5.810  1.00 8.21  ? 78   GLY A C   1 
ATOM   535  O O   . GLY A 1 78  ? 4.939   10.561  -5.881  1.00 7.71  ? 78   GLY A O   1 
ATOM   536  N N   . LEU A 1 79  ? 4.965   8.360   -6.438  1.00 8.40  ? 79   LEU A N   1 
ATOM   537  C CA  . LEU A 1 79  ? 3.805   8.392   -7.340  1.00 8.26  ? 79   LEU A CA  1 
ATOM   538  C C   . LEU A 1 79  ? 2.530   8.829   -6.626  1.00 8.41  ? 79   LEU A C   1 
ATOM   539  O O   . LEU A 1 79  ? 1.550   9.218   -7.273  1.00 7.85  ? 79   LEU A O   1 
ATOM   540  C CB  . LEU A 1 79  ? 3.586   7.009   -7.971  1.00 8.17  ? 79   LEU A CB  1 
ATOM   541  C CG  . LEU A 1 79  ? 4.693   6.485   -8.888  1.00 8.40  ? 79   LEU A CG  1 
ATOM   542  C CD1 . LEU A 1 79  ? 4.222   5.192   -9.574  1.00 7.66  ? 79   LEU A CD1 1 
ATOM   543  C CD2 . LEU A 1 79  ? 5.124   7.523   -9.927  1.00 7.01  ? 79   LEU A CD2 1 
ATOM   544  N N   . THR A 1 80  ? 2.553   8.746   -5.291  1.00 8.52  ? 80   THR A N   1 
ATOM   545  C CA  . THR A 1 80  ? 1.463   9.208   -4.444  1.00 8.23  ? 80   THR A CA  1 
ATOM   546  C C   . THR A 1 80  ? 1.086   10.662  -4.727  1.00 8.24  ? 80   THR A C   1 
ATOM   547  O O   . THR A 1 80  ? -0.091  11.017  -4.726  1.00 8.38  ? 80   THR A O   1 
ATOM   548  C CB  . THR A 1 80  ? 1.866   9.105   -2.951  1.00 8.23  ? 80   THR A CB  1 
ATOM   549  O OG1 . THR A 1 80  ? 2.269   7.762   -2.651  1.00 8.02  ? 80   THR A OG1 1 
ATOM   550  C CG2 . THR A 1 80  ? 0.696   9.508   -2.045  1.00 7.78  ? 80   THR A CG2 1 
ATOM   551  N N   . HIS A 1 81  ? 2.100   11.490  -4.965  1.00 8.05  ? 81   HIS A N   1 
ATOM   552  C CA  . HIS A 1 81  ? 1.942   12.938  -5.051  1.00 8.05  ? 81   HIS A CA  1 
ATOM   553  C C   . HIS A 1 81  ? 1.824   13.400  -6.498  1.00 8.26  ? 81   HIS A C   1 
ATOM   554  O O   . HIS A 1 81  ? 1.542   14.576  -6.744  1.00 9.13  ? 81   HIS A O   1 
ATOM   555  C CB  . HIS A 1 81  ? 3.151   13.632  -4.391  1.00 7.80  ? 81   HIS A CB  1 
ATOM   556  C CG  . HIS A 1 81  ? 3.588   12.967  -3.133  1.00 7.34  ? 81   HIS A CG  1 
ATOM   557  N ND1 . HIS A 1 81  ? 2.821   12.969  -1.987  1.00 8.96  ? 81   HIS A ND1 1 
ATOM   558  C CD2 . HIS A 1 81  ? 4.677   12.212  -2.856  1.00 8.55  ? 81   HIS A CD2 1 
ATOM   559  C CE1 . HIS A 1 81  ? 3.433   12.266  -1.051  1.00 8.69  ? 81   HIS A CE1 1 
ATOM   560  N NE2 . HIS A 1 81  ? 4.560   11.793  -1.551  1.00 7.35  ? 81   HIS A NE2 1 
ATOM   561  N N   . THR A 1 82  ? 2.039   12.492  -7.448  1.00 7.79  ? 82   THR A N   1 
ATOM   562  C CA  . THR A 1 82  ? 2.226   12.895  -8.833  1.00 7.63  ? 82   THR A CA  1 
ATOM   563  C C   . THR A 1 82  ? 1.304   12.212  -9.847  1.00 8.44  ? 82   THR A C   1 
ATOM   564  O O   . THR A 1 82  ? 0.950   12.852  -10.848 1.00 8.71  ? 82   THR A O   1 
ATOM   565  C CB  . THR A 1 82  ? 3.693   12.671  -9.289  1.00 7.26  ? 82   THR A CB  1 
ATOM   566  O OG1 . THR A 1 82  ? 3.982   11.274  -9.325  1.00 6.03  ? 82   THR A OG1 1 
ATOM   567  C CG2 . THR A 1 82  ? 4.660   13.350  -8.348  1.00 6.54  ? 82   THR A CG2 1 
ATOM   568  N N   . SER A 1 83  ? 0.940   10.938  -9.625  1.00 8.66  ? 83   SER A N   1 
ATOM   569  C CA  . SER A 1 83  ? 0.287   10.141  -10.674 1.00 8.95  ? 83   SER A CA  1 
ATOM   570  C C   . SER A 1 83  ? -1.233  10.153  -10.654 1.00 9.12  ? 83   SER A C   1 
ATOM   571  O O   . SER A 1 83  ? -1.841  9.611   -9.724  1.00 9.53  ? 83   SER A O   1 
ATOM   572  C CB  . SER A 1 83  ? 0.745   8.688   -10.652 1.00 9.23  ? 83   SER A CB  1 
ATOM   573  O OG  . SER A 1 83  ? 0.031   7.938   -11.648 1.00 9.50  ? 83   SER A OG  1 
ATOM   574  N N   . VAL A 1 84  ? -1.827  10.739  -11.702 1.00 8.70  ? 84   VAL A N   1 
ATOM   575  C CA  . VAL A 1 84  ? -3.256  10.673  -11.925 1.00 8.62  ? 84   VAL A CA  1 
ATOM   576  C C   . VAL A 1 84  ? -3.607  9.287   -12.478 1.00 9.10  ? 84   VAL A C   1 
ATOM   577  O O   . VAL A 1 84  ? -4.641  8.734   -12.147 1.00 9.56  ? 84   VAL A O   1 
ATOM   578  C CB  . VAL A 1 84  ? -3.748  11.813  -12.897 1.00 9.06  ? 84   VAL A CB  1 
ATOM   579  C CG1 . VAL A 1 84  ? -5.240  11.633  -13.272 1.00 7.24  ? 84   VAL A CG1 1 
ATOM   580  C CG2 . VAL A 1 84  ? -3.473  13.223  -12.291 1.00 6.51  ? 84   VAL A CG2 1 
ATOM   581  N N   . ALA A 1 85  ? -2.735  8.722   -13.307 1.00 9.50  ? 85   ALA A N   1 
ATOM   582  C CA  . ALA A 1 85  ? -2.962  7.392   -13.892 1.00 9.37  ? 85   ALA A CA  1 
ATOM   583  C C   . ALA A 1 85  ? -3.185  6.310   -12.837 1.00 9.44  ? 85   ALA A C   1 
ATOM   584  O O   . ALA A 1 85  ? -4.062  5.467   -12.974 1.00 9.22  ? 85   ALA A O   1 
ATOM   585  C CB  . ALA A 1 85  ? -1.818  7.023   -14.787 1.00 8.68  ? 85   ALA A CB  1 
ATOM   586  N N   . LEU A 1 86  ? -2.396  6.360   -11.776 1.00 9.92  ? 86   LEU A N   1 
ATOM   587  C CA  . LEU A 1 86  ? -2.485  5.393   -10.695 1.00 10.61 ? 86   LEU A CA  1 
ATOM   588  C C   . LEU A 1 86  ? -3.779  5.592   -9.912  1.00 10.94 ? 86   LEU A C   1 
ATOM   589  O O   . LEU A 1 86  ? -4.463  4.630   -9.562  1.00 10.80 ? 86   LEU A O   1 
ATOM   590  C CB  . LEU A 1 86  ? -1.264  5.528   -9.770  1.00 10.51 ? 86   LEU A CB  1 
ATOM   591  C CG  . LEU A 1 86  ? -1.075  4.490   -8.657  1.00 11.93 ? 86   LEU A CG  1 
ATOM   592  C CD1 . LEU A 1 86  ? -1.091  3.052   -9.238  1.00 14.58 ? 86   LEU A CD1 1 
ATOM   593  C CD2 . LEU A 1 86  ? 0.224   4.739   -7.860  1.00 10.62 ? 86   LEU A CD2 1 
ATOM   594  N N   . ARG A 1 87  ? -4.100  6.850   -9.628  1.00 11.28 ? 87   ARG A N   1 
ATOM   595  C CA  . ARG A 1 87  ? -5.365  7.187   -8.983  1.00 11.42 ? 87   ARG A CA  1 
ATOM   596  C C   . ARG A 1 87  ? -6.571  6.648   -9.760  1.00 11.62 ? 87   ARG A C   1 
ATOM   597  O O   . ARG A 1 87  ? -7.507  6.094   -9.160  1.00 11.37 ? 87   ARG A O   1 
ATOM   598  C CB  . ARG A 1 87  ? -5.494  8.695   -8.845  1.00 11.39 ? 87   ARG A CB  1 
ATOM   599  C CG  . ARG A 1 87  ? -6.869  9.152   -8.396  1.00 11.54 ? 87   ARG A CG  1 
ATOM   600  C CD  . ARG A 1 87  ? -7.089  10.570  -8.780  1.00 11.37 ? 87   ARG A CD  1 
ATOM   601  N NE  . ARG A 1 87  ? -8.450  11.024  -8.484  1.00 12.89 ? 87   ARG A NE  1 
ATOM   602  C CZ  . ARG A 1 87  ? -8.798  11.867  -7.510  1.00 12.79 ? 87   ARG A CZ  1 
ATOM   603  N NH1 . ARG A 1 87  ? -7.914  12.369  -6.659  1.00 13.00 ? 87   ARG A NH1 1 
ATOM   604  N NH2 . ARG A 1 87  ? -10.064 12.210  -7.380  1.00 14.57 ? 87   ARG A NH2 1 
ATOM   605  N N   . ASP A 1 88  ? -6.552  6.836   -11.080 1.00 11.58 ? 88   ASP A N   1 
ATOM   606  C CA  . ASP A 1 88  ? -7.639  6.368   -11.944 1.00 12.13 ? 88   ASP A CA  1 
ATOM   607  C C   . ASP A 1 88  ? -7.751  4.831   -11.929 1.00 12.23 ? 88   ASP A C   1 
ATOM   608  O O   . ASP A 1 88  ? -8.852  4.291   -11.822 1.00 12.63 ? 88   ASP A O   1 
ATOM   609  C CB  . ASP A 1 88  ? -7.442  6.877   -13.375 1.00 12.55 ? 88   ASP A CB  1 
ATOM   610  C CG  . ASP A 1 88  ? -7.692  8.383   -13.521 1.00 12.93 ? 88   ASP A CG  1 
ATOM   611  O OD1 . ASP A 1 88  ? -8.317  9.010   -12.649 1.00 13.29 ? 88   ASP A OD1 1 
ATOM   612  O OD2 . ASP A 1 88  ? -7.260  8.947   -14.535 1.00 16.83 ? 88   ASP A OD2 1 
ATOM   613  N N   . ALA A 1 89  ? -6.618  4.132   -12.010 1.00 11.87 ? 89   ALA A N   1 
ATOM   614  C CA  . ALA A 1 89  ? -6.605  2.679   -11.833 1.00 11.57 ? 89   ALA A CA  1 
ATOM   615  C C   . ALA A 1 89  ? -7.238  2.253   -10.499 1.00 11.47 ? 89   ALA A C   1 
ATOM   616  O O   . ALA A 1 89  ? -8.086  1.346   -10.490 1.00 11.33 ? 89   ALA A O   1 
ATOM   617  C CB  . ALA A 1 89  ? -5.187  2.128   -11.939 1.00 11.11 ? 89   ALA A CB  1 
ATOM   618  N N   . CYS A 1 90  ? -6.816  2.886   -9.395  1.00 10.86 ? 90   CYS A N   1 
ATOM   619  C CA  . CYS A 1 90  ? -7.367  2.604   -8.065  1.00 10.87 ? 90   CYS A CA  1 
ATOM   620  C C   . CYS A 1 90  ? -8.866  2.927   -7.942  1.00 11.62 ? 90   CYS A C   1 
ATOM   621  O O   . CYS A 1 90  ? -9.567  2.280   -7.172  1.00 12.07 ? 90   CYS A O   1 
ATOM   622  C CB  . CYS A 1 90  ? -6.629  3.378   -6.973  1.00 10.71 ? 90   CYS A CB  1 
ATOM   623  S SG  . CYS A 1 90  ? -4.943  2.901   -6.696  1.00 8.95  ? 90   CYS A SG  1 
ATOM   624  N N   . ALA A 1 91  ? -9.355  3.914   -8.689  1.00 12.13 ? 91   ALA A N   1 
ATOM   625  C CA  . ALA A 1 91  ? -10.790 4.279   -8.651  1.00 12.57 ? 91   ALA A CA  1 
ATOM   626  C C   . ALA A 1 91  ? -11.708 3.144   -9.117  1.00 12.88 ? 91   ALA A C   1 
ATOM   627  O O   . ALA A 1 91  ? -12.897 3.145   -8.833  1.00 12.44 ? 91   ALA A O   1 
ATOM   628  C CB  . ALA A 1 91  ? -11.046 5.550   -9.483  1.00 12.18 ? 91   ALA A CB  1 
ATOM   629  N N   . GLU A 1 92  ? -11.135 2.177   -9.823  1.00 13.54 ? 92   GLU A N   1 
ATOM   630  C CA  . GLU A 1 92  ? -11.859 1.001   -10.317 1.00 14.64 ? 92   GLU A CA  1 
ATOM   631  C C   . GLU A 1 92  ? -12.097 -0.070  -9.222  1.00 14.60 ? 92   GLU A C   1 
ATOM   632  O O   . GLU A 1 92  ? -13.013 -0.867  -9.330  1.00 15.40 ? 92   GLU A O   1 
ATOM   633  C CB  . GLU A 1 92  ? -11.071 0.390   -11.493 1.00 14.71 ? 92   GLU A CB  1 
ATOM   634  C CG  . GLU A 1 92  ? -11.930 -0.233  -12.557 1.00 17.22 ? 92   GLU A CG  1 
ATOM   635  C CD  . GLU A 1 92  ? -11.113 -0.955  -13.619 1.00 19.87 ? 92   GLU A CD  1 
ATOM   636  O OE1 . GLU A 1 92  ? -9.941  -0.580  -13.825 1.00 19.19 ? 92   GLU A OE1 1 
ATOM   637  O OE2 . GLU A 1 92  ? -11.644 -1.913  -14.245 1.00 21.98 ? 92   GLU A OE2 1 
ATOM   638  N N   . LEU A 1 93  ? -11.282 -0.066  -8.173  1.00 14.60 ? 93   LEU A N   1 
ATOM   639  C CA  . LEU A 1 93  ? -11.383 -1.032  -7.070  1.00 14.58 ? 93   LEU A CA  1 
ATOM   640  C C   . LEU A 1 93  ? -12.743 -0.952  -6.372  1.00 15.15 ? 93   LEU A C   1 
ATOM   641  O O   . LEU A 1 93  ? -13.196 0.127   -5.997  1.00 15.77 ? 93   LEU A O   1 
ATOM   642  C CB  . LEU A 1 93  ? -10.272 -0.771  -6.026  1.00 14.23 ? 93   LEU A CB  1 
ATOM   643  C CG  . LEU A 1 93  ? -8.807  -0.915  -6.467  1.00 12.96 ? 93   LEU A CG  1 
ATOM   644  C CD1 . LEU A 1 93  ? -7.843  -0.356  -5.402  1.00 11.54 ? 93   LEU A CD1 1 
ATOM   645  C CD2 . LEU A 1 93  ? -8.460  -2.370  -6.798  1.00 10.77 ? 93   LEU A CD2 1 
ATOM   646  N N   . SER A 1 94  ? -13.387 -2.097  -6.183  1.00 15.56 ? 94   SER A N   1 
ATOM   647  C CA  . SER A 1 94  ? -14.666 -2.156  -5.467  1.00 15.26 ? 94   SER A CA  1 
ATOM   648  C C   . SER A 1 94  ? -14.475 -2.524  -4.007  1.00 14.63 ? 94   SER A C   1 
ATOM   649  O O   . SER A 1 94  ? -15.314 -2.196  -3.182  1.00 14.81 ? 94   SER A O   1 
ATOM   650  C CB  . SER A 1 94  ? -15.612 -3.169  -6.141  1.00 15.56 ? 94   SER A CB  1 
ATOM   651  O OG  . SER A 1 94  ? -15.071 -4.480  -6.108  1.00 15.57 ? 94   SER A OG  1 
ATOM   652  N N   . ALA A 1 95  ? -13.398 -3.246  -3.698  1.00 14.04 ? 95   ALA A N   1 
ATOM   653  C CA  . ALA A 1 95  ? -13.047 -3.573  -2.312  1.00 13.58 ? 95   ALA A CA  1 
ATOM   654  C C   . ALA A 1 95  ? -12.265 -2.397  -1.717  1.00 13.08 ? 95   ALA A C   1 
ATOM   655  O O   . ALA A 1 95  ? -11.845 -1.519  -2.446  1.00 14.07 ? 95   ALA A O   1 
ATOM   656  C CB  . ALA A 1 95  ? -12.225 -4.835  -2.277  1.00 13.28 ? 95   ALA A CB  1 
ATOM   657  N N   . PRO A 1 96  ? -12.055 -2.373  -0.401  1.00 12.42 ? 96   PRO A N   1 
ATOM   658  C CA  . PRO A 1 96  ? -11.374 -1.221  0.181   1.00 12.10 ? 96   PRO A CA  1 
ATOM   659  C C   . PRO A 1 96  ? -9.929  -0.997  -0.300  1.00 12.04 ? 96   PRO A C   1 
ATOM   660  O O   . PRO A 1 96  ? -9.203  -1.952  -0.624  1.00 12.20 ? 96   PRO A O   1 
ATOM   661  C CB  . PRO A 1 96  ? -11.392 -1.515  1.696   1.00 12.23 ? 96   PRO A CB  1 
ATOM   662  C CG  . PRO A 1 96  ? -12.473 -2.484  1.912   1.00 12.02 ? 96   PRO A CG  1 
ATOM   663  C CD  . PRO A 1 96  ? -12.559 -3.295  0.635   1.00 13.11 ? 96   PRO A CD  1 
ATOM   664  N N   . LEU A 1 97  ? -9.550  0.278   -0.350  1.00 11.25 ? 97   LEU A N   1 
ATOM   665  C CA  . LEU A 1 97  ? -8.188  0.736   -0.629  1.00 10.66 ? 97   LEU A CA  1 
ATOM   666  C C   . LEU A 1 97  ? -7.695  1.442   0.633   1.00 10.19 ? 97   LEU A C   1 
ATOM   667  O O   . LEU A 1 97  ? -8.345  2.407   1.090   1.00 9.83  ? 97   LEU A O   1 
ATOM   668  C CB  . LEU A 1 97  ? -8.201  1.728   -1.800  1.00 9.98  ? 97   LEU A CB  1 
ATOM   669  C CG  . LEU A 1 97  ? -6.920  2.493   -2.130  1.00 9.83  ? 97   LEU A CG  1 
ATOM   670  C CD1 . LEU A 1 97  ? -5.778  1.544   -2.521  1.00 10.27 ? 97   LEU A CD1 1 
ATOM   671  C CD2 . LEU A 1 97  ? -7.201  3.451   -3.256  1.00 8.68  ? 97   LEU A CD2 1 
ATOM   672  N N   . ILE A 1 98  ? -6.574  0.971   1.190   1.00 9.56  ? 98   ILE A N   1 
ATOM   673  C CA  . ILE A 1 98  ? -5.924  1.652   2.317   1.00 9.56  ? 98   ILE A CA  1 
ATOM   674  C C   . ILE A 1 98  ? -4.551  2.200   1.913   1.00 9.48  ? 98   ILE A C   1 
ATOM   675  O O   . ILE A 1 98  ? -3.692  1.461   1.465   1.00 9.74  ? 98   ILE A O   1 
ATOM   676  C CB  . ILE A 1 98  ? -5.752  0.757   3.554   1.00 9.55  ? 98   ILE A CB  1 
ATOM   677  C CG1 . ILE A 1 98  ? -7.001  -0.103  3.821   1.00 10.00 ? 98   ILE A CG1 1 
ATOM   678  C CG2 . ILE A 1 98  ? -5.487  1.605   4.767   1.00 8.86  ? 98   ILE A CG2 1 
ATOM   679  C CD1 . ILE A 1 98  ? -8.248  0.680   4.017   1.00 9.65  ? 98   ILE A CD1 1 
ATOM   680  N N   . GLU A 1 99  ? -4.368  3.510   2.073   1.00 9.13  ? 99   GLU A N   1 
ATOM   681  C CA  . GLU A 1 99  ? -3.126  4.192   1.729   1.00 9.01  ? 99   GLU A CA  1 
ATOM   682  C C   . GLU A 1 99  ? -2.203  4.184   2.952   1.00 8.76  ? 99   GLU A C   1 
ATOM   683  O O   . GLU A 1 99  ? -2.606  4.605   4.042   1.00 8.68  ? 99   GLU A O   1 
ATOM   684  C CB  . GLU A 1 99  ? -3.441  5.628   1.289   1.00 9.24  ? 99   GLU A CB  1 
ATOM   685  C CG  . GLU A 1 99  ? -2.238  6.461   0.853   1.00 10.25 ? 99   GLU A CG  1 
ATOM   686  C CD  . GLU A 1 99  ? -2.581  7.927   0.548   1.00 11.34 ? 99   GLU A CD  1 
ATOM   687  O OE1 . GLU A 1 99  ? -3.772  8.319   0.608   1.00 10.12 ? 99   GLU A OE1 1 
ATOM   688  O OE2 . GLU A 1 99  ? -1.641  8.686   0.250   1.00 11.35 ? 99   GLU A OE2 1 
ATOM   689  N N   . VAL A 1 100 ? -0.978  3.692   2.778   1.00 8.31  ? 100  VAL A N   1 
ATOM   690  C CA  . VAL A 1 100 ? -0.015  3.649   3.865   1.00 8.33  ? 100  VAL A CA  1 
ATOM   691  C C   . VAL A 1 100 ? 1.250   4.383   3.464   1.00 8.50  ? 100  VAL A C   1 
ATOM   692  O O   . VAL A 1 100 ? 1.713   4.234   2.339   1.00 9.19  ? 100  VAL A O   1 
ATOM   693  C CB  . VAL A 1 100 ? 0.348   2.189   4.292   1.00 8.43  ? 100  VAL A CB  1 
ATOM   694  C CG1 . VAL A 1 100 ? 1.440   2.195   5.357   1.00 5.79  ? 100  VAL A CG1 1 
ATOM   695  C CG2 . VAL A 1 100 ? -0.887  1.466   4.800   1.00 7.27  ? 100  VAL A CG2 1 
ATOM   696  N N   . HIS A 1 101 ? 1.768   5.194   4.380   1.00 8.48  ? 101  HIS A N   1 
ATOM   697  C CA  . HIS A 1 101 ? 3.091   5.786   4.267   1.00 8.91  ? 101  HIS A CA  1 
ATOM   698  C C   . HIS A 1 101 ? 3.883   5.518   5.555   1.00 8.97  ? 101  HIS A C   1 
ATOM   699  O O   . HIS A 1 101 ? 3.386   5.655   6.665   1.00 8.62  ? 101  HIS A O   1 
ATOM   700  C CB  . HIS A 1 101 ? 3.000   7.280   3.947   1.00 9.07  ? 101  HIS A CB  1 
ATOM   701  C CG  . HIS A 1 101 ? 2.311   7.556   2.650   1.00 10.44 ? 101  HIS A CG  1 
ATOM   702  N ND1 . HIS A 1 101 ? 2.800   7.097   1.447   1.00 13.24 ? 101  HIS A ND1 1 
ATOM   703  C CD2 . HIS A 1 101 ? 1.137   8.169   2.370   1.00 11.09 ? 101  HIS A CD2 1 
ATOM   704  C CE1 . HIS A 1 101 ? 1.972   7.440   0.477   1.00 13.41 ? 101  HIS A CE1 1 
ATOM   705  N NE2 . HIS A 1 101 ? 0.953   8.092   1.009   1.00 13.06 ? 101  HIS A NE2 1 
ATOM   706  N N   . ILE A 1 102 ? 5.121   5.089   5.380   1.00 9.46  ? 102  ILE A N   1 
ATOM   707  C CA  . ILE A 1 102 ? 5.971   4.755   6.488   1.00 9.82  ? 102  ILE A CA  1 
ATOM   708  C C   . ILE A 1 102 ? 6.251   6.041   7.274   1.00 10.27 ? 102  ILE A C   1 
ATOM   709  O O   . ILE A 1 102 ? 6.022   6.093   8.493   1.00 10.85 ? 102  ILE A O   1 
ATOM   710  C CB  . ILE A 1 102 ? 7.273   4.030   5.986   1.00 9.99  ? 102  ILE A CB  1 
ATOM   711  C CG1 . ILE A 1 102 ? 6.918   2.656   5.407   1.00 8.91  ? 102  ILE A CG1 1 
ATOM   712  C CG2 . ILE A 1 102 ? 8.312   3.886   7.111   1.00 8.54  ? 102  ILE A CG2 1 
ATOM   713  C CD1 . ILE A 1 102 ? 8.096   1.937   4.717   1.00 9.12  ? 102  ILE A CD1 1 
ATOM   714  N N   . SER A 1 103 ? 6.705   7.076   6.575   1.00 10.18 ? 103  SER A N   1 
ATOM   715  C CA  . SER A 1 103 ? 7.037   8.348   7.211   1.00 10.80 ? 103  SER A CA  1 
ATOM   716  C C   . SER A 1 103 ? 5.789   9.228   7.366   1.00 11.12 ? 103  SER A C   1 
ATOM   717  O O   . SER A 1 103 ? 4.773   9.019   6.694   1.00 10.96 ? 103  SER A O   1 
ATOM   718  C CB  . SER A 1 103 ? 8.081   9.109   6.382   1.00 10.74 ? 103  SER A CB  1 
ATOM   719  O OG  . SER A 1 103 ? 7.520   9.627   5.183   1.00 11.21 ? 103  SER A OG  1 
ATOM   720  N N   . ASN A 1 104 ? 5.874   10.223  8.244   1.00 11.58 ? 104  ASN A N   1 
ATOM   721  C CA  . ASN A 1 104 ? 4.806   11.209  8.368   1.00 11.71 ? 104  ASN A CA  1 
ATOM   722  C C   . ASN A 1 104 ? 4.969   12.258  7.262   1.00 12.32 ? 104  ASN A C   1 
ATOM   723  O O   . ASN A 1 104 ? 5.736   13.221  7.405   1.00 12.34 ? 104  ASN A O   1 
ATOM   724  C CB  . ASN A 1 104 ? 4.812   11.849  9.750   1.00 11.29 ? 104  ASN A CB  1 
ATOM   725  C CG  . ASN A 1 104 ? 3.689   12.833  9.929   1.00 10.74 ? 104  ASN A CG  1 
ATOM   726  O OD1 . ASN A 1 104 ? 2.996   13.170  8.965   1.00 7.47  ? 104  ASN A OD1 1 
ATOM   727  N ND2 . ASN A 1 104 ? 3.491   13.306  11.171  1.00 9.78  ? 104  ASN A ND2 1 
ATOM   728  N N   . VAL A 1 105 ? 4.233   12.060  6.167   1.00 12.98 ? 105  VAL A N   1 
ATOM   729  C CA  . VAL A 1 105 ? 4.344   12.895  4.975   1.00 13.68 ? 105  VAL A CA  1 
ATOM   730  C C   . VAL A 1 105 ? 3.860   14.327  5.216   1.00 14.50 ? 105  VAL A C   1 
ATOM   731  O O   . VAL A 1 105 ? 4.089   15.203  4.383   1.00 14.76 ? 105  VAL A O   1 
ATOM   732  C CB  . VAL A 1 105 ? 3.573   12.283  3.738   1.00 14.04 ? 105  VAL A CB  1 
ATOM   733  C CG1 . VAL A 1 105 ? 4.220   10.970  3.272   1.00 12.80 ? 105  VAL A CG1 1 
ATOM   734  C CG2 . VAL A 1 105 ? 2.085   12.079  4.044   1.00 13.46 ? 105  VAL A CG2 1 
ATOM   735  N N   . HIS A 1 106 ? 3.194   14.575  6.345   1.00 15.24 ? 106  HIS A N   1 
ATOM   736  C CA  . HIS A 1 106 ? 2.777   15.932  6.693   1.00 15.66 ? 106  HIS A CA  1 
ATOM   737  C C   . HIS A 1 106 ? 3.803   16.693  7.490   1.00 15.64 ? 106  HIS A C   1 
ATOM   738  O O   . HIS A 1 106 ? 3.596   17.851  7.790   1.00 16.19 ? 106  HIS A O   1 
ATOM   739  C CB  . HIS A 1 106 ? 1.432   15.920  7.413   1.00 15.89 ? 106  HIS A CB  1 
ATOM   740  C CG  . HIS A 1 106 ? 0.351   15.291  6.602   1.00 16.37 ? 106  HIS A CG  1 
ATOM   741  N ND1 . HIS A 1 106 ? -0.117  14.019  6.849   1.00 17.51 ? 106  HIS A ND1 1 
ATOM   742  C CD2 . HIS A 1 106 ? -0.305  15.733  5.506   1.00 17.83 ? 106  HIS A CD2 1 
ATOM   743  C CE1 . HIS A 1 106 ? -1.032  13.709  5.947   1.00 18.55 ? 106  HIS A CE1 1 
ATOM   744  N NE2 . HIS A 1 106 ? -1.162  14.729  5.117   1.00 19.82 ? 106  HIS A NE2 1 
ATOM   745  N N   . ALA A 1 107 ? 4.931   16.077  7.801   1.00 15.82 ? 107  ALA A N   1 
ATOM   746  C CA  . ALA A 1 107 ? 5.972   16.778  8.567   1.00 16.17 ? 107  ALA A CA  1 
ATOM   747  C C   . ALA A 1 107 ? 7.189   17.131  7.706   1.00 16.45 ? 107  ALA A C   1 
ATOM   748  O O   . ALA A 1 107 ? 8.207   17.604  8.220   1.00 16.04 ? 107  ALA A O   1 
ATOM   749  C CB  . ALA A 1 107 ? 6.404   15.936  9.810   1.00 15.43 ? 107  ALA A CB  1 
ATOM   750  N N   . ARG A 1 108 ? 7.082   16.909  6.403   1.00 17.60 ? 108  ARG A N   1 
ATOM   751  C CA  . ARG A 1 108 ? 8.220   17.080  5.494   1.00 18.58 ? 108  ARG A CA  1 
ATOM   752  C C   . ARG A 1 108 ? 7.926   18.202  4.468   1.00 18.57 ? 108  ARG A C   1 
ATOM   753  O O   . ARG A 1 108 ? 7.236   19.162  4.804   1.00 19.20 ? 108  ARG A O   1 
ATOM   754  C CB  . ARG A 1 108 ? 8.526   15.735  4.840   1.00 19.05 ? 108  ARG A CB  1 
ATOM   755  C CG  . ARG A 1 108 ? 8.632   14.559  5.855   1.00 21.08 ? 108  ARG A CG  1 
ATOM   756  C CD  . ARG A 1 108 ? 8.671   13.219  5.137   1.00 21.67 ? 108  ARG A CD  1 
ATOM   757  N NE  . ARG A 1 108 ? 9.884   13.119  4.353   1.00 21.95 ? 108  ARG A NE  1 
ATOM   758  C CZ  . ARG A 1 108 ? 10.213  12.076  3.602   1.00 23.65 ? 108  ARG A CZ  1 
ATOM   759  N NH1 . ARG A 1 108 ? 9.410   11.020  3.495   1.00 23.35 ? 108  ARG A NH1 1 
ATOM   760  N NH2 . ARG A 1 108 ? 11.363  12.108  2.945   1.00 24.62 ? 108  ARG A NH2 1 
ATOM   761  N N   . GLU A 1 109 ? 8.433   18.094  3.245   1.00 18.17 ? 109  GLU A N   1 
ATOM   762  C CA  . GLU A 1 109 ? 8.195   19.114  2.235   1.00 18.27 ? 109  GLU A CA  1 
ATOM   763  C C   . GLU A 1 109 ? 6.704   19.225  1.892   1.00 18.03 ? 109  GLU A C   1 
ATOM   764  O O   . GLU A 1 109 ? 5.984   18.234  1.851   1.00 18.49 ? 109  GLU A O   1 
ATOM   765  C CB  . GLU A 1 109 ? 8.990   18.821  0.944   1.00 18.69 ? 109  GLU A CB  1 
ATOM   766  C CG  . GLU A 1 109 ? 10.519  18.569  1.123   1.00 19.99 ? 109  GLU A CG  1 
ATOM   767  C CD  . GLU A 1 109 ? 10.875  17.087  1.292   1.00 23.18 ? 109  GLU A CD  1 
ATOM   768  O OE1 . GLU A 1 109 ? 10.170  16.391  2.062   1.00 23.53 ? 109  GLU A OE1 1 
ATOM   769  O OE2 . GLU A 1 109 ? 11.857  16.616  0.656   1.00 24.87 ? 109  GLU A OE2 1 
ATOM   770  N N   . GLU A 1 110 ? 6.256   20.449  1.639   1.00 17.75 ? 110  GLU A N   1 
ATOM   771  C CA  . GLU A 1 110 ? 4.893   20.738  1.203   1.00 17.17 ? 110  GLU A CA  1 
ATOM   772  C C   . GLU A 1 110 ? 4.379   19.824  0.087   1.00 16.55 ? 110  GLU A C   1 
ATOM   773  O O   . GLU A 1 110 ? 3.233   19.390  0.142   1.00 16.12 ? 110  GLU A O   1 
ATOM   774  C CB  . GLU A 1 110 ? 4.787   22.211  0.783   1.00 17.20 ? 110  GLU A CB  1 
ATOM   775  C CG  . GLU A 1 110 ? 3.395   22.669  0.318   1.00 18.76 ? 110  GLU A CG  1 
ATOM   776  C CD  . GLU A 1 110 ? 2.318   22.557  1.393   1.00 21.28 ? 110  GLU A CD  1 
ATOM   777  O OE1 . GLU A 1 110 ? 2.675   22.480  2.582   1.00 25.60 ? 110  GLU A OE1 1 
ATOM   778  O OE2 . GLU A 1 110 ? 1.107   22.569  1.061   1.00 22.63 ? 110  GLU A OE2 1 
ATOM   779  N N   . PHE A 1 111 ? 5.206   19.501  -0.908  1.00 16.02 ? 111  PHE A N   1 
ATOM   780  C CA  . PHE A 1 111 ? 4.729   18.632  -1.991  1.00 15.41 ? 111  PHE A CA  1 
ATOM   781  C C   . PHE A 1 111 ? 4.270   17.243  -1.522  1.00 15.68 ? 111  PHE A C   1 
ATOM   782  O O   . PHE A 1 111 ? 3.413   16.617  -2.166  1.00 15.78 ? 111  PHE A O   1 
ATOM   783  C CB  . PHE A 1 111 ? 5.717   18.529  -3.156  1.00 15.31 ? 111  PHE A CB  1 
ATOM   784  C CG  . PHE A 1 111 ? 7.048   17.902  -2.821  1.00 13.54 ? 111  PHE A CG  1 
ATOM   785  C CD1 . PHE A 1 111 ? 7.177   16.534  -2.711  1.00 12.47 ? 111  PHE A CD1 1 
ATOM   786  C CD2 . PHE A 1 111 ? 8.188   18.687  -2.734  1.00 12.40 ? 111  PHE A CD2 1 
ATOM   787  C CE1 . PHE A 1 111 ? 8.399   15.961  -2.450  1.00 12.46 ? 111  PHE A CE1 1 
ATOM   788  C CE2 . PHE A 1 111 ? 9.429   18.127  -2.475  1.00 12.35 ? 111  PHE A CE2 1 
ATOM   789  C CZ  . PHE A 1 111 ? 9.539   16.771  -2.329  1.00 13.20 ? 111  PHE A CZ  1 
ATOM   790  N N   . ARG A 1 112 ? 4.821   16.769  -0.405  1.00 15.82 ? 112  ARG A N   1 
ATOM   791  C CA  . ARG A 1 112 ? 4.422   15.469  0.149   1.00 15.89 ? 112  ARG A CA  1 
ATOM   792  C C   . ARG A 1 112 ? 3.072   15.488  0.884   1.00 15.92 ? 112  ARG A C   1 
ATOM   793  O O   . ARG A 1 112 ? 2.575   14.433  1.261   1.00 16.11 ? 112  ARG A O   1 
ATOM   794  C CB  . ARG A 1 112 ? 5.498   14.925  1.084   1.00 15.67 ? 112  ARG A CB  1 
ATOM   795  C CG  . ARG A 1 112 ? 6.727   14.468  0.370   1.00 15.36 ? 112  ARG A CG  1 
ATOM   796  C CD  . ARG A 1 112 ? 7.693   13.806  1.317   1.00 13.69 ? 112  ARG A CD  1 
ATOM   797  N NE  . ARG A 1 112 ? 9.043   14.016  0.834   1.00 13.53 ? 112  ARG A NE  1 
ATOM   798  C CZ  . ARG A 1 112 ? 9.601   13.332  -0.155  1.00 14.25 ? 112  ARG A CZ  1 
ATOM   799  N NH1 . ARG A 1 112 ? 8.937   12.339  -0.768  1.00 14.72 ? 112  ARG A NH1 1 
ATOM   800  N NH2 . ARG A 1 112 ? 10.845  13.622  -0.516  1.00 12.43 ? 112  ARG A NH2 1 
ATOM   801  N N   . ARG A 1 113 ? 2.480   16.667  1.069   1.00 15.66 ? 113  ARG A N   1 
ATOM   802  C CA  . ARG A 1 113 ? 1.235   16.803  1.826   1.00 15.64 ? 113  ARG A CA  1 
ATOM   803  C C   . ARG A 1 113 ? 0.002   16.752  0.930   1.00 15.79 ? 113  ARG A C   1 
ATOM   804  O O   . ARG A 1 113 ? -1.120  16.936  1.399   1.00 15.88 ? 113  ARG A O   1 
ATOM   805  C CB  . ARG A 1 113 ? 1.246   18.105  2.644   1.00 15.55 ? 113  ARG A CB  1 
ATOM   806  C CG  . ARG A 1 113 ? 2.522   18.282  3.434   1.00 16.22 ? 113  ARG A CG  1 
ATOM   807  C CD  . ARG A 1 113 ? 2.473   19.410  4.421   1.00 17.36 ? 113  ARG A CD  1 
ATOM   808  N NE  . ARG A 1 113 ? 3.756   19.534  5.118   1.00 18.95 ? 113  ARG A NE  1 
ATOM   809  C CZ  . ARG A 1 113 ? 3.994   20.302  6.191   1.00 19.09 ? 113  ARG A CZ  1 
ATOM   810  N NH1 . ARG A 1 113 ? 3.034   21.065  6.736   1.00 19.41 ? 113  ARG A NH1 1 
ATOM   811  N NH2 . ARG A 1 113 ? 5.207   20.291  6.737   1.00 16.62 ? 113  ARG A NH2 1 
ATOM   812  N N   . HIS A 1 114 ? 0.208   16.504  -0.360  1.00 16.04 ? 114  HIS A N   1 
ATOM   813  C CA  . HIS A 1 114 ? -0.889  16.248  -1.292  1.00 15.87 ? 114  HIS A CA  1 
ATOM   814  C C   . HIS A 1 114 ? -0.729  14.869  -1.896  1.00 14.21 ? 114  HIS A C   1 
ATOM   815  O O   . HIS A 1 114 ? 0.358   14.480  -2.325  1.00 13.74 ? 114  HIS A O   1 
ATOM   816  C CB  . HIS A 1 114 ? -0.909  17.339  -2.349  1.00 16.63 ? 114  HIS A CB  1 
ATOM   817  C CG  . HIS A 1 114 ? -0.737  18.690  -1.748  1.00 20.66 ? 114  HIS A CG  1 
ATOM   818  N ND1 . HIS A 1 114 ? -1.759  19.331  -1.072  1.00 24.17 ? 114  HIS A ND1 1 
ATOM   819  C CD2 . HIS A 1 114 ? 0.366   19.464  -1.596  1.00 23.45 ? 114  HIS A CD2 1 
ATOM   820  C CE1 . HIS A 1 114 ? -1.298  20.466  -0.571  1.00 25.61 ? 114  HIS A CE1 1 
ATOM   821  N NE2 . HIS A 1 114 ? -0.011  20.566  -0.869  1.00 24.72 ? 114  HIS A NE2 1 
ATOM   822  N N   . SER A 1 115 ? -1.825  14.129  -1.868  1.00 12.85 ? 115  SER A N   1 
ATOM   823  C CA  . SER A 1 115 ? -1.910  12.801  -2.426  1.00 11.75 ? 115  SER A CA  1 
ATOM   824  C C   . SER A 1 115 ? -3.068  12.758  -3.408  1.00 11.09 ? 115  SER A C   1 
ATOM   825  O O   . SER A 1 115 ? -4.167  13.136  -3.050  1.00 10.59 ? 115  SER A O   1 
ATOM   826  C CB  . SER A 1 115 ? -2.154  11.799  -1.299  1.00 11.39 ? 115  SER A CB  1 
ATOM   827  O OG  . SER A 1 115 ? -2.546  10.538  -1.813  1.00 11.12 ? 115  SER A OG  1 
ATOM   828  N N   . TYR A 1 116 ? -2.835  12.284  -4.632  1.00 10.67 ? 116  TYR A N   1 
ATOM   829  C CA  . TYR A 1 116 ? -3.946  11.996  -5.550  1.00 10.51 ? 116  TYR A CA  1 
ATOM   830  C C   . TYR A 1 116 ? -4.800  10.791  -5.080  1.00 10.43 ? 116  TYR A C   1 
ATOM   831  O O   . TYR A 1 116 ? -5.922  10.604  -5.557  1.00 10.70 ? 116  TYR A O   1 
ATOM   832  C CB  . TYR A 1 116 ? -3.443  11.748  -6.971  1.00 10.79 ? 116  TYR A CB  1 
ATOM   833  C CG  . TYR A 1 116 ? -3.032  12.994  -7.737  1.00 11.30 ? 116  TYR A CG  1 
ATOM   834  C CD1 . TYR A 1 116 ? -3.981  13.850  -8.265  1.00 12.73 ? 116  TYR A CD1 1 
ATOM   835  C CD2 . TYR A 1 116 ? -1.687  13.289  -7.965  1.00 13.32 ? 116  TYR A CD2 1 
ATOM   836  C CE1 . TYR A 1 116 ? -3.612  14.991  -8.980  1.00 13.15 ? 116  TYR A CE1 1 
ATOM   837  C CE2 . TYR A 1 116 ? -1.308  14.425  -8.665  1.00 14.43 ? 116  TYR A CE2 1 
ATOM   838  C CZ  . TYR A 1 116 ? -2.279  15.267  -9.175  1.00 13.94 ? 116  TYR A CZ  1 
ATOM   839  O OH  . TYR A 1 116 ? -1.920  16.384  -9.880  1.00 15.13 ? 116  TYR A OH  1 
ATOM   840  N N   . LEU A 1 117 ? -4.287  10.000  -4.137  1.00 9.60  ? 117  LEU A N   1 
ATOM   841  C CA  . LEU A 1 117 ? -4.948  8.777   -3.685  1.00 9.18  ? 117  LEU A CA  1 
ATOM   842  C C   . LEU A 1 117 ? -5.883  8.933   -2.480  1.00 9.22  ? 117  LEU A C   1 
ATOM   843  O O   . LEU A 1 117 ? -6.845  8.180   -2.315  1.00 8.87  ? 117  LEU A O   1 
ATOM   844  C CB  . LEU A 1 117 ? -3.884  7.736   -3.318  1.00 9.02  ? 117  LEU A CB  1 
ATOM   845  C CG  . LEU A 1 117 ? -2.924  7.278   -4.404  1.00 7.28  ? 117  LEU A CG  1 
ATOM   846  C CD1 . LEU A 1 117 ? -1.908  6.300   -3.797  1.00 7.25  ? 117  LEU A CD1 1 
ATOM   847  C CD2 . LEU A 1 117 ? -3.738  6.642   -5.507  1.00 4.46  ? 117  LEU A CD2 1 
ATOM   848  N N   . SER A 1 118 ? -5.595  9.897   -1.622  1.00 9.58  ? 118  SER A N   1 
ATOM   849  C CA  . SER A 1 118 ? -6.324  10.004  -0.367  1.00 9.56  ? 118  SER A CA  1 
ATOM   850  C C   . SER A 1 118 ? -7.835  10.183  -0.571  1.00 9.75  ? 118  SER A C   1 
ATOM   851  O O   . SER A 1 118 ? -8.611  9.525   0.128   1.00 10.14 ? 118  SER A O   1 
ATOM   852  C CB  . SER A 1 118 ? -5.745  11.110  0.515   1.00 9.39  ? 118  SER A CB  1 
ATOM   853  O OG  . SER A 1 118 ? -4.423  10.809  0.921   1.00 9.92  ? 118  SER A OG  1 
ATOM   854  N N   . PRO A 1 119 ? -8.253  11.033  -1.533  1.00 9.86  ? 119  PRO A N   1 
ATOM   855  C CA  . PRO A 1 119 ? -9.680  11.276  -1.712  1.00 10.53 ? 119  PRO A CA  1 
ATOM   856  C C   . PRO A 1 119 ? -10.499 10.085  -2.181  1.00 11.11 ? 119  PRO A C   1 
ATOM   857  O O   . PRO A 1 119 ? -11.706 10.089  -2.007  1.00 12.02 ? 119  PRO A O   1 
ATOM   858  C CB  . PRO A 1 119 ? -9.729  12.394  -2.767  1.00 10.70 ? 119  PRO A CB  1 
ATOM   859  C CG  . PRO A 1 119 ? -8.395  13.050  -2.700  1.00 10.30 ? 119  PRO A CG  1 
ATOM   860  C CD  . PRO A 1 119 ? -7.457  11.909  -2.416  1.00 10.04 ? 119  PRO A CD  1 
ATOM   861  N N   . ILE A 1 120 ? -9.864  9.071   -2.753  1.00 11.94 ? 120  ILE A N   1 
ATOM   862  C CA  . ILE A 1 120 ? -10.587 7.864   -3.187  1.00 12.29 ? 120  ILE A CA  1 
ATOM   863  C C   . ILE A 1 120 ? -10.293 6.644   -2.309  1.00 11.81 ? 120  ILE A C   1 
ATOM   864  O O   . ILE A 1 120 ? -10.900 5.606   -2.504  1.00 12.71 ? 120  ILE A O   1 
ATOM   865  C CB  . ILE A 1 120 ? -10.284 7.509   -4.668  1.00 12.83 ? 120  ILE A CB  1 
ATOM   866  C CG1 . ILE A 1 120 ? -8.826  7.081   -4.850  1.00 13.85 ? 120  ILE A CG1 1 
ATOM   867  C CG2 . ILE A 1 120 ? -10.598 8.710   -5.575  1.00 13.50 ? 120  ILE A CG2 1 
ATOM   868  C CD1 . ILE A 1 120 ? -8.572  6.424   -6.191  1.00 16.91 ? 120  ILE A CD1 1 
ATOM   869  N N   . ALA A 1 121 ? -9.348  6.759   -1.373  1.00 10.71 ? 121  ALA A N   1 
ATOM   870  C CA  . ALA A 1 121 ? -9.039  5.683   -0.436  1.00 9.61  ? 121  ALA A CA  1 
ATOM   871  C C   . ALA A 1 121 ? -10.110 5.613   0.648   1.00 8.65  ? 121  ALA A C   1 
ATOM   872  O O   . ALA A 1 121 ? -10.731 6.596   0.970   1.00 8.34  ? 121  ALA A O   1 
ATOM   873  C CB  . ALA A 1 121 ? -7.655  5.909   0.198   1.00 9.64  ? 121  ALA A CB  1 
ATOM   874  N N   . THR A 1 122 ? -10.315 4.434   1.204   1.00 8.16  ? 122  THR A N   1 
ATOM   875  C CA  . THR A 1 122 ? -11.197 4.255   2.336   1.00 7.52  ? 122  THR A CA  1 
ATOM   876  C C   . THR A 1 122 ? -10.640 5.010   3.550   1.00 7.39  ? 122  THR A C   1 
ATOM   877  O O   . THR A 1 122 ? -11.364 5.743   4.244   1.00 7.86  ? 122  THR A O   1 
ATOM   878  C CB  . THR A 1 122 ? -11.306 2.773   2.687   1.00 7.60  ? 122  THR A CB  1 
ATOM   879  O OG1 . THR A 1 122 ? -11.776 2.061   1.545   1.00 7.71  ? 122  THR A OG1 1 
ATOM   880  C CG2 . THR A 1 122 ? -12.264 2.548   3.857   1.00 6.88  ? 122  THR A CG2 1 
ATOM   881  N N   . GLY A 1 123 ? -9.347  4.834   3.780   1.00 6.47  ? 123  GLY A N   1 
ATOM   882  C CA  . GLY A 1 123 ? -8.623  5.557   4.805   1.00 6.01  ? 123  GLY A CA  1 
ATOM   883  C C   . GLY A 1 123 ? -7.135  5.547   4.532   1.00 5.68  ? 123  GLY A C   1 
ATOM   884  O O   . GLY A 1 123 ? -6.677  4.991   3.542   1.00 4.89  ? 123  GLY A O   1 
ATOM   885  N N   . VAL A 1 124 ? -6.385  6.171   5.434   1.00 5.83  ? 124  VAL A N   1 
ATOM   886  C CA  . VAL A 1 124 ? -4.983  6.473   5.227   1.00 5.81  ? 124  VAL A CA  1 
ATOM   887  C C   . VAL A 1 124 ? -4.247  6.440   6.542   1.00 6.05  ? 124  VAL A C   1 
ATOM   888  O O   . VAL A 1 124 ? -4.732  6.978   7.509   1.00 6.11  ? 124  VAL A O   1 
ATOM   889  C CB  . VAL A 1 124 ? -4.825  7.879   4.643   1.00 6.24  ? 124  VAL A CB  1 
ATOM   890  C CG1 . VAL A 1 124 ? -3.323  8.185   4.341   1.00 4.85  ? 124  VAL A CG1 1 
ATOM   891  C CG2 . VAL A 1 124 ? -5.717  8.014   3.394   1.00 5.00  ? 124  VAL A CG2 1 
ATOM   892  N N   . ILE A 1 125 ? -3.076  5.812   6.560   1.00 6.70  ? 125  ILE A N   1 
ATOM   893  C CA  . ILE A 1 125 ? -2.244  5.709   7.751   1.00 7.01  ? 125  ILE A CA  1 
ATOM   894  C C   . ILE A 1 125 ? -0.856  6.206   7.391   1.00 8.09  ? 125  ILE A C   1 
ATOM   895  O O   . ILE A 1 125 ? -0.296  5.762   6.395   1.00 8.50  ? 125  ILE A O   1 
ATOM   896  C CB  . ILE A 1 125 ? -2.099  4.248   8.228   1.00 6.70  ? 125  ILE A CB  1 
ATOM   897  C CG1 . ILE A 1 125 ? -3.458  3.653   8.607   1.00 6.91  ? 125  ILE A CG1 1 
ATOM   898  C CG2 . ILE A 1 125 ? -1.126  4.151   9.419   1.00 5.30  ? 125  ILE A CG2 1 
ATOM   899  C CD1 . ILE A 1 125 ? -3.435  2.140   8.859   1.00 6.96  ? 125  ILE A CD1 1 
ATOM   900  N N   . VAL A 1 126 ? -0.291  7.117   8.184   1.00 8.83  ? 126  VAL A N   1 
ATOM   901  C CA  . VAL A 1 126 ? 1.064   7.608   7.903   1.00 9.53  ? 126  VAL A CA  1 
ATOM   902  C C   . VAL A 1 126 ? 1.858   7.815   9.181   1.00 10.00 ? 126  VAL A C   1 
ATOM   903  O O   . VAL A 1 126 ? 1.289   8.114   10.228  1.00 10.46 ? 126  VAL A O   1 
ATOM   904  C CB  . VAL A 1 126 ? 1.050   8.928   7.074   1.00 9.71  ? 126  VAL A CB  1 
ATOM   905  C CG1 . VAL A 1 126 ? 0.123   8.785   5.869   1.00 9.13  ? 126  VAL A CG1 1 
ATOM   906  C CG2 . VAL A 1 126 ? 0.629   10.105  7.938   1.00 8.83  ? 126  VAL A CG2 1 
ATOM   907  N N   . GLY A 1 127 ? 3.167   7.613   9.096   1.00 10.15 ? 127  GLY A N   1 
ATOM   908  C CA  . GLY A 1 127 ? 4.073   7.983   10.183  1.00 10.41 ? 127  GLY A CA  1 
ATOM   909  C C   . GLY A 1 127 ? 4.199   6.999   11.325  1.00 10.62 ? 127  GLY A C   1 
ATOM   910  O O   . GLY A 1 127 ? 4.881   7.290   12.311  1.00 10.49 ? 127  GLY A O   1 
ATOM   911  N N   . LEU A 1 128 ? 3.552   5.838   11.190  1.00 10.65 ? 128  LEU A N   1 
ATOM   912  C CA  . LEU A 1 128 ? 3.601   4.798   12.203  1.00 10.58 ? 128  LEU A CA  1 
ATOM   913  C C   . LEU A 1 128 ? 4.542   3.713   11.755  1.00 11.05 ? 128  LEU A C   1 
ATOM   914  O O   . LEU A 1 128 ? 4.514   2.592   12.253  1.00 11.92 ? 128  LEU A O   1 
ATOM   915  C CB  . LEU A 1 128 ? 2.207   4.228   12.465  1.00 10.40 ? 128  LEU A CB  1 
ATOM   916  C CG  . LEU A 1 128 ? 1.170   5.267   12.935  1.00 9.30  ? 128  LEU A CG  1 
ATOM   917  C CD1 . LEU A 1 128 ? -0.201  4.622   13.200  1.00 3.91  ? 128  LEU A CD1 1 
ATOM   918  C CD2 . LEU A 1 128 ? 1.699   6.027   14.168  1.00 6.83  ? 128  LEU A CD2 1 
ATOM   919  N N   . GLY A 1 129 ? 5.392   4.049   10.807  1.00 11.28 ? 129  GLY A N   1 
ATOM   920  C CA  . GLY A 1 129 ? 6.389   3.123   10.354  1.00 11.57 ? 129  GLY A CA  1 
ATOM   921  C C   . GLY A 1 129 ? 5.806   1.929   9.626   1.00 11.90 ? 129  GLY A C   1 
ATOM   922  O O   . GLY A 1 129 ? 4.689   1.946   9.114   1.00 11.14 ? 129  GLY A O   1 
ATOM   923  N N   . ILE A 1 130 ? 6.614   0.886   9.588   1.00 12.48 ? 130  ILE A N   1 
ATOM   924  C CA  . ILE A 1 130 ? 6.252   -0.376  8.991   1.00 13.06 ? 130  ILE A CA  1 
ATOM   925  C C   . ILE A 1 130 ? 5.012   -0.995  9.661   1.00 12.51 ? 130  ILE A C   1 
ATOM   926  O O   . ILE A 1 130 ? 4.234   -1.683  9.002   1.00 12.45 ? 130  ILE A O   1 
ATOM   927  C CB  . ILE A 1 130 ? 7.501   -1.309  8.985   1.00 13.65 ? 130  ILE A CB  1 
ATOM   928  C CG1 . ILE A 1 130 ? 8.236   -1.111  7.653   1.00 15.30 ? 130  ILE A CG1 1 
ATOM   929  C CG2 . ILE A 1 130 ? 7.132   -2.768  9.179   1.00 15.39 ? 130  ILE A CG2 1 
ATOM   930  C CD1 . ILE A 1 130 ? 9.643   -1.601  7.668   1.00 18.06 ? 130  ILE A CD1 1 
ATOM   931  N N   . GLN A 1 131 ? 4.788   -0.702  10.939  1.00 12.06 ? 131  GLN A N   1 
ATOM   932  C CA  . GLN A 1 131 ? 3.582   -1.193  11.600  1.00 11.74 ? 131  GLN A CA  1 
ATOM   933  C C   . GLN A 1 131 ? 2.295   -0.723  10.948  1.00 11.05 ? 131  GLN A C   1 
ATOM   934  O O   . GLN A 1 131 ? 1.280   -1.386  11.080  1.00 11.54 ? 131  GLN A O   1 
ATOM   935  C CB  . GLN A 1 131 ? 3.548   -0.839  13.085  1.00 11.81 ? 131  GLN A CB  1 
ATOM   936  C CG  . GLN A 1 131 ? 2.846   -1.923  13.867  1.00 13.06 ? 131  GLN A CG  1 
ATOM   937  C CD  . GLN A 1 131 ? 2.587   -1.551  15.274  1.00 14.51 ? 131  GLN A CD  1 
ATOM   938  O OE1 . GLN A 1 131 ? 3.302   -0.722  15.863  1.00 15.85 ? 131  GLN A OE1 1 
ATOM   939  N NE2 . GLN A 1 131 ? 1.540   -2.140  15.843  1.00 14.67 ? 131  GLN A NE2 1 
ATOM   940  N N   . GLY A 1 132 ? 2.335   0.417   10.263  1.00 10.28 ? 132  GLY A N   1 
ATOM   941  C CA  . GLY A 1 132 ? 1.204   0.894   9.478   1.00 9.63  ? 132  GLY A CA  1 
ATOM   942  C C   . GLY A 1 132 ? 0.585   -0.155  8.570   1.00 9.19  ? 132  GLY A C   1 
ATOM   943  O O   . GLY A 1 132 ? -0.647  -0.267  8.520   1.00 8.95  ? 132  GLY A O   1 
ATOM   944  N N   . TYR A 1 133 ? 1.428   -0.915  7.852   1.00 8.18  ? 133  TYR A N   1 
ATOM   945  C CA  . TYR A 1 133 ? 0.955   -2.033  7.007   1.00 7.90  ? 133  TYR A CA  1 
ATOM   946  C C   . TYR A 1 133 ? 0.215   -3.103  7.798   1.00 7.91  ? 133  TYR A C   1 
ATOM   947  O O   . TYR A 1 133 ? -0.817  -3.615  7.363   1.00 6.67  ? 133  TYR A O   1 
ATOM   948  C CB  . TYR A 1 133 ? 2.105   -2.745  6.306   1.00 7.46  ? 133  TYR A CB  1 
ATOM   949  C CG  . TYR A 1 133 ? 2.832   -1.947  5.244   1.00 7.47  ? 133  TYR A CG  1 
ATOM   950  C CD1 . TYR A 1 133 ? 2.389   -1.932  3.928   1.00 5.76  ? 133  TYR A CD1 1 
ATOM   951  C CD2 . TYR A 1 133 ? 3.998   -1.249  5.553   1.00 6.81  ? 133  TYR A CD2 1 
ATOM   952  C CE1 . TYR A 1 133 ? 3.075   -1.231  2.954   1.00 6.03  ? 133  TYR A CE1 1 
ATOM   953  C CE2 . TYR A 1 133 ? 4.683   -0.559  4.597   1.00 8.16  ? 133  TYR A CE2 1 
ATOM   954  C CZ  . TYR A 1 133 ? 4.219   -0.550  3.286   1.00 7.39  ? 133  TYR A CZ  1 
ATOM   955  O OH  . TYR A 1 133 ? 4.920   0.161   2.335   1.00 6.39  ? 133  TYR A OH  1 
ATOM   956  N N   . LEU A 1 134 ? 0.777   -3.464  8.952   1.00 8.58  ? 134  LEU A N   1 
ATOM   957  C CA  . LEU A 1 134 ? 0.151   -4.460  9.824   1.00 8.92  ? 134  LEU A CA  1 
ATOM   958  C C   . LEU A 1 134 ? -1.200  -3.978  10.339  1.00 8.68  ? 134  LEU A C   1 
ATOM   959  O O   . LEU A 1 134 ? -2.147  -4.763  10.448  1.00 8.66  ? 134  LEU A O   1 
ATOM   960  C CB  . LEU A 1 134 ? 1.067   -4.808  10.997  1.00 9.16  ? 134  LEU A CB  1 
ATOM   961  C CG  . LEU A 1 134 ? 2.520   -5.226  10.678  1.00 10.23 ? 134  LEU A CG  1 
ATOM   962  C CD1 . LEU A 1 134 ? 3.148   -5.945  11.889  1.00 9.91  ? 134  LEU A CD1 1 
ATOM   963  C CD2 . LEU A 1 134 ? 2.617   -6.082  9.450   1.00 8.51  ? 134  LEU A CD2 1 
ATOM   964  N N   . LEU A 1 135 ? -1.277  -2.690  10.674  1.00 8.42  ? 135  LEU A N   1 
ATOM   965  C CA  . LEU A 1 135 ? -2.515  -2.100  11.178  1.00 8.08  ? 135  LEU A CA  1 
ATOM   966  C C   . LEU A 1 135 ? -3.569  -2.011  10.062  1.00 7.91  ? 135  LEU A C   1 
ATOM   967  O O   . LEU A 1 135 ? -4.759  -2.195  10.308  1.00 8.13  ? 135  LEU A O   1 
ATOM   968  C CB  . LEU A 1 135 ? -2.250  -0.723  11.776  1.00 8.08  ? 135  LEU A CB  1 
ATOM   969  C CG  . LEU A 1 135 ? -1.340  -0.672  13.007  1.00 8.15  ? 135  LEU A CG  1 
ATOM   970  C CD1 . LEU A 1 135 ? -0.973  0.790   13.280  1.00 8.63  ? 135  LEU A CD1 1 
ATOM   971  C CD2 . LEU A 1 135 ? -1.982  -1.315  14.230  1.00 7.09  ? 135  LEU A CD2 1 
ATOM   972  N N   . ALA A 1 136 ? -3.127  -1.745  8.839   1.00 7.70  ? 136  ALA A N   1 
ATOM   973  C CA  . ALA A 1 136 ? -4.001  -1.833  7.677   1.00 7.74  ? 136  ALA A CA  1 
ATOM   974  C C   . ALA A 1 136 ? -4.552  -3.255  7.553   1.00 7.87  ? 136  ALA A C   1 
ATOM   975  O O   . ALA A 1 136 ? -5.750  -3.443  7.343   1.00 8.07  ? 136  ALA A O   1 
ATOM   976  C CB  . ALA A 1 136 ? -3.265  -1.392  6.382   1.00 6.44  ? 136  ALA A CB  1 
ATOM   977  N N   . LEU A 1 137 ? -3.696  -4.254  7.691   1.00 8.48  ? 137  LEU A N   1 
ATOM   978  C CA  . LEU A 1 137 ? -4.162  -5.642  7.622   1.00 9.33  ? 137  LEU A CA  1 
ATOM   979  C C   . LEU A 1 137 ? -5.270  -5.896  8.636   1.00 10.17 ? 137  LEU A C   1 
ATOM   980  O O   . LEU A 1 137 ? -6.320  -6.485  8.314   1.00 9.46  ? 137  LEU A O   1 
ATOM   981  C CB  . LEU A 1 137 ? -3.034  -6.617  7.897   1.00 9.09  ? 137  LEU A CB  1 
ATOM   982  C CG  . LEU A 1 137 ? -2.167  -6.983  6.722   1.00 9.98  ? 137  LEU A CG  1 
ATOM   983  C CD1 . LEU A 1 137 ? -1.100  -7.983  7.202   1.00 10.26 ? 137  LEU A CD1 1 
ATOM   984  C CD2 . LEU A 1 137 ? -3.039  -7.559  5.597   1.00 10.35 ? 137  LEU A CD2 1 
ATOM   985  N N   . ARG A 1 138 ? -5.037  -5.420  9.857   1.00 11.05 ? 138  ARG A N   1 
ATOM   986  C CA  . ARG A 1 138 ? -5.974  -5.656  10.951  1.00 11.98 ? 138  ARG A CA  1 
ATOM   987  C C   . ARG A 1 138 ? -7.322  -4.998  10.685  1.00 12.38 ? 138  ARG A C   1 
ATOM   988  O O   . ARG A 1 138 ? -8.355  -5.569  11.027  1.00 12.50 ? 138  ARG A O   1 
ATOM   989  C CB  . ARG A 1 138 ? -5.404  -5.175  12.281  1.00 11.97 ? 138  ARG A CB  1 
ATOM   990  C CG  . ARG A 1 138 ? -6.146  -5.724  13.470  1.00 13.61 ? 138  ARG A CG  1 
ATOM   991  C CD  . ARG A 1 138 ? -5.415  -5.454  14.760  1.00 14.99 ? 138  ARG A CD  1 
ATOM   992  N NE  . ARG A 1 138 ? -4.234  -6.301  14.893  1.00 16.87 ? 138  ARG A NE  1 
ATOM   993  C CZ  . ARG A 1 138 ? -4.221  -7.538  15.393  1.00 16.87 ? 138  ARG A CZ  1 
ATOM   994  N NH1 . ARG A 1 138 ? -5.335  -8.113  15.832  1.00 16.50 ? 138  ARG A NH1 1 
ATOM   995  N NH2 . ARG A 1 138 ? -3.071  -8.203  15.454  1.00 16.05 ? 138  ARG A NH2 1 
ATOM   996  N N   . TYR A 1 139 ? -7.318  -3.814  10.075  1.00 12.62 ? 139  TYR A N   1 
ATOM   997  C CA  . TYR A 1 139 ? -8.568  -3.157  9.722   1.00 13.06 ? 139  TYR A CA  1 
ATOM   998  C C   . TYR A 1 139 ? -9.351  -4.022  8.735   1.00 13.99 ? 139  TYR A C   1 
ATOM   999  O O   . TYR A 1 139 ? -10.539 -4.234  8.916   1.00 14.16 ? 139  TYR A O   1 
ATOM   1000 C CB  . TYR A 1 139 ? -8.338  -1.747  9.128   1.00 12.87 ? 139  TYR A CB  1 
ATOM   1001 C CG  . TYR A 1 139 ? -9.588  -1.159  8.494   1.00 11.57 ? 139  TYR A CG  1 
ATOM   1002 C CD1 . TYR A 1 139 ? -9.889  -1.380  7.153   1.00 11.19 ? 139  TYR A CD1 1 
ATOM   1003 C CD2 . TYR A 1 139 ? -10.475 -0.408  9.237   1.00 11.88 ? 139  TYR A CD2 1 
ATOM   1004 C CE1 . TYR A 1 139 ? -11.036 -0.866  6.578   1.00 10.37 ? 139  TYR A CE1 1 
ATOM   1005 C CE2 . TYR A 1 139 ? -11.619 0.128   8.666   1.00 12.24 ? 139  TYR A CE2 1 
ATOM   1006 C CZ  . TYR A 1 139 ? -11.902 -0.109  7.338   1.00 12.02 ? 139  TYR A CZ  1 
ATOM   1007 O OH  . TYR A 1 139 ? -13.063 0.407   6.787   1.00 12.14 ? 139  TYR A OH  1 
ATOM   1008 N N   . LEU A 1 140 ? -8.692  -4.502  7.685   1.00 15.19 ? 140  LEU A N   1 
ATOM   1009 C CA  . LEU A 1 140 ? -9.375  -5.310  6.670   1.00 16.14 ? 140  LEU A CA  1 
ATOM   1010 C C   . LEU A 1 140 ? -9.932  -6.623  7.262   1.00 17.90 ? 140  LEU A C   1 
ATOM   1011 O O   . LEU A 1 140 ? -10.995 -7.097  6.831   1.00 18.20 ? 140  LEU A O   1 
ATOM   1012 C CB  . LEU A 1 140 ? -8.455  -5.596  5.481   1.00 15.64 ? 140  LEU A CB  1 
ATOM   1013 C CG  . LEU A 1 140 ? -7.947  -4.377  4.703   1.00 14.23 ? 140  LEU A CG  1 
ATOM   1014 C CD1 . LEU A 1 140 ? -6.747  -4.733  3.783   1.00 13.40 ? 140  LEU A CD1 1 
ATOM   1015 C CD2 . LEU A 1 140 ? -9.079  -3.747  3.907   1.00 11.81 ? 140  LEU A CD2 1 
ATOM   1016 N N   . ALA A 1 141 ? -9.243  -7.176  8.262   1.00 19.80 ? 141  ALA A N   1 
ATOM   1017 C CA  . ALA A 1 141 ? -9.698  -8.393  8.950   1.00 21.65 ? 141  ALA A CA  1 
ATOM   1018 C C   . ALA A 1 141 ? -11.001 -8.203  9.743   1.00 23.84 ? 141  ALA A C   1 
ATOM   1019 O O   . ALA A 1 141 ? -11.865 -9.062  9.670   1.00 23.25 ? 141  ALA A O   1 
ATOM   1020 C CB  . ALA A 1 141 ? -8.602  -8.955  9.850   1.00 21.17 ? 141  ALA A CB  1 
ATOM   1021 N N   . GLU A 1 142 ? -11.156 -7.090  10.473  1.00 26.91 ? 142  GLU A N   1 
ATOM   1022 C CA  . GLU A 1 142 ? -12.429 -6.797  11.187  1.00 29.69 ? 142  GLU A CA  1 
ATOM   1023 C C   . GLU A 1 142 ? -13.522 -6.185  10.292  1.00 31.16 ? 142  GLU A C   1 
ATOM   1024 O O   . GLU A 1 142 ? -14.648 -6.007  10.724  1.00 31.69 ? 142  GLU A O   1 
ATOM   1025 C CB  . GLU A 1 142 ? -12.213 -5.920  12.431  1.00 30.40 ? 142  GLU A CB  1 
ATOM   1026 C CG  . GLU A 1 142 ? -11.844 -6.697  13.723  1.00 32.98 ? 142  GLU A CG  1 
ATOM   1027 C CD  . GLU A 1 142 ? -10.359 -7.029  13.816  1.00 36.34 ? 142  GLU A CD  1 
ATOM   1028 O OE1 . GLU A 1 142 ? -9.717  -7.081  12.750  1.00 39.32 ? 142  GLU A OE1 1 
ATOM   1029 O OE2 . GLU A 1 142 ? -9.827  -7.249  14.934  1.00 37.14 ? 142  GLU A OE2 1 
ATOM   1030 N N   . HIS A 1 143 ? -13.195 -5.886  9.043   1.00 33.29 ? 143  HIS A N   1 
ATOM   1031 C CA  . HIS A 1 143 ? -14.210 -5.615  8.009   1.00 34.63 ? 143  HIS A CA  1 
ATOM   1032 C C   . HIS A 1 143 ? -14.097 -6.705  6.940   1.00 35.51 ? 143  HIS A C   1 
ATOM   1033 O O   . HIS A 1 143 ? -15.093 -7.138  6.355   1.00 36.80 ? 143  HIS A O   1 
ATOM   1034 C CB  . HIS A 1 143 ? -13.976 -4.240  7.357   1.00 35.14 ? 143  HIS A CB  1 
ATOM   1035 C CG  . HIS A 1 143 ? -14.140 -3.088  8.302   1.00 35.61 ? 143  HIS A CG  1 
ATOM   1036 N ND1 . HIS A 1 143 ? -15.144 -2.149  8.164   1.00 36.08 ? 143  HIS A ND1 1 
ATOM   1037 C CD2 . HIS A 1 143 ? -13.443 -2.740  9.410   1.00 35.90 ? 143  HIS A CD2 1 
ATOM   1038 C CE1 . HIS A 1 143 ? -15.055 -1.273  9.151   1.00 37.59 ? 143  HIS A CE1 1 
ATOM   1039 N NE2 . HIS A 1 143 ? -14.034 -1.609  9.922   1.00 36.63 ? 143  HIS A NE2 1 
HETATM 1040 C CAO . CB7 B 2 .   ? 10.778  4.590   0.792   1.00 25.62 ? 1144 CB7 A CAO 1 
HETATM 1041 C CBB . CB7 B 2 .   ? 11.939  4.365   1.533   1.00 27.71 ? 1144 CB7 A CBB 1 
HETATM 1042 C CAK . CB7 B 2 .   ? 13.116  3.846   1.117   1.00 28.29 ? 1144 CB7 A CAK 1 
HETATM 1043 C CAG . CB7 B 2 .   ? 14.097  3.719   2.022   1.00 27.85 ? 1144 CB7 A CAG 1 
HETATM 1044 S SAU . CB7 B 2 .   ? 13.481  4.270   3.493   1.00 29.64 ? 1144 CB7 A SAU 1 
HETATM 1045 C CBD . CB7 B 2 .   ? 11.939  4.682   2.907   1.00 28.58 ? 1144 CB7 A CBD 1 
HETATM 1046 C CAM . CB7 B 2 .   ? 10.811  5.228   3.517   1.00 27.67 ? 1144 CB7 A CAM 1 
HETATM 1047 C CAI . CB7 B 2 .   ? 9.660   5.446   2.757   1.00 26.73 ? 1144 CB7 A CAI 1 
HETATM 1048 C CAZ . CB7 B 2 .   ? 9.646   5.142   1.390   1.00 25.23 ? 1144 CB7 A CAZ 1 
HETATM 1049 C CAQ . CB7 B 2 .   ? 8.384   5.362   0.550   1.00 23.94 ? 1144 CB7 A CAQ 1 
HETATM 1050 C CAW . CB7 B 2 .   ? 7.941   6.812   0.444   1.00 23.09 ? 1144 CB7 A CAW 1 
HETATM 1051 C CBG . CB7 B 2 .   ? 6.718   7.253   1.273   1.00 20.67 ? 1144 CB7 A CBG 1 
HETATM 1052 C CAV . CB7 B 2 .   ? 6.648   6.640   2.674   1.00 17.08 ? 1144 CB7 A CAV 1 
HETATM 1053 O OAB . CB7 B 2 .   ? 7.068   7.322   3.631   1.00 13.10 ? 1144 CB7 A OAB 1 
HETATM 1054 O OAA . CB7 B 2 .   ? 6.096   5.524   2.753   1.00 14.67 ? 1144 CB7 A OAA 1 
HETATM 1055 O OAE . CB7 B 2 .   ? 5.566   6.783   0.549   1.00 23.42 ? 1144 CB7 A OAE 1 
HETATM 1056 C CAR . CB7 B 2 .   ? 6.667   8.780   1.410   1.00 19.52 ? 1144 CB7 A CAR 1 
HETATM 1057 C CBE . CB7 B 2 .   ? 6.681   9.382   0.010   1.00 20.19 ? 1144 CB7 A CBE 1 
HETATM 1058 O OAC . CB7 B 2 .   ? 6.420   10.788  0.108   1.00 19.15 ? 1144 CB7 A OAC 1 
HETATM 1059 C CBF . CB7 B 2 .   ? 8.048   9.138   -0.656  1.00 22.01 ? 1144 CB7 A CBF 1 
HETATM 1060 O OAD . CB7 B 2 .   ? 8.002   9.332   -2.076  1.00 18.66 ? 1144 CB7 A OAD 1 
HETATM 1061 C CAX . CB7 B 2 .   ? 8.502   7.702   -0.470  1.00 25.23 ? 1144 CB7 A CAX 1 
HETATM 1062 O OAS . CB7 B 2 .   ? 9.560   7.354   -1.221  1.00 32.61 ? 1144 CB7 A OAS 1 
HETATM 1063 C CAP A CB7 B 2 .   ? 10.710  7.916   -0.449  0.50 36.06 ? 1144 CB7 A CAP 1 
HETATM 1064 C CAP B CB7 B 2 .   ? 10.772  7.076   -0.478  0.50 35.85 ? 1144 CB7 A CAP 1 
HETATM 1065 C CAY A CB7 B 2 .   ? 12.019  7.404   -0.500  0.50 39.24 ? 1144 CB7 A CAY 1 
HETATM 1066 C CAY B CB7 B 2 .   ? 11.645  8.024   0.070   0.50 38.65 ? 1144 CB7 A CAY 1 
HETATM 1067 C CAN A CB7 B 2 .   ? 13.063  7.952   0.245   0.50 40.64 ? 1144 CB7 A CAN 1 
HETATM 1068 C CAN B CB7 B 2 .   ? 12.995  7.999   -0.298  0.50 40.01 ? 1144 CB7 A CAN 1 
HETATM 1069 C CBA A CB7 B 2 .   ? 14.359  7.434   0.181   0.50 41.07 ? 1144 CB7 A CBA 1 
HETATM 1070 C CBA B CB7 B 2 .   ? 13.916  8.912   0.221   0.50 41.09 ? 1144 CB7 A CBA 1 
HETATM 1071 C CAJ A CB7 B 2 .   ? 15.480  7.837   0.825   0.50 41.80 ? 1144 CB7 A CAJ 1 
HETATM 1072 C CAJ B CB7 B 2 .   ? 15.242  9.030   -0.035  0.50 41.04 ? 1144 CB7 A CAJ 1 
HETATM 1073 C CAF A CB7 B 2 .   ? 16.600  7.147   0.577   0.50 41.66 ? 1144 CB7 A CAF 1 
HETATM 1074 C CAF B CB7 B 2 .   ? 15.892  10.004  0.622   0.50 41.43 ? 1144 CB7 A CAF 1 
HETATM 1075 S SAT A CB7 B 2 .   ? 16.167  5.940   -0.527  0.50 41.95 ? 1144 CB7 A SAT 1 
HETATM 1076 S SAT B CB7 B 2 .   ? 14.756  10.793  1.598   0.50 41.68 ? 1144 CB7 A SAT 1 
HETATM 1077 C CBC A CB7 B 2 .   ? 14.579  6.342   -0.654  0.50 40.78 ? 1144 CB7 A CBC 1 
HETATM 1078 C CBC B CB7 B 2 .   ? 13.436  9.849   1.146   0.50 40.58 ? 1144 CB7 A CBC 1 
HETATM 1079 C CAL A CB7 B 2 .   ? 13.555  5.792   -1.382  0.50 40.38 ? 1144 CB7 A CAL 1 
HETATM 1080 C CAL B CB7 B 2 .   ? 12.099  9.857   1.520   0.50 39.53 ? 1144 CB7 A CAL 1 
HETATM 1081 C CAH A CB7 B 2 .   ? 12.281  6.321   -1.307  0.50 39.91 ? 1144 CB7 A CAH 1 
HETATM 1082 C CAH B CB7 B 2 .   ? 11.191  8.953   0.998   0.50 38.44 ? 1144 CB7 A CAH 1 
HETATM 1083 S S   . SO4 C 3 .   ? -9.348  15.627  -5.580  1.00 38.34 ? 1145 SO4 A S   1 
HETATM 1084 O O1  . SO4 C 3 .   ? -9.949  14.324  -5.848  1.00 38.52 ? 1145 SO4 A O1  1 
HETATM 1085 O O2  . SO4 C 3 .   ? -7.919  15.463  -5.267  1.00 37.57 ? 1145 SO4 A O2  1 
HETATM 1086 O O3  . SO4 C 3 .   ? -10.119 16.173  -4.466  1.00 39.60 ? 1145 SO4 A O3  1 
HETATM 1087 O O4  . SO4 C 3 .   ? -9.481  16.533  -6.718  1.00 38.69 ? 1145 SO4 A O4  1 
HETATM 1088 S S   . SO4 D 3 .   ? 8.425   0.794   -17.967 0.33 18.67 ? 1146 SO4 A S   1 
HETATM 1089 O O1  . SO4 D 3 .   ? 9.091   -0.398  -18.520 0.33 18.71 ? 1146 SO4 A O1  1 
HETATM 1090 O O2  . SO4 D 3 .   ? 9.079   1.995   -18.482 0.33 18.63 ? 1146 SO4 A O2  1 
HETATM 1091 O O3  . SO4 D 3 .   ? 8.534   0.776   -16.510 0.33 18.59 ? 1146 SO4 A O3  1 
HETATM 1092 O O4  . SO4 D 3 .   ? 7.013   0.798   -18.345 0.33 18.58 ? 1146 SO4 A O4  1 
HETATM 1093 S S   . SO4 E 3 .   ? 2.298   -11.122 -11.402 1.00 52.35 ? 1147 SO4 A S   1 
HETATM 1094 O O1  . SO4 E 3 .   ? 2.830   -12.435 -11.751 1.00 52.04 ? 1147 SO4 A O1  1 
HETATM 1095 O O2  . SO4 E 3 .   ? 3.391   -10.143 -11.328 1.00 51.40 ? 1147 SO4 A O2  1 
HETATM 1096 O O3  . SO4 E 3 .   ? 1.661   -11.260 -10.088 1.00 51.08 ? 1147 SO4 A O3  1 
HETATM 1097 O O4  . SO4 E 3 .   ? 1.334   -10.698 -12.420 1.00 50.73 ? 1147 SO4 A O4  1 
HETATM 1098 O O   . HOH F 4 .   ? 15.482  -1.479  -5.729  1.00 17.40 ? 2001 HOH A O   1 
HETATM 1099 O O   . HOH F 4 .   ? 18.300  -1.947  -5.389  1.00 12.66 ? 2002 HOH A O   1 
HETATM 1100 O O   . HOH F 4 .   ? 15.163  -3.582  0.969   1.00 16.35 ? 2003 HOH A O   1 
HETATM 1101 O O   . HOH F 4 .   ? 15.427  2.604   5.851   1.00 22.97 ? 2004 HOH A O   1 
HETATM 1102 O O   . HOH F 4 .   ? 11.073  -8.058  -1.519  1.00 13.98 ? 2005 HOH A O   1 
HETATM 1103 O O   . HOH F 4 .   ? 14.876  -6.506  0.655   1.00 13.88 ? 2006 HOH A O   1 
HETATM 1104 O O   . HOH F 4 .   ? 16.944  -8.503  5.520   1.00 36.31 ? 2007 HOH A O   1 
HETATM 1105 O O   . HOH F 4 .   ? 4.223   12.862  -13.020 0.33 7.72  ? 2008 HOH A O   1 
HETATM 1106 O O   . HOH F 4 .   ? -4.411  -18.347 9.012   1.00 22.10 ? 2009 HOH A O   1 
HETATM 1107 O O   . HOH F 4 .   ? 0.247   -13.931 4.052   1.00 20.87 ? 2010 HOH A O   1 
HETATM 1108 O O   . HOH F 4 .   ? 3.362   -12.121 -0.747  1.00 17.19 ? 2011 HOH A O   1 
HETATM 1109 O O   . HOH F 4 .   ? 2.385   -14.929 -4.071  1.00 25.41 ? 2012 HOH A O   1 
HETATM 1110 O O   . HOH F 4 .   ? 8.280   -7.724  -5.744  1.00 16.85 ? 2013 HOH A O   1 
HETATM 1111 O O   . HOH F 4 .   ? 9.084   -4.513  -11.857 1.00 9.36  ? 2014 HOH A O   1 
HETATM 1112 O O   . HOH F 4 .   ? 6.751   -3.413  14.341  1.00 30.91 ? 2015 HOH A O   1 
HETATM 1113 O O   . HOH F 4 .   ? 14.197  0.387   -10.914 1.00 7.00  ? 2016 HOH A O   1 
HETATM 1114 O O   . HOH F 4 .   ? 13.221  0.269   -5.314  1.00 11.63 ? 2017 HOH A O   1 
HETATM 1115 O O   . HOH F 4 .   ? 2.111   9.550   -13.653 1.00 4.21  ? 2018 HOH A O   1 
HETATM 1116 O O   . HOH F 4 .   ? 7.691   4.264   -13.403 1.00 13.37 ? 2019 HOH A O   1 
HETATM 1117 O O   . HOH F 4 .   ? 3.939   -5.332  -17.537 1.00 24.10 ? 2020 HOH A O   1 
HETATM 1118 O O   . HOH F 4 .   ? 1.963   -8.261  -14.217 1.00 13.78 ? 2021 HOH A O   1 
HETATM 1119 O O   . HOH F 4 .   ? 0.254   5.551   -0.903  1.00 18.82 ? 2022 HOH A O   1 
HETATM 1120 O O   . HOH F 4 .   ? -1.169  8.578   -7.214  1.00 5.22  ? 2023 HOH A O   1 
HETATM 1121 O O   . HOH F 4 .   ? 0.811   15.477  -10.925 1.00 17.54 ? 2024 HOH A O   1 
HETATM 1122 O O   . HOH F 4 .   ? 3.884   10.551  -11.710 1.00 6.08  ? 2025 HOH A O   1 
HETATM 1123 O O   . HOH F 4 .   ? -0.384  10.667  -14.137 1.00 2.00  ? 2026 HOH A O   1 
HETATM 1124 O O   . HOH F 4 .   ? -12.739 8.460   -10.510 1.00 28.36 ? 2027 HOH A O   1 
HETATM 1125 O O   . HOH F 4 .   ? -7.818  -0.484  -12.331 1.00 2.98  ? 2028 HOH A O   1 
HETATM 1126 O O   . HOH F 4 .   ? -12.972 -4.350  -7.706  1.00 21.93 ? 2029 HOH A O   1 
HETATM 1127 O O   . HOH F 4 .   ? -11.234 -4.203  -5.632  1.00 19.37 ? 2030 HOH A O   1 
HETATM 1128 O O   . HOH F 4 .   ? -0.739  10.761  2.052   1.00 2.99  ? 2031 HOH A O   1 
HETATM 1129 O O   . HOH F 4 .   ? 8.401   10.428  10.097  1.00 15.90 ? 2032 HOH A O   1 
HETATM 1130 O O   . HOH F 4 .   ? 8.244   22.872  1.743   1.00 15.13 ? 2033 HOH A O   1 
HETATM 1131 O O   . HOH F 4 .   ? 1.983   18.027  -4.620  1.00 29.63 ? 2034 HOH A O   1 
HETATM 1132 O O   . HOH F 4 .   ? 0.112   13.205  1.171   1.00 6.96  ? 2035 HOH A O   1 
HETATM 1133 O O   . HOH F 4 .   ? -2.597  14.318  1.889   1.00 7.83  ? 2036 HOH A O   1 
HETATM 1134 O O   . HOH F 4 .   ? -0.288  19.511  6.987   1.00 13.09 ? 2037 HOH A O   1 
HETATM 1135 O O   . HOH F 4 .   ? -3.181  16.781  -5.175  1.00 28.18 ? 2038 HOH A O   1 
HETATM 1136 O O   . HOH F 4 .   ? -3.173  11.916  2.909   1.00 21.12 ? 2039 HOH A O   1 
HETATM 1137 O O   . HOH F 4 .   ? -13.841 6.347   4.508   1.00 13.17 ? 2040 HOH A O   1 
HETATM 1138 O O   . HOH F 4 .   ? -3.440  9.687   7.654   0.50 13.23 ? 2041 HOH A O   1 
HETATM 1139 O O   . HOH F 4 .   ? 2.829   3.977   8.911   1.00 5.31  ? 2042 HOH A O   1 
HETATM 1140 O O   . HOH F 4 .   ? 9.269   1.209   11.021  1.00 23.09 ? 2043 HOH A O   1 
HETATM 1141 O O   . HOH F 4 .   ? 0.111   -4.321  14.798  1.00 16.22 ? 2044 HOH A O   1 
HETATM 1142 O O   . HOH F 4 .   ? 6.710   0.485   13.069  1.00 13.66 ? 2045 HOH A O   1 
HETATM 1143 O O   . HOH F 4 .   ? -2.016  -5.224  13.640  1.00 6.19  ? 2046 HOH A O   1 
HETATM 1144 O O   . HOH F 4 .   ? -14.218 2.887   7.862   1.00 18.48 ? 2047 HOH A O   1 
HETATM 1145 O O   . HOH F 4 .   ? 9.343   7.004   -3.831  1.00 14.13 ? 2048 HOH A O   1 
HETATM 1146 O O   . HOH F 4 .   ? -8.684  18.702  -7.993  1.00 8.64  ? 2049 HOH A O   1 
HETATM 1147 O O   . HOH F 4 .   ? 7.470   4.382   -18.571 1.00 10.87 ? 2050 HOH A O   1 
HETATM 1148 O O   . HOH F 4 .   ? 10.191  0.112   -20.714 1.00 9.33  ? 2051 HOH A O   1 
# 
loop_
_pdbx_poly_seq_scheme.asym_id 
_pdbx_poly_seq_scheme.entity_id 
_pdbx_poly_seq_scheme.seq_id 
_pdbx_poly_seq_scheme.mon_id 
_pdbx_poly_seq_scheme.ndb_seq_num 
_pdbx_poly_seq_scheme.pdb_seq_num 
_pdbx_poly_seq_scheme.auth_seq_num 
_pdbx_poly_seq_scheme.pdb_mon_id 
_pdbx_poly_seq_scheme.auth_mon_id 
_pdbx_poly_seq_scheme.pdb_strand_id 
_pdbx_poly_seq_scheme.pdb_ins_code 
_pdbx_poly_seq_scheme.hetero 
A 1 1   SER 1   1   ?   ?   ?   A . n 
A 1 2   GLU 2   2   2   GLU GLU A . n 
A 1 3   LEU 3   3   3   LEU LEU A . n 
A 1 4   ILE 4   4   4   ILE ILE A . n 
A 1 5   VAL 5   5   5   VAL VAL A . n 
A 1 6   ASN 6   6   6   ASN ASN A . n 
A 1 7   VAL 7   7   7   VAL VAL A . n 
A 1 8   ILE 8   8   8   ILE ILE A . n 
A 1 9   ASN 9   9   9   ASN ASN A . n 
A 1 10  GLY 10  10  10  GLY GLY A . n 
A 1 11  PRO 11  11  11  PRO PRO A . n 
A 1 12  ASN 12  12  12  ASN ASN A . n 
A 1 13  LEU 13  13  13  LEU LEU A . n 
A 1 14  GLY 14  14  14  GLY GLY A . n 
A 1 15  ARG 15  15  15  ARG ARG A . n 
A 1 16  LEU 16  16  16  LEU LEU A . n 
A 1 17  GLY 17  17  17  GLY GLY A . n 
A 1 18  ARG 18  18  18  ARG ARG A . n 
A 1 19  ARG 19  19  ?   ?   ?   A . n 
A 1 20  GLU 20  20  ?   ?   ?   A . n 
A 1 21  PRO 21  21  ?   ?   ?   A . n 
A 1 22  ALA 22  22  ?   ?   ?   A . n 
A 1 23  VAL 23  23  ?   ?   ?   A . n 
A 1 24  TYR 24  24  ?   ?   ?   A . n 
A 1 25  GLY 25  25  25  GLY GLY A . n 
A 1 26  GLY 26  26  26  GLY GLY A . n 
A 1 27  THR 27  27  27  THR THR A . n 
A 1 28  THR 28  28  28  THR THR A . n 
A 1 29  HIS 29  29  29  HIS HIS A . n 
A 1 30  ASP 30  30  30  ASP ASP A . n 
A 1 31  GLU 31  31  31  GLU GLU A . n 
A 1 32  LEU 32  32  32  LEU LEU A . n 
A 1 33  VAL 33  33  33  VAL VAL A . n 
A 1 34  ALA 34  34  34  ALA ALA A . n 
A 1 35  LEU 35  35  35  LEU LEU A . n 
A 1 36  ILE 36  36  36  ILE ILE A . n 
A 1 37  GLU 37  37  37  GLU GLU A . n 
A 1 38  ARG 38  38  38  ARG ARG A . n 
A 1 39  GLU 39  39  39  GLU GLU A . n 
A 1 40  ALA 40  40  40  ALA ALA A . n 
A 1 41  ALA 41  41  41  ALA ALA A . n 
A 1 42  GLU 42  42  42  GLU GLU A . n 
A 1 43  LEU 43  43  43  LEU LEU A . n 
A 1 44  GLY 44  44  44  GLY GLY A . n 
A 1 45  LEU 45  45  45  LEU LEU A . n 
A 1 46  LYS 46  46  46  LYS LYS A . n 
A 1 47  ALA 47  47  47  ALA ALA A . n 
A 1 48  VAL 48  48  48  VAL VAL A . n 
A 1 49  VAL 49  49  49  VAL VAL A . n 
A 1 50  ARG 50  50  50  ARG ARG A . n 
A 1 51  GLN 51  51  51  GLN GLN A . n 
A 1 52  SER 52  52  52  SER SER A . n 
A 1 53  ASP 53  53  53  ASP ASP A . n 
A 1 54  SER 54  54  54  SER SER A . n 
A 1 55  GLU 55  55  55  GLU GLU A . n 
A 1 56  ALA 56  56  56  ALA ALA A . n 
A 1 57  GLN 57  57  57  GLN GLN A . n 
A 1 58  LEU 58  58  58  LEU LEU A . n 
A 1 59  LEU 59  59  59  LEU LEU A . n 
A 1 60  ASP 60  60  60  ASP ASP A . n 
A 1 61  TRP 61  61  61  TRP TRP A . n 
A 1 62  ILE 62  62  62  ILE ILE A . n 
A 1 63  HIS 63  63  63  HIS HIS A . n 
A 1 64  GLN 64  64  64  GLN GLN A . n 
A 1 65  ALA 65  65  65  ALA ALA A . n 
A 1 66  ALA 66  66  66  ALA ALA A . n 
A 1 67  ASP 67  67  67  ASP ASP A . n 
A 1 68  ALA 68  68  68  ALA ALA A . n 
A 1 69  ALA 69  69  69  ALA ALA A . n 
A 1 70  GLU 70  70  70  GLU GLU A . n 
A 1 71  PRO 71  71  71  PRO PRO A . n 
A 1 72  VAL 72  72  72  VAL VAL A . n 
A 1 73  ILE 73  73  73  ILE ILE A . n 
A 1 74  LEU 74  74  74  LEU LEU A . n 
A 1 75  ASN 75  75  75  ASN ASN A . n 
A 1 76  ALA 76  76  76  ALA ALA A . n 
A 1 77  GLY 77  77  77  GLY GLY A . n 
A 1 78  GLY 78  78  78  GLY GLY A . n 
A 1 79  LEU 79  79  79  LEU LEU A . n 
A 1 80  THR 80  80  80  THR THR A . n 
A 1 81  HIS 81  81  81  HIS HIS A . n 
A 1 82  THR 82  82  82  THR THR A . n 
A 1 83  SER 83  83  83  SER SER A . n 
A 1 84  VAL 84  84  84  VAL VAL A . n 
A 1 85  ALA 85  85  85  ALA ALA A . n 
A 1 86  LEU 86  86  86  LEU LEU A . n 
A 1 87  ARG 87  87  87  ARG ARG A . n 
A 1 88  ASP 88  88  88  ASP ASP A . n 
A 1 89  ALA 89  89  89  ALA ALA A . n 
A 1 90  CYS 90  90  90  CYS CYS A . n 
A 1 91  ALA 91  91  91  ALA ALA A . n 
A 1 92  GLU 92  92  92  GLU GLU A . n 
A 1 93  LEU 93  93  93  LEU LEU A . n 
A 1 94  SER 94  94  94  SER SER A . n 
A 1 95  ALA 95  95  95  ALA ALA A . n 
A 1 96  PRO 96  96  96  PRO PRO A . n 
A 1 97  LEU 97  97  97  LEU LEU A . n 
A 1 98  ILE 98  98  98  ILE ILE A . n 
A 1 99  GLU 99  99  99  GLU GLU A . n 
A 1 100 VAL 100 100 100 VAL VAL A . n 
A 1 101 HIS 101 101 101 HIS HIS A . n 
A 1 102 ILE 102 102 102 ILE ILE A . n 
A 1 103 SER 103 103 103 SER SER A . n 
A 1 104 ASN 104 104 104 ASN ASN A . n 
A 1 105 VAL 105 105 105 VAL VAL A . n 
A 1 106 HIS 106 106 106 HIS HIS A . n 
A 1 107 ALA 107 107 107 ALA ALA A . n 
A 1 108 ARG 108 108 108 ARG ARG A . n 
A 1 109 GLU 109 109 109 GLU GLU A . n 
A 1 110 GLU 110 110 110 GLU GLU A . n 
A 1 111 PHE 111 111 111 PHE PHE A . n 
A 1 112 ARG 112 112 112 ARG ARG A . n 
A 1 113 ARG 113 113 113 ARG ARG A . n 
A 1 114 HIS 114 114 114 HIS HIS A . n 
A 1 115 SER 115 115 115 SER SER A . n 
A 1 116 TYR 116 116 116 TYR TYR A . n 
A 1 117 LEU 117 117 117 LEU LEU A . n 
A 1 118 SER 118 118 118 SER SER A . n 
A 1 119 PRO 119 119 119 PRO PRO A . n 
A 1 120 ILE 120 120 120 ILE ILE A . n 
A 1 121 ALA 121 121 121 ALA ALA A . n 
A 1 122 THR 122 122 122 THR THR A . n 
A 1 123 GLY 123 123 123 GLY GLY A . n 
A 1 124 VAL 124 124 124 VAL VAL A . n 
A 1 125 ILE 125 125 125 ILE ILE A . n 
A 1 126 VAL 126 126 126 VAL VAL A . n 
A 1 127 GLY 127 127 127 GLY GLY A . n 
A 1 128 LEU 128 128 128 LEU LEU A . n 
A 1 129 GLY 129 129 129 GLY GLY A . n 
A 1 130 ILE 130 130 130 ILE ILE A . n 
A 1 131 GLN 131 131 131 GLN GLN A . n 
A 1 132 GLY 132 132 132 GLY GLY A . n 
A 1 133 TYR 133 133 133 TYR TYR A . n 
A 1 134 LEU 134 134 134 LEU LEU A . n 
A 1 135 LEU 135 135 135 LEU LEU A . n 
A 1 136 ALA 136 136 136 ALA ALA A . n 
A 1 137 LEU 137 137 137 LEU LEU A . n 
A 1 138 ARG 138 138 138 ARG ARG A . n 
A 1 139 TYR 139 139 139 TYR TYR A . n 
A 1 140 LEU 140 140 140 LEU LEU A . n 
A 1 141 ALA 141 141 141 ALA ALA A . n 
A 1 142 GLU 142 142 142 GLU GLU A . n 
A 1 143 HIS 143 143 143 HIS HIS A . n 
A 1 144 VAL 144 144 ?   ?   ?   A . n 
A 1 145 GLY 145 145 ?   ?   ?   A . n 
A 1 146 THR 146 146 ?   ?   ?   A . n 
# 
loop_
_pdbx_nonpoly_scheme.asym_id 
_pdbx_nonpoly_scheme.entity_id 
_pdbx_nonpoly_scheme.mon_id 
_pdbx_nonpoly_scheme.ndb_seq_num 
_pdbx_nonpoly_scheme.pdb_seq_num 
_pdbx_nonpoly_scheme.auth_seq_num 
_pdbx_nonpoly_scheme.pdb_mon_id 
_pdbx_nonpoly_scheme.auth_mon_id 
_pdbx_nonpoly_scheme.pdb_strand_id 
_pdbx_nonpoly_scheme.pdb_ins_code 
B 2 CB7 1  1144 1144 CB7 CB7 A . 
C 3 SO4 1  1145 1145 SO4 SO4 A . 
D 3 SO4 1  1146 1146 SO4 SO4 A . 
E 3 SO4 1  1147 1147 SO4 SO4 A . 
F 4 HOH 1  2001 2001 HOH HOH A . 
F 4 HOH 2  2002 2002 HOH HOH A . 
F 4 HOH 3  2003 2003 HOH HOH A . 
F 4 HOH 4  2004 2004 HOH HOH A . 
F 4 HOH 5  2005 2005 HOH HOH A . 
F 4 HOH 6  2006 2006 HOH HOH A . 
F 4 HOH 7  2007 2007 HOH HOH A . 
F 4 HOH 8  2008 2008 HOH HOH A . 
F 4 HOH 9  2009 2009 HOH HOH A . 
F 4 HOH 10 2010 2010 HOH HOH A . 
F 4 HOH 11 2011 2011 HOH HOH A . 
F 4 HOH 12 2012 2012 HOH HOH A . 
F 4 HOH 13 2013 2013 HOH HOH A . 
F 4 HOH 14 2014 2014 HOH HOH A . 
F 4 HOH 15 2015 2015 HOH HOH A . 
F 4 HOH 16 2016 2016 HOH HOH A . 
F 4 HOH 17 2017 2017 HOH HOH A . 
F 4 HOH 18 2018 2018 HOH HOH A . 
F 4 HOH 19 2019 2019 HOH HOH A . 
F 4 HOH 20 2020 2020 HOH HOH A . 
F 4 HOH 21 2021 2021 HOH HOH A . 
F 4 HOH 22 2022 2022 HOH HOH A . 
F 4 HOH 23 2023 2023 HOH HOH A . 
F 4 HOH 24 2024 2024 HOH HOH A . 
F 4 HOH 25 2025 2025 HOH HOH A . 
F 4 HOH 26 2026 2026 HOH HOH A . 
F 4 HOH 27 2027 2027 HOH HOH A . 
F 4 HOH 28 2028 2028 HOH HOH A . 
F 4 HOH 29 2029 2029 HOH HOH A . 
F 4 HOH 30 2030 2030 HOH HOH A . 
F 4 HOH 31 2031 2031 HOH HOH A . 
F 4 HOH 32 2032 2032 HOH HOH A . 
F 4 HOH 33 2033 2033 HOH HOH A . 
F 4 HOH 34 2034 2034 HOH HOH A . 
F 4 HOH 35 2035 2035 HOH HOH A . 
F 4 HOH 36 2036 2036 HOH HOH A . 
F 4 HOH 37 2037 2037 HOH HOH A . 
F 4 HOH 38 2038 2038 HOH HOH A . 
F 4 HOH 39 2039 2039 HOH HOH A . 
F 4 HOH 40 2040 2040 HOH HOH A . 
F 4 HOH 41 2041 2041 HOH HOH A . 
F 4 HOH 42 2042 2042 HOH HOH A . 
F 4 HOH 43 2043 2043 HOH HOH A . 
F 4 HOH 44 2044 2044 HOH HOH A . 
F 4 HOH 45 2045 2045 HOH HOH A . 
F 4 HOH 46 2046 2046 HOH HOH A . 
F 4 HOH 47 2047 2047 HOH HOH A . 
F 4 HOH 48 2048 2048 HOH HOH A . 
F 4 HOH 49 2049 2049 HOH HOH A . 
F 4 HOH 50 2050 2050 HOH HOH A . 
F 4 HOH 51 2051 2051 HOH HOH A . 
# 
_pdbx_struct_assembly.id                   1 
_pdbx_struct_assembly.details              author_and_software_defined_assembly 
_pdbx_struct_assembly.method_details       PISA 
_pdbx_struct_assembly.oligomeric_details   trimeric 
_pdbx_struct_assembly.oligomeric_count     3 
# 
_pdbx_struct_assembly_gen.assembly_id       1 
_pdbx_struct_assembly_gen.oper_expression   1,2,3 
_pdbx_struct_assembly_gen.asym_id_list      A,B,C,D,E,F 
# 
loop_
_pdbx_struct_assembly_prop.biol_id 
_pdbx_struct_assembly_prop.type 
_pdbx_struct_assembly_prop.value 
_pdbx_struct_assembly_prop.details 
1 'ABSA (A^2)' 5720   ? 
1 MORE         -162.1 ? 
1 'SSA (A^2)'  16550  ? 
# 
loop_
_pdbx_struct_oper_list.id 
_pdbx_struct_oper_list.type 
_pdbx_struct_oper_list.name 
_pdbx_struct_oper_list.symmetry_operation 
_pdbx_struct_oper_list.matrix[1][1] 
_pdbx_struct_oper_list.matrix[1][2] 
_pdbx_struct_oper_list.matrix[1][3] 
_pdbx_struct_oper_list.vector[1] 
_pdbx_struct_oper_list.matrix[2][1] 
_pdbx_struct_oper_list.matrix[2][2] 
_pdbx_struct_oper_list.matrix[2][3] 
_pdbx_struct_oper_list.vector[2] 
_pdbx_struct_oper_list.matrix[3][1] 
_pdbx_struct_oper_list.matrix[3][2] 
_pdbx_struct_oper_list.matrix[3][3] 
_pdbx_struct_oper_list.vector[3] 
1 'identity operation'         1_555 x,y,z 1.0000000000  0.0000000000  0.0000000000  0.0000000000  0.0000000000  1.0000000000 0.0000000000 0.0000000000  0.0000000000  0.0000000000 1.0000000000  0.0000000000   
2 'crystal symmetry operation' 9_555 y,z,x -0.3592959394 -0.0919320207 -0.9286845167 -5.1685418272 -0.7173623410 0.6637143966 0.2118359540 10.1129714722 0.5969067763  0.7423150971 -0.3044184572 -29.0521010449 
3 'crystal symmetry operation' 5_555 z,x,y -0.3592959394 -0.7173623410 0.5969067763  22.7390247786 -0.0919320207 0.6637143966 0.7423150971 14.3785339542 -0.9286845167 0.2118359540 -0.3044184572 -15.7862315069 
# 
loop_
_pdbx_struct_special_symmetry.id 
_pdbx_struct_special_symmetry.PDB_model_num 
_pdbx_struct_special_symmetry.auth_asym_id 
_pdbx_struct_special_symmetry.auth_comp_id 
_pdbx_struct_special_symmetry.auth_seq_id 
_pdbx_struct_special_symmetry.PDB_ins_code 
_pdbx_struct_special_symmetry.label_asym_id 
_pdbx_struct_special_symmetry.label_comp_id 
_pdbx_struct_special_symmetry.label_seq_id 
1 1 A SO4 1146 ? D SO4 . 
2 1 A SO4 1146 ? D SO4 . 
3 1 A HOH 2008 ? F HOH . 
4 1 A HOH 2041 ? F HOH . 
# 
loop_
_pdbx_audit_revision_history.ordinal 
_pdbx_audit_revision_history.data_content_type 
_pdbx_audit_revision_history.major_revision 
_pdbx_audit_revision_history.minor_revision 
_pdbx_audit_revision_history.revision_date 
1 'Structure model' 1 0 2011-08-17 
2 'Structure model' 1 1 2011-11-02 
3 'Structure model' 1 2 2018-02-07 
4 'Structure model' 1 3 2023-12-20 
# 
_pdbx_audit_revision_details.ordinal             1 
_pdbx_audit_revision_details.revision_ordinal    1 
_pdbx_audit_revision_details.data_content_type   'Structure model' 
_pdbx_audit_revision_details.provider            repository 
_pdbx_audit_revision_details.type                'Initial release' 
_pdbx_audit_revision_details.description         ? 
_pdbx_audit_revision_details.details             ? 
# 
loop_
_pdbx_audit_revision_group.ordinal 
_pdbx_audit_revision_group.revision_ordinal 
_pdbx_audit_revision_group.data_content_type 
_pdbx_audit_revision_group.group 
1 2 'Structure model' 'Database references'    
2 3 'Structure model' 'Database references'    
3 4 'Structure model' 'Data collection'        
4 4 'Structure model' 'Database references'    
5 4 'Structure model' 'Derived calculations'   
6 4 'Structure model' Other                    
7 4 'Structure model' 'Refinement description' 
# 
loop_
_pdbx_audit_revision_category.ordinal 
_pdbx_audit_revision_category.revision_ordinal 
_pdbx_audit_revision_category.data_content_type 
_pdbx_audit_revision_category.category 
1 3 'Structure model' citation                      
2 3 'Structure model' citation_author               
3 4 'Structure model' chem_comp_atom                
4 4 'Structure model' chem_comp_bond                
5 4 'Structure model' database_2                    
6 4 'Structure model' pdbx_database_status          
7 4 'Structure model' pdbx_initial_refinement_model 
8 4 'Structure model' pdbx_struct_special_symmetry  
9 4 'Structure model' struct_site                   
# 
loop_
_pdbx_audit_revision_item.ordinal 
_pdbx_audit_revision_item.revision_ordinal 
_pdbx_audit_revision_item.data_content_type 
_pdbx_audit_revision_item.item 
1  3 'Structure model' '_citation.journal_abbrev'             
2  3 'Structure model' '_citation.journal_id_ISSN'            
3  3 'Structure model' '_citation.page_last'                  
4  3 'Structure model' '_citation.pdbx_database_id_DOI'       
5  3 'Structure model' '_citation.title'                      
6  3 'Structure model' '_citation_author.name'                
7  4 'Structure model' '_database_2.pdbx_DOI'                 
8  4 'Structure model' '_database_2.pdbx_database_accession'  
9  4 'Structure model' '_pdbx_database_status.status_code_sf' 
10 4 'Structure model' '_struct_site.pdbx_auth_asym_id'       
11 4 'Structure model' '_struct_site.pdbx_auth_comp_id'       
12 4 'Structure model' '_struct_site.pdbx_auth_seq_id'        
# 
loop_
_software.name 
_software.classification 
_software.version 
_software.citation_id 
_software.pdbx_ordinal 
REFMAC refinement       5.5.0109 ? 1 
MOSFLM 'data reduction' .        ? 2 
SCALA  'data scaling'   .        ? 3 
MOLREP phasing          .        ? 4 
# 
_pdbx_entry_details.entry_id                 2Y76 
_pdbx_entry_details.compound_details         ? 
_pdbx_entry_details.source_details           ? 
_pdbx_entry_details.nonpolymer_details       ? 
_pdbx_entry_details.sequence_details         
;INITIATOR METHIONINE (RESIDUE 1 IN UNIPROT SEQUENCE) IS
REMOVED.
;
_pdbx_entry_details.has_ligand_of_interest   ? 
# 
loop_
_pdbx_validate_torsion.id 
_pdbx_validate_torsion.PDB_model_num 
_pdbx_validate_torsion.auth_comp_id 
_pdbx_validate_torsion.auth_asym_id 
_pdbx_validate_torsion.auth_seq_id 
_pdbx_validate_torsion.PDB_ins_code 
_pdbx_validate_torsion.label_alt_id 
_pdbx_validate_torsion.phi 
_pdbx_validate_torsion.psi 
1 1 ASN A 12  ? ? 75.52   -6.53   
2 1 ARG A 108 ? ? -116.98 -147.08 
# 
loop_
_pdbx_unobs_or_zero_occ_residues.id 
_pdbx_unobs_or_zero_occ_residues.PDB_model_num 
_pdbx_unobs_or_zero_occ_residues.polymer_flag 
_pdbx_unobs_or_zero_occ_residues.occupancy_flag 
_pdbx_unobs_or_zero_occ_residues.auth_asym_id 
_pdbx_unobs_or_zero_occ_residues.auth_comp_id 
_pdbx_unobs_or_zero_occ_residues.auth_seq_id 
_pdbx_unobs_or_zero_occ_residues.PDB_ins_code 
_pdbx_unobs_or_zero_occ_residues.label_asym_id 
_pdbx_unobs_or_zero_occ_residues.label_comp_id 
_pdbx_unobs_or_zero_occ_residues.label_seq_id 
1  1 Y 1 A SER 1   ? A SER 1   
2  1 Y 1 A ARG 19  ? A ARG 19  
3  1 Y 1 A GLU 20  ? A GLU 20  
4  1 Y 1 A PRO 21  ? A PRO 21  
5  1 Y 1 A ALA 22  ? A ALA 22  
6  1 Y 1 A VAL 23  ? A VAL 23  
7  1 Y 1 A TYR 24  ? A TYR 24  
8  1 Y 1 A VAL 144 ? A VAL 144 
9  1 Y 1 A GLY 145 ? A GLY 145 
10 1 Y 1 A THR 146 ? A THR 146 
# 
loop_
_chem_comp_atom.comp_id 
_chem_comp_atom.atom_id 
_chem_comp_atom.type_symbol 
_chem_comp_atom.pdbx_aromatic_flag 
_chem_comp_atom.pdbx_stereo_config 
_chem_comp_atom.pdbx_ordinal 
ALA N    N N N 1   
ALA CA   C N S 2   
ALA C    C N N 3   
ALA O    O N N 4   
ALA CB   C N N 5   
ALA OXT  O N N 6   
ALA H    H N N 7   
ALA H2   H N N 8   
ALA HA   H N N 9   
ALA HB1  H N N 10  
ALA HB2  H N N 11  
ALA HB3  H N N 12  
ALA HXT  H N N 13  
ARG N    N N N 14  
ARG CA   C N S 15  
ARG C    C N N 16  
ARG O    O N N 17  
ARG CB   C N N 18  
ARG CG   C N N 19  
ARG CD   C N N 20  
ARG NE   N N N 21  
ARG CZ   C N N 22  
ARG NH1  N N N 23  
ARG NH2  N N N 24  
ARG OXT  O N N 25  
ARG H    H N N 26  
ARG H2   H N N 27  
ARG HA   H N N 28  
ARG HB2  H N N 29  
ARG HB3  H N N 30  
ARG HG2  H N N 31  
ARG HG3  H N N 32  
ARG HD2  H N N 33  
ARG HD3  H N N 34  
ARG HE   H N N 35  
ARG HH11 H N N 36  
ARG HH12 H N N 37  
ARG HH21 H N N 38  
ARG HH22 H N N 39  
ARG HXT  H N N 40  
ASN N    N N N 41  
ASN CA   C N S 42  
ASN C    C N N 43  
ASN O    O N N 44  
ASN CB   C N N 45  
ASN CG   C N N 46  
ASN OD1  O N N 47  
ASN ND2  N N N 48  
ASN OXT  O N N 49  
ASN H    H N N 50  
ASN H2   H N N 51  
ASN HA   H N N 52  
ASN HB2  H N N 53  
ASN HB3  H N N 54  
ASN HD21 H N N 55  
ASN HD22 H N N 56  
ASN HXT  H N N 57  
ASP N    N N N 58  
ASP CA   C N S 59  
ASP C    C N N 60  
ASP O    O N N 61  
ASP CB   C N N 62  
ASP CG   C N N 63  
ASP OD1  O N N 64  
ASP OD2  O N N 65  
ASP OXT  O N N 66  
ASP H    H N N 67  
ASP H2   H N N 68  
ASP HA   H N N 69  
ASP HB2  H N N 70  
ASP HB3  H N N 71  
ASP HD2  H N N 72  
ASP HXT  H N N 73  
CB7 CAO  C Y N 74  
CB7 CBB  C Y N 75  
CB7 CAK  C Y N 76  
CB7 CAG  C Y N 77  
CB7 SAU  S Y N 78  
CB7 CBD  C Y N 79  
CB7 CAM  C Y N 80  
CB7 CAI  C Y N 81  
CB7 CAZ  C Y N 82  
CB7 CAQ  C N N 83  
CB7 CAW  C N N 84  
CB7 CBG  C N R 85  
CB7 CAV  C N N 86  
CB7 OAB  O N N 87  
CB7 OAA  O N N 88  
CB7 OAE  O N N 89  
CB7 CAR  C N N 90  
CB7 CBE  C N R 91  
CB7 OAC  O N N 92  
CB7 CBF  C N S 93  
CB7 OAD  O N N 94  
CB7 CAX  C N N 95  
CB7 OAS  O N N 96  
CB7 CAP  C N N 97  
CB7 CAY  C Y N 98  
CB7 CAN  C Y N 99  
CB7 CBA  C Y N 100 
CB7 CAJ  C Y N 101 
CB7 CAF  C Y N 102 
CB7 SAT  S Y N 103 
CB7 CBC  C Y N 104 
CB7 CAL  C Y N 105 
CB7 CAH  C Y N 106 
CB7 HAO  H N N 107 
CB7 HAK  H N N 108 
CB7 HAG  H N N 109 
CB7 HAM  H N N 110 
CB7 HAI  H N N 111 
CB7 HAQ1 H N N 112 
CB7 HAQ2 H N N 113 
CB7 HAE  H N N 114 
CB7 HAR1 H N N 115 
CB7 HAR2 H N N 116 
CB7 HAA  H N N 117 
CB7 HBE  H N N 118 
CB7 HAC  H N N 119 
CB7 HBF  H N N 120 
CB7 HAD  H N N 121 
CB7 HAP1 H N N 122 
CB7 HAP2 H N N 123 
CB7 HAN  H N N 124 
CB7 HAH  H N N 125 
CB7 HAJ  H N N 126 
CB7 HAF  H N N 127 
CB7 HAL  H N N 128 
CYS N    N N N 129 
CYS CA   C N R 130 
CYS C    C N N 131 
CYS O    O N N 132 
CYS CB   C N N 133 
CYS SG   S N N 134 
CYS OXT  O N N 135 
CYS H    H N N 136 
CYS H2   H N N 137 
CYS HA   H N N 138 
CYS HB2  H N N 139 
CYS HB3  H N N 140 
CYS HG   H N N 141 
CYS HXT  H N N 142 
GLN N    N N N 143 
GLN CA   C N S 144 
GLN C    C N N 145 
GLN O    O N N 146 
GLN CB   C N N 147 
GLN CG   C N N 148 
GLN CD   C N N 149 
GLN OE1  O N N 150 
GLN NE2  N N N 151 
GLN OXT  O N N 152 
GLN H    H N N 153 
GLN H2   H N N 154 
GLN HA   H N N 155 
GLN HB2  H N N 156 
GLN HB3  H N N 157 
GLN HG2  H N N 158 
GLN HG3  H N N 159 
GLN HE21 H N N 160 
GLN HE22 H N N 161 
GLN HXT  H N N 162 
GLU N    N N N 163 
GLU CA   C N S 164 
GLU C    C N N 165 
GLU O    O N N 166 
GLU CB   C N N 167 
GLU CG   C N N 168 
GLU CD   C N N 169 
GLU OE1  O N N 170 
GLU OE2  O N N 171 
GLU OXT  O N N 172 
GLU H    H N N 173 
GLU H2   H N N 174 
GLU HA   H N N 175 
GLU HB2  H N N 176 
GLU HB3  H N N 177 
GLU HG2  H N N 178 
GLU HG3  H N N 179 
GLU HE2  H N N 180 
GLU HXT  H N N 181 
GLY N    N N N 182 
GLY CA   C N N 183 
GLY C    C N N 184 
GLY O    O N N 185 
GLY OXT  O N N 186 
GLY H    H N N 187 
GLY H2   H N N 188 
GLY HA2  H N N 189 
GLY HA3  H N N 190 
GLY HXT  H N N 191 
HIS N    N N N 192 
HIS CA   C N S 193 
HIS C    C N N 194 
HIS O    O N N 195 
HIS CB   C N N 196 
HIS CG   C Y N 197 
HIS ND1  N Y N 198 
HIS CD2  C Y N 199 
HIS CE1  C Y N 200 
HIS NE2  N Y N 201 
HIS OXT  O N N 202 
HIS H    H N N 203 
HIS H2   H N N 204 
HIS HA   H N N 205 
HIS HB2  H N N 206 
HIS HB3  H N N 207 
HIS HD1  H N N 208 
HIS HD2  H N N 209 
HIS HE1  H N N 210 
HIS HE2  H N N 211 
HIS HXT  H N N 212 
HOH O    O N N 213 
HOH H1   H N N 214 
HOH H2   H N N 215 
ILE N    N N N 216 
ILE CA   C N S 217 
ILE C    C N N 218 
ILE O    O N N 219 
ILE CB   C N S 220 
ILE CG1  C N N 221 
ILE CG2  C N N 222 
ILE CD1  C N N 223 
ILE OXT  O N N 224 
ILE H    H N N 225 
ILE H2   H N N 226 
ILE HA   H N N 227 
ILE HB   H N N 228 
ILE HG12 H N N 229 
ILE HG13 H N N 230 
ILE HG21 H N N 231 
ILE HG22 H N N 232 
ILE HG23 H N N 233 
ILE HD11 H N N 234 
ILE HD12 H N N 235 
ILE HD13 H N N 236 
ILE HXT  H N N 237 
LEU N    N N N 238 
LEU CA   C N S 239 
LEU C    C N N 240 
LEU O    O N N 241 
LEU CB   C N N 242 
LEU CG   C N N 243 
LEU CD1  C N N 244 
LEU CD2  C N N 245 
LEU OXT  O N N 246 
LEU H    H N N 247 
LEU H2   H N N 248 
LEU HA   H N N 249 
LEU HB2  H N N 250 
LEU HB3  H N N 251 
LEU HG   H N N 252 
LEU HD11 H N N 253 
LEU HD12 H N N 254 
LEU HD13 H N N 255 
LEU HD21 H N N 256 
LEU HD22 H N N 257 
LEU HD23 H N N 258 
LEU HXT  H N N 259 
LYS N    N N N 260 
LYS CA   C N S 261 
LYS C    C N N 262 
LYS O    O N N 263 
LYS CB   C N N 264 
LYS CG   C N N 265 
LYS CD   C N N 266 
LYS CE   C N N 267 
LYS NZ   N N N 268 
LYS OXT  O N N 269 
LYS H    H N N 270 
LYS H2   H N N 271 
LYS HA   H N N 272 
LYS HB2  H N N 273 
LYS HB3  H N N 274 
LYS HG2  H N N 275 
LYS HG3  H N N 276 
LYS HD2  H N N 277 
LYS HD3  H N N 278 
LYS HE2  H N N 279 
LYS HE3  H N N 280 
LYS HZ1  H N N 281 
LYS HZ2  H N N 282 
LYS HZ3  H N N 283 
LYS HXT  H N N 284 
PHE N    N N N 285 
PHE CA   C N S 286 
PHE C    C N N 287 
PHE O    O N N 288 
PHE CB   C N N 289 
PHE CG   C Y N 290 
PHE CD1  C Y N 291 
PHE CD2  C Y N 292 
PHE CE1  C Y N 293 
PHE CE2  C Y N 294 
PHE CZ   C Y N 295 
PHE OXT  O N N 296 
PHE H    H N N 297 
PHE H2   H N N 298 
PHE HA   H N N 299 
PHE HB2  H N N 300 
PHE HB3  H N N 301 
PHE HD1  H N N 302 
PHE HD2  H N N 303 
PHE HE1  H N N 304 
PHE HE2  H N N 305 
PHE HZ   H N N 306 
PHE HXT  H N N 307 
PRO N    N N N 308 
PRO CA   C N S 309 
PRO C    C N N 310 
PRO O    O N N 311 
PRO CB   C N N 312 
PRO CG   C N N 313 
PRO CD   C N N 314 
PRO OXT  O N N 315 
PRO H    H N N 316 
PRO HA   H N N 317 
PRO HB2  H N N 318 
PRO HB3  H N N 319 
PRO HG2  H N N 320 
PRO HG3  H N N 321 
PRO HD2  H N N 322 
PRO HD3  H N N 323 
PRO HXT  H N N 324 
SER N    N N N 325 
SER CA   C N S 326 
SER C    C N N 327 
SER O    O N N 328 
SER CB   C N N 329 
SER OG   O N N 330 
SER OXT  O N N 331 
SER H    H N N 332 
SER H2   H N N 333 
SER HA   H N N 334 
SER HB2  H N N 335 
SER HB3  H N N 336 
SER HG   H N N 337 
SER HXT  H N N 338 
SO4 S    S N N 339 
SO4 O1   O N N 340 
SO4 O2   O N N 341 
SO4 O3   O N N 342 
SO4 O4   O N N 343 
THR N    N N N 344 
THR CA   C N S 345 
THR C    C N N 346 
THR O    O N N 347 
THR CB   C N R 348 
THR OG1  O N N 349 
THR CG2  C N N 350 
THR OXT  O N N 351 
THR H    H N N 352 
THR H2   H N N 353 
THR HA   H N N 354 
THR HB   H N N 355 
THR HG1  H N N 356 
THR HG21 H N N 357 
THR HG22 H N N 358 
THR HG23 H N N 359 
THR HXT  H N N 360 
TRP N    N N N 361 
TRP CA   C N S 362 
TRP C    C N N 363 
TRP O    O N N 364 
TRP CB   C N N 365 
TRP CG   C Y N 366 
TRP CD1  C Y N 367 
TRP CD2  C Y N 368 
TRP NE1  N Y N 369 
TRP CE2  C Y N 370 
TRP CE3  C Y N 371 
TRP CZ2  C Y N 372 
TRP CZ3  C Y N 373 
TRP CH2  C Y N 374 
TRP OXT  O N N 375 
TRP H    H N N 376 
TRP H2   H N N 377 
TRP HA   H N N 378 
TRP HB2  H N N 379 
TRP HB3  H N N 380 
TRP HD1  H N N 381 
TRP HE1  H N N 382 
TRP HE3  H N N 383 
TRP HZ2  H N N 384 
TRP HZ3  H N N 385 
TRP HH2  H N N 386 
TRP HXT  H N N 387 
TYR N    N N N 388 
TYR CA   C N S 389 
TYR C    C N N 390 
TYR O    O N N 391 
TYR CB   C N N 392 
TYR CG   C Y N 393 
TYR CD1  C Y N 394 
TYR CD2  C Y N 395 
TYR CE1  C Y N 396 
TYR CE2  C Y N 397 
TYR CZ   C Y N 398 
TYR OH   O N N 399 
TYR OXT  O N N 400 
TYR H    H N N 401 
TYR H2   H N N 402 
TYR HA   H N N 403 
TYR HB2  H N N 404 
TYR HB3  H N N 405 
TYR HD1  H N N 406 
TYR HD2  H N N 407 
TYR HE1  H N N 408 
TYR HE2  H N N 409 
TYR HH   H N N 410 
TYR HXT  H N N 411 
VAL N    N N N 412 
VAL CA   C N S 413 
VAL C    C N N 414 
VAL O    O N N 415 
VAL CB   C N N 416 
VAL CG1  C N N 417 
VAL CG2  C N N 418 
VAL OXT  O N N 419 
VAL H    H N N 420 
VAL H2   H N N 421 
VAL HA   H N N 422 
VAL HB   H N N 423 
VAL HG11 H N N 424 
VAL HG12 H N N 425 
VAL HG13 H N N 426 
VAL HG21 H N N 427 
VAL HG22 H N N 428 
VAL HG23 H N N 429 
VAL HXT  H N N 430 
# 
loop_
_chem_comp_bond.comp_id 
_chem_comp_bond.atom_id_1 
_chem_comp_bond.atom_id_2 
_chem_comp_bond.value_order 
_chem_comp_bond.pdbx_aromatic_flag 
_chem_comp_bond.pdbx_stereo_config 
_chem_comp_bond.pdbx_ordinal 
ALA N   CA   sing N N 1   
ALA N   H    sing N N 2   
ALA N   H2   sing N N 3   
ALA CA  C    sing N N 4   
ALA CA  CB   sing N N 5   
ALA CA  HA   sing N N 6   
ALA C   O    doub N N 7   
ALA C   OXT  sing N N 8   
ALA CB  HB1  sing N N 9   
ALA CB  HB2  sing N N 10  
ALA CB  HB3  sing N N 11  
ALA OXT HXT  sing N N 12  
ARG N   CA   sing N N 13  
ARG N   H    sing N N 14  
ARG N   H2   sing N N 15  
ARG CA  C    sing N N 16  
ARG CA  CB   sing N N 17  
ARG CA  HA   sing N N 18  
ARG C   O    doub N N 19  
ARG C   OXT  sing N N 20  
ARG CB  CG   sing N N 21  
ARG CB  HB2  sing N N 22  
ARG CB  HB3  sing N N 23  
ARG CG  CD   sing N N 24  
ARG CG  HG2  sing N N 25  
ARG CG  HG3  sing N N 26  
ARG CD  NE   sing N N 27  
ARG CD  HD2  sing N N 28  
ARG CD  HD3  sing N N 29  
ARG NE  CZ   sing N N 30  
ARG NE  HE   sing N N 31  
ARG CZ  NH1  sing N N 32  
ARG CZ  NH2  doub N N 33  
ARG NH1 HH11 sing N N 34  
ARG NH1 HH12 sing N N 35  
ARG NH2 HH21 sing N N 36  
ARG NH2 HH22 sing N N 37  
ARG OXT HXT  sing N N 38  
ASN N   CA   sing N N 39  
ASN N   H    sing N N 40  
ASN N   H2   sing N N 41  
ASN CA  C    sing N N 42  
ASN CA  CB   sing N N 43  
ASN CA  HA   sing N N 44  
ASN C   O    doub N N 45  
ASN C   OXT  sing N N 46  
ASN CB  CG   sing N N 47  
ASN CB  HB2  sing N N 48  
ASN CB  HB3  sing N N 49  
ASN CG  OD1  doub N N 50  
ASN CG  ND2  sing N N 51  
ASN ND2 HD21 sing N N 52  
ASN ND2 HD22 sing N N 53  
ASN OXT HXT  sing N N 54  
ASP N   CA   sing N N 55  
ASP N   H    sing N N 56  
ASP N   H2   sing N N 57  
ASP CA  C    sing N N 58  
ASP CA  CB   sing N N 59  
ASP CA  HA   sing N N 60  
ASP C   O    doub N N 61  
ASP C   OXT  sing N N 62  
ASP CB  CG   sing N N 63  
ASP CB  HB2  sing N N 64  
ASP CB  HB3  sing N N 65  
ASP CG  OD1  doub N N 66  
ASP CG  OD2  sing N N 67  
ASP OD2 HD2  sing N N 68  
ASP OXT HXT  sing N N 69  
CB7 CAO CBB  sing Y N 70  
CB7 CAO CAZ  doub Y N 71  
CB7 CBB CAK  sing Y N 72  
CB7 CBB CBD  doub Y N 73  
CB7 CAK CAG  doub Y N 74  
CB7 CAG SAU  sing Y N 75  
CB7 SAU CBD  sing Y N 76  
CB7 CBD CAM  sing Y N 77  
CB7 CAM CAI  doub Y N 78  
CB7 CAI CAZ  sing Y N 79  
CB7 CAZ CAQ  sing N N 80  
CB7 CAQ CAW  sing N N 81  
CB7 CAW CBG  sing N N 82  
CB7 CAW CAX  doub N N 83  
CB7 CBG CAV  sing N N 84  
CB7 CBG OAE  sing N N 85  
CB7 CBG CAR  sing N N 86  
CB7 CAV OAB  doub N N 87  
CB7 CAV OAA  sing N N 88  
CB7 CAR CBE  sing N N 89  
CB7 CBE OAC  sing N N 90  
CB7 CBE CBF  sing N N 91  
CB7 CBF OAD  sing N N 92  
CB7 CBF CAX  sing N N 93  
CB7 CAX OAS  sing N N 94  
CB7 OAS CAP  sing N N 95  
CB7 CAP CAY  sing N N 96  
CB7 CAY CAN  sing Y N 97  
CB7 CAY CAH  doub Y N 98  
CB7 CAN CBA  doub Y N 99  
CB7 CBA CAJ  sing Y N 100 
CB7 CBA CBC  sing Y N 101 
CB7 CAJ CAF  doub Y N 102 
CB7 CAF SAT  sing Y N 103 
CB7 SAT CBC  sing Y N 104 
CB7 CBC CAL  doub Y N 105 
CB7 CAL CAH  sing Y N 106 
CB7 CAO HAO  sing N N 107 
CB7 CAK HAK  sing N N 108 
CB7 CAG HAG  sing N N 109 
CB7 CAM HAM  sing N N 110 
CB7 CAI HAI  sing N N 111 
CB7 CAQ HAQ1 sing N N 112 
CB7 CAQ HAQ2 sing N N 113 
CB7 OAE HAE  sing N N 114 
CB7 CAR HAR1 sing N N 115 
CB7 CAR HAR2 sing N N 116 
CB7 OAA HAA  sing N N 117 
CB7 CBE HBE  sing N N 118 
CB7 OAC HAC  sing N N 119 
CB7 CBF HBF  sing N N 120 
CB7 OAD HAD  sing N N 121 
CB7 CAP HAP1 sing N N 122 
CB7 CAP HAP2 sing N N 123 
CB7 CAN HAN  sing N N 124 
CB7 CAH HAH  sing N N 125 
CB7 CAJ HAJ  sing N N 126 
CB7 CAF HAF  sing N N 127 
CB7 CAL HAL  sing N N 128 
CYS N   CA   sing N N 129 
CYS N   H    sing N N 130 
CYS N   H2   sing N N 131 
CYS CA  C    sing N N 132 
CYS CA  CB   sing N N 133 
CYS CA  HA   sing N N 134 
CYS C   O    doub N N 135 
CYS C   OXT  sing N N 136 
CYS CB  SG   sing N N 137 
CYS CB  HB2  sing N N 138 
CYS CB  HB3  sing N N 139 
CYS SG  HG   sing N N 140 
CYS OXT HXT  sing N N 141 
GLN N   CA   sing N N 142 
GLN N   H    sing N N 143 
GLN N   H2   sing N N 144 
GLN CA  C    sing N N 145 
GLN CA  CB   sing N N 146 
GLN CA  HA   sing N N 147 
GLN C   O    doub N N 148 
GLN C   OXT  sing N N 149 
GLN CB  CG   sing N N 150 
GLN CB  HB2  sing N N 151 
GLN CB  HB3  sing N N 152 
GLN CG  CD   sing N N 153 
GLN CG  HG2  sing N N 154 
GLN CG  HG3  sing N N 155 
GLN CD  OE1  doub N N 156 
GLN CD  NE2  sing N N 157 
GLN NE2 HE21 sing N N 158 
GLN NE2 HE22 sing N N 159 
GLN OXT HXT  sing N N 160 
GLU N   CA   sing N N 161 
GLU N   H    sing N N 162 
GLU N   H2   sing N N 163 
GLU CA  C    sing N N 164 
GLU CA  CB   sing N N 165 
GLU CA  HA   sing N N 166 
GLU C   O    doub N N 167 
GLU C   OXT  sing N N 168 
GLU CB  CG   sing N N 169 
GLU CB  HB2  sing N N 170 
GLU CB  HB3  sing N N 171 
GLU CG  CD   sing N N 172 
GLU CG  HG2  sing N N 173 
GLU CG  HG3  sing N N 174 
GLU CD  OE1  doub N N 175 
GLU CD  OE2  sing N N 176 
GLU OE2 HE2  sing N N 177 
GLU OXT HXT  sing N N 178 
GLY N   CA   sing N N 179 
GLY N   H    sing N N 180 
GLY N   H2   sing N N 181 
GLY CA  C    sing N N 182 
GLY CA  HA2  sing N N 183 
GLY CA  HA3  sing N N 184 
GLY C   O    doub N N 185 
GLY C   OXT  sing N N 186 
GLY OXT HXT  sing N N 187 
HIS N   CA   sing N N 188 
HIS N   H    sing N N 189 
HIS N   H2   sing N N 190 
HIS CA  C    sing N N 191 
HIS CA  CB   sing N N 192 
HIS CA  HA   sing N N 193 
HIS C   O    doub N N 194 
HIS C   OXT  sing N N 195 
HIS CB  CG   sing N N 196 
HIS CB  HB2  sing N N 197 
HIS CB  HB3  sing N N 198 
HIS CG  ND1  sing Y N 199 
HIS CG  CD2  doub Y N 200 
HIS ND1 CE1  doub Y N 201 
HIS ND1 HD1  sing N N 202 
HIS CD2 NE2  sing Y N 203 
HIS CD2 HD2  sing N N 204 
HIS CE1 NE2  sing Y N 205 
HIS CE1 HE1  sing N N 206 
HIS NE2 HE2  sing N N 207 
HIS OXT HXT  sing N N 208 
HOH O   H1   sing N N 209 
HOH O   H2   sing N N 210 
ILE N   CA   sing N N 211 
ILE N   H    sing N N 212 
ILE N   H2   sing N N 213 
ILE CA  C    sing N N 214 
ILE CA  CB   sing N N 215 
ILE CA  HA   sing N N 216 
ILE C   O    doub N N 217 
ILE C   OXT  sing N N 218 
ILE CB  CG1  sing N N 219 
ILE CB  CG2  sing N N 220 
ILE CB  HB   sing N N 221 
ILE CG1 CD1  sing N N 222 
ILE CG1 HG12 sing N N 223 
ILE CG1 HG13 sing N N 224 
ILE CG2 HG21 sing N N 225 
ILE CG2 HG22 sing N N 226 
ILE CG2 HG23 sing N N 227 
ILE CD1 HD11 sing N N 228 
ILE CD1 HD12 sing N N 229 
ILE CD1 HD13 sing N N 230 
ILE OXT HXT  sing N N 231 
LEU N   CA   sing N N 232 
LEU N   H    sing N N 233 
LEU N   H2   sing N N 234 
LEU CA  C    sing N N 235 
LEU CA  CB   sing N N 236 
LEU CA  HA   sing N N 237 
LEU C   O    doub N N 238 
LEU C   OXT  sing N N 239 
LEU CB  CG   sing N N 240 
LEU CB  HB2  sing N N 241 
LEU CB  HB3  sing N N 242 
LEU CG  CD1  sing N N 243 
LEU CG  CD2  sing N N 244 
LEU CG  HG   sing N N 245 
LEU CD1 HD11 sing N N 246 
LEU CD1 HD12 sing N N 247 
LEU CD1 HD13 sing N N 248 
LEU CD2 HD21 sing N N 249 
LEU CD2 HD22 sing N N 250 
LEU CD2 HD23 sing N N 251 
LEU OXT HXT  sing N N 252 
LYS N   CA   sing N N 253 
LYS N   H    sing N N 254 
LYS N   H2   sing N N 255 
LYS CA  C    sing N N 256 
LYS CA  CB   sing N N 257 
LYS CA  HA   sing N N 258 
LYS C   O    doub N N 259 
LYS C   OXT  sing N N 260 
LYS CB  CG   sing N N 261 
LYS CB  HB2  sing N N 262 
LYS CB  HB3  sing N N 263 
LYS CG  CD   sing N N 264 
LYS CG  HG2  sing N N 265 
LYS CG  HG3  sing N N 266 
LYS CD  CE   sing N N 267 
LYS CD  HD2  sing N N 268 
LYS CD  HD3  sing N N 269 
LYS CE  NZ   sing N N 270 
LYS CE  HE2  sing N N 271 
LYS CE  HE3  sing N N 272 
LYS NZ  HZ1  sing N N 273 
LYS NZ  HZ2  sing N N 274 
LYS NZ  HZ3  sing N N 275 
LYS OXT HXT  sing N N 276 
PHE N   CA   sing N N 277 
PHE N   H    sing N N 278 
PHE N   H2   sing N N 279 
PHE CA  C    sing N N 280 
PHE CA  CB   sing N N 281 
PHE CA  HA   sing N N 282 
PHE C   O    doub N N 283 
PHE C   OXT  sing N N 284 
PHE CB  CG   sing N N 285 
PHE CB  HB2  sing N N 286 
PHE CB  HB3  sing N N 287 
PHE CG  CD1  doub Y N 288 
PHE CG  CD2  sing Y N 289 
PHE CD1 CE1  sing Y N 290 
PHE CD1 HD1  sing N N 291 
PHE CD2 CE2  doub Y N 292 
PHE CD2 HD2  sing N N 293 
PHE CE1 CZ   doub Y N 294 
PHE CE1 HE1  sing N N 295 
PHE CE2 CZ   sing Y N 296 
PHE CE2 HE2  sing N N 297 
PHE CZ  HZ   sing N N 298 
PHE OXT HXT  sing N N 299 
PRO N   CA   sing N N 300 
PRO N   CD   sing N N 301 
PRO N   H    sing N N 302 
PRO CA  C    sing N N 303 
PRO CA  CB   sing N N 304 
PRO CA  HA   sing N N 305 
PRO C   O    doub N N 306 
PRO C   OXT  sing N N 307 
PRO CB  CG   sing N N 308 
PRO CB  HB2  sing N N 309 
PRO CB  HB3  sing N N 310 
PRO CG  CD   sing N N 311 
PRO CG  HG2  sing N N 312 
PRO CG  HG3  sing N N 313 
PRO CD  HD2  sing N N 314 
PRO CD  HD3  sing N N 315 
PRO OXT HXT  sing N N 316 
SER N   CA   sing N N 317 
SER N   H    sing N N 318 
SER N   H2   sing N N 319 
SER CA  C    sing N N 320 
SER CA  CB   sing N N 321 
SER CA  HA   sing N N 322 
SER C   O    doub N N 323 
SER C   OXT  sing N N 324 
SER CB  OG   sing N N 325 
SER CB  HB2  sing N N 326 
SER CB  HB3  sing N N 327 
SER OG  HG   sing N N 328 
SER OXT HXT  sing N N 329 
SO4 S   O1   doub N N 330 
SO4 S   O2   doub N N 331 
SO4 S   O3   sing N N 332 
SO4 S   O4   sing N N 333 
THR N   CA   sing N N 334 
THR N   H    sing N N 335 
THR N   H2   sing N N 336 
THR CA  C    sing N N 337 
THR CA  CB   sing N N 338 
THR CA  HA   sing N N 339 
THR C   O    doub N N 340 
THR C   OXT  sing N N 341 
THR CB  OG1  sing N N 342 
THR CB  CG2  sing N N 343 
THR CB  HB   sing N N 344 
THR OG1 HG1  sing N N 345 
THR CG2 HG21 sing N N 346 
THR CG2 HG22 sing N N 347 
THR CG2 HG23 sing N N 348 
THR OXT HXT  sing N N 349 
TRP N   CA   sing N N 350 
TRP N   H    sing N N 351 
TRP N   H2   sing N N 352 
TRP CA  C    sing N N 353 
TRP CA  CB   sing N N 354 
TRP CA  HA   sing N N 355 
TRP C   O    doub N N 356 
TRP C   OXT  sing N N 357 
TRP CB  CG   sing N N 358 
TRP CB  HB2  sing N N 359 
TRP CB  HB3  sing N N 360 
TRP CG  CD1  doub Y N 361 
TRP CG  CD2  sing Y N 362 
TRP CD1 NE1  sing Y N 363 
TRP CD1 HD1  sing N N 364 
TRP CD2 CE2  doub Y N 365 
TRP CD2 CE3  sing Y N 366 
TRP NE1 CE2  sing Y N 367 
TRP NE1 HE1  sing N N 368 
TRP CE2 CZ2  sing Y N 369 
TRP CE3 CZ3  doub Y N 370 
TRP CE3 HE3  sing N N 371 
TRP CZ2 CH2  doub Y N 372 
TRP CZ2 HZ2  sing N N 373 
TRP CZ3 CH2  sing Y N 374 
TRP CZ3 HZ3  sing N N 375 
TRP CH2 HH2  sing N N 376 
TRP OXT HXT  sing N N 377 
TYR N   CA   sing N N 378 
TYR N   H    sing N N 379 
TYR N   H2   sing N N 380 
TYR CA  C    sing N N 381 
TYR CA  CB   sing N N 382 
TYR CA  HA   sing N N 383 
TYR C   O    doub N N 384 
TYR C   OXT  sing N N 385 
TYR CB  CG   sing N N 386 
TYR CB  HB2  sing N N 387 
TYR CB  HB3  sing N N 388 
TYR CG  CD1  doub Y N 389 
TYR CG  CD2  sing Y N 390 
TYR CD1 CE1  sing Y N 391 
TYR CD1 HD1  sing N N 392 
TYR CD2 CE2  doub Y N 393 
TYR CD2 HD2  sing N N 394 
TYR CE1 CZ   doub Y N 395 
TYR CE1 HE1  sing N N 396 
TYR CE2 CZ   sing Y N 397 
TYR CE2 HE2  sing N N 398 
TYR CZ  OH   sing N N 399 
TYR OH  HH   sing N N 400 
TYR OXT HXT  sing N N 401 
VAL N   CA   sing N N 402 
VAL N   H    sing N N 403 
VAL N   H2   sing N N 404 
VAL CA  C    sing N N 405 
VAL CA  CB   sing N N 406 
VAL CA  HA   sing N N 407 
VAL C   O    doub N N 408 
VAL C   OXT  sing N N 409 
VAL CB  CG1  sing N N 410 
VAL CB  CG2  sing N N 411 
VAL CB  HB   sing N N 412 
VAL CG1 HG11 sing N N 413 
VAL CG1 HG12 sing N N 414 
VAL CG1 HG13 sing N N 415 
VAL CG2 HG21 sing N N 416 
VAL CG2 HG22 sing N N 417 
VAL CG2 HG23 sing N N 418 
VAL OXT HXT  sing N N 419 
# 
loop_
_pdbx_entity_nonpoly.entity_id 
_pdbx_entity_nonpoly.name 
_pdbx_entity_nonpoly.comp_id 
2 '(1R,4S,5R)-3-(BENZO[b]THIOPHEN-5-YL)METHOXY-2-(BENZO[b]THIOPHEN-5-YL)METHYL-1,4,5-TRIHYDROXYCYCLOHEX-2-ENE-1-CARBOXYLATE' CB7 
3 'SULFATE ION'                                                                                                              SO4 
4 water                                                                                                                      HOH 
# 
_pdbx_initial_refinement_model.id               1 
_pdbx_initial_refinement_model.entity_id_list   ? 
_pdbx_initial_refinement_model.type             'experimental model' 
_pdbx_initial_refinement_model.source_name      PDB 
_pdbx_initial_refinement_model.accession_code   1H0S 
_pdbx_initial_refinement_model.details          'PDB ENTRY 1H0S' 
# 
